data_2BOW
# 
_entry.id   2BOW 
# 
_audit_conform.dict_name       mmcif_pdbx.dic 
_audit_conform.dict_version    5.392 
_audit_conform.dict_location   http://mmcif.pdb.org/dictionaries/ascii/mmcif_pdbx.dic 
# 
loop_
_database_2.database_id 
_database_2.database_code 
_database_2.pdbx_database_accession 
_database_2.pdbx_DOI 
PDB   2BOW         pdb_00002bow 10.2210/pdb2bow/pdb 
WWPDB D_1000177846 ?            ?                   
# 
loop_
_pdbx_audit_revision_history.ordinal 
_pdbx_audit_revision_history.data_content_type 
_pdbx_audit_revision_history.major_revision 
_pdbx_audit_revision_history.minor_revision 
_pdbx_audit_revision_history.revision_date 
1 'Structure model' 1 0 1999-08-06 
2 'Structure model' 1 1 2008-03-24 
3 'Structure model' 1 2 2011-07-13 
4 'Structure model' 1 3 2023-08-09 
5 'Structure model' 1 4 2024-05-22 
# 
_pdbx_audit_revision_details.ordinal             1 
_pdbx_audit_revision_details.revision_ordinal    1 
_pdbx_audit_revision_details.data_content_type   'Structure model' 
_pdbx_audit_revision_details.provider            repository 
_pdbx_audit_revision_details.type                'Initial release' 
_pdbx_audit_revision_details.description         ? 
_pdbx_audit_revision_details.details             ? 
# 
loop_
_pdbx_audit_revision_group.ordinal 
_pdbx_audit_revision_group.revision_ordinal 
_pdbx_audit_revision_group.data_content_type 
_pdbx_audit_revision_group.group 
1 2 'Structure model' 'Version format compliance' 
2 3 'Structure model' 'Derived calculations'      
3 3 'Structure model' 'Version format compliance' 
4 4 'Structure model' 'Database references'       
5 4 'Structure model' 'Derived calculations'      
6 4 'Structure model' 'Refinement description'    
7 5 'Structure model' 'Data collection'           
# 
loop_
_pdbx_audit_revision_category.ordinal 
_pdbx_audit_revision_category.revision_ordinal 
_pdbx_audit_revision_category.data_content_type 
_pdbx_audit_revision_category.category 
1  4 'Structure model' database_2                    
2  4 'Structure model' pdbx_initial_refinement_model 
3  4 'Structure model' pdbx_struct_conn_angle        
4  4 'Structure model' pdbx_struct_special_symmetry  
5  4 'Structure model' software                      
6  4 'Structure model' struct_conn                   
7  4 'Structure model' struct_ref_seq_dif            
8  4 'Structure model' struct_site                   
9  5 'Structure model' chem_comp_atom                
10 5 'Structure model' chem_comp_bond                
# 
loop_
_pdbx_audit_revision_item.ordinal 
_pdbx_audit_revision_item.revision_ordinal 
_pdbx_audit_revision_item.data_content_type 
_pdbx_audit_revision_item.item 
1  4 'Structure model' '_database_2.pdbx_DOI'                        
2  4 'Structure model' '_database_2.pdbx_database_accession'         
3  4 'Structure model' '_pdbx_struct_conn_angle.ptnr1_auth_comp_id'  
4  4 'Structure model' '_pdbx_struct_conn_angle.ptnr1_auth_seq_id'   
5  4 'Structure model' '_pdbx_struct_conn_angle.ptnr1_label_atom_id' 
6  4 'Structure model' '_pdbx_struct_conn_angle.ptnr1_label_comp_id' 
7  4 'Structure model' '_pdbx_struct_conn_angle.ptnr1_label_seq_id'  
8  4 'Structure model' '_pdbx_struct_conn_angle.ptnr1_symmetry'      
9  4 'Structure model' '_pdbx_struct_conn_angle.ptnr3_auth_comp_id'  
10 4 'Structure model' '_pdbx_struct_conn_angle.ptnr3_auth_seq_id'   
11 4 'Structure model' '_pdbx_struct_conn_angle.ptnr3_label_atom_id' 
12 4 'Structure model' '_pdbx_struct_conn_angle.ptnr3_label_comp_id' 
13 4 'Structure model' '_pdbx_struct_conn_angle.ptnr3_label_seq_id'  
14 4 'Structure model' '_pdbx_struct_conn_angle.ptnr3_symmetry'      
15 4 'Structure model' '_pdbx_struct_conn_angle.value'               
16 4 'Structure model' '_software.name'                              
17 4 'Structure model' '_struct_conn.pdbx_dist_value'                
18 4 'Structure model' '_struct_conn.ptnr1_auth_comp_id'             
19 4 'Structure model' '_struct_conn.ptnr1_auth_seq_id'              
20 4 'Structure model' '_struct_conn.ptnr1_label_asym_id'            
21 4 'Structure model' '_struct_conn.ptnr1_label_atom_id'            
22 4 'Structure model' '_struct_conn.ptnr1_label_comp_id'            
23 4 'Structure model' '_struct_conn.ptnr1_label_seq_id'             
24 4 'Structure model' '_struct_conn.ptnr1_symmetry'                 
25 4 'Structure model' '_struct_conn.ptnr2_auth_comp_id'             
26 4 'Structure model' '_struct_conn.ptnr2_auth_seq_id'              
27 4 'Structure model' '_struct_conn.ptnr2_label_asym_id'            
28 4 'Structure model' '_struct_conn.ptnr2_label_atom_id'            
29 4 'Structure model' '_struct_conn.ptnr2_label_comp_id'            
30 4 'Structure model' '_struct_conn.ptnr2_label_seq_id'             
31 4 'Structure model' '_struct_conn.ptnr2_symmetry'                 
32 4 'Structure model' '_struct_ref_seq_dif.details'                 
33 4 'Structure model' '_struct_site.pdbx_auth_asym_id'              
34 4 'Structure model' '_struct_site.pdbx_auth_comp_id'              
35 4 'Structure model' '_struct_site.pdbx_auth_seq_id'               
# 
_pdbx_database_status.status_code                     REL 
_pdbx_database_status.entry_id                        2BOW 
_pdbx_database_status.recvd_initial_deposition_date   1998-08-06 
_pdbx_database_status.deposit_site                    ? 
_pdbx_database_status.process_site                    BNL 
_pdbx_database_status.SG_entry                        . 
_pdbx_database_status.pdb_format_compatible           Y 
_pdbx_database_status.status_code_mr                  ? 
_pdbx_database_status.status_code_sf                  ? 
_pdbx_database_status.status_code_cs                  ? 
_pdbx_database_status.status_code_nmr_data            ? 
_pdbx_database_status.methods_development_category    ? 
# 
loop_
_audit_author.name 
_audit_author.pdbx_ordinal 
'Zheleznova, E.E.' 1 
'Markham, P.N.'    2 
'Neyfakh, A.A.'    3 
'Brennan, R.G.'    4 
# 
_citation.id                        primary 
_citation.title                     
'Structural basis of multidrug recognition by BmrR, a transcription activator of a multidrug transporter.' 
_citation.journal_abbrev            'Cell(Cambridge,Mass.)' 
_citation.journal_volume            96 
_citation.page_first                353 
_citation.page_last                 362 
_citation.year                      1999 
_citation.journal_id_ASTM           CELLB5 
_citation.country                   US 
_citation.journal_id_ISSN           0092-8674 
_citation.journal_id_CSD            0998 
_citation.book_publisher            ? 
_citation.pdbx_database_id_PubMed   10025401 
_citation.pdbx_database_id_DOI      '10.1016/S0092-8674(00)80548-6' 
# 
loop_
_citation_author.citation_id 
_citation_author.name 
_citation_author.ordinal 
_citation_author.identifier_ORCID 
primary 'Zheleznova, E.E.' 1 ? 
primary 'Markham, P.N.'    2 ? 
primary 'Neyfakh, A.A.'    3 ? 
primary 'Brennan, R.G.'    4 ? 
# 
loop_
_entity.id 
_entity.type 
_entity.src_method 
_entity.pdbx_description 
_entity.formula_weight 
_entity.pdbx_number_of_molecules 
_entity.pdbx_ec 
_entity.pdbx_mutation 
_entity.pdbx_fragment 
_entity.details 
1 polymer     man 'MULTIDRUG-EFFLUX TRANSPORTER 1 REGULATOR BMRR' 18492.049 1  ? ? 'MULTIDRUG-BINDING DOMAIN' ? 
2 non-polymer syn 'MANGANESE (II) ION'                            54.938    1  ? ? ?                          ? 
3 non-polymer syn 'SULFATE ION'                                   96.063    1  ? ? ?                          ? 
4 non-polymer syn TETRAPHENYLPHOSPHONIUM                          339.389   1  ? ? ?                          ? 
5 water       nat water                                           18.015    11 ? ? ?                          ? 
# 
_entity_name_com.entity_id   1 
_entity_name_com.name        BRC 
# 
_entity_poly.entity_id                      1 
_entity_poly.type                           'polypeptide(L)' 
_entity_poly.nstd_linkage                   no 
_entity_poly.nstd_monomer                   no 
_entity_poly.pdbx_seq_one_letter_code       
;RLGEVFVLDEEEIRIIQTEAEGIGPENVLNASYSKLKKFIESADGFTNNSYGATFSFQPYTSIDEMTYRHIFTPVLTNKQ
ISSITPDMEITTIPKGRYACIAYNFSPEHYFLNLQKLIKYIADRQLTVVSDVYELIIPIHYSPKKQEEYRVEMKIRILE
;
_entity_poly.pdbx_seq_one_letter_code_can   
;RLGEVFVLDEEEIRIIQTEAEGIGPENVLNASYSKLKKFIESADGFTNNSYGATFSFQPYTSIDEMTYRHIFTPVLTNKQ
ISSITPDMEITTIPKGRYACIAYNFSPEHYFLNLQKLIKYIADRQLTVVSDVYELIIPIHYSPKKQEEYRVEMKIRILE
;
_entity_poly.pdbx_strand_id                 A 
_entity_poly.pdbx_target_identifier         ? 
# 
loop_
_pdbx_entity_nonpoly.entity_id 
_pdbx_entity_nonpoly.name 
_pdbx_entity_nonpoly.comp_id 
2 'MANGANESE (II) ION'   MN  
3 'SULFATE ION'          SO4 
4 TETRAPHENYLPHOSPHONIUM P4P 
5 water                  HOH 
# 
loop_
_entity_poly_seq.entity_id 
_entity_poly_seq.num 
_entity_poly_seq.mon_id 
_entity_poly_seq.hetero 
1 1   ARG n 
1 2   LEU n 
1 3   GLY n 
1 4   GLU n 
1 5   VAL n 
1 6   PHE n 
1 7   VAL n 
1 8   LEU n 
1 9   ASP n 
1 10  GLU n 
1 11  GLU n 
1 12  GLU n 
1 13  ILE n 
1 14  ARG n 
1 15  ILE n 
1 16  ILE n 
1 17  GLN n 
1 18  THR n 
1 19  GLU n 
1 20  ALA n 
1 21  GLU n 
1 22  GLY n 
1 23  ILE n 
1 24  GLY n 
1 25  PRO n 
1 26  GLU n 
1 27  ASN n 
1 28  VAL n 
1 29  LEU n 
1 30  ASN n 
1 31  ALA n 
1 32  SER n 
1 33  TYR n 
1 34  SER n 
1 35  LYS n 
1 36  LEU n 
1 37  LYS n 
1 38  LYS n 
1 39  PHE n 
1 40  ILE n 
1 41  GLU n 
1 42  SER n 
1 43  ALA n 
1 44  ASP n 
1 45  GLY n 
1 46  PHE n 
1 47  THR n 
1 48  ASN n 
1 49  ASN n 
1 50  SER n 
1 51  TYR n 
1 52  GLY n 
1 53  ALA n 
1 54  THR n 
1 55  PHE n 
1 56  SER n 
1 57  PHE n 
1 58  GLN n 
1 59  PRO n 
1 60  TYR n 
1 61  THR n 
1 62  SER n 
1 63  ILE n 
1 64  ASP n 
1 65  GLU n 
1 66  MET n 
1 67  THR n 
1 68  TYR n 
1 69  ARG n 
1 70  HIS n 
1 71  ILE n 
1 72  PHE n 
1 73  THR n 
1 74  PRO n 
1 75  VAL n 
1 76  LEU n 
1 77  THR n 
1 78  ASN n 
1 79  LYS n 
1 80  GLN n 
1 81  ILE n 
1 82  SER n 
1 83  SER n 
1 84  ILE n 
1 85  THR n 
1 86  PRO n 
1 87  ASP n 
1 88  MET n 
1 89  GLU n 
1 90  ILE n 
1 91  THR n 
1 92  THR n 
1 93  ILE n 
1 94  PRO n 
1 95  LYS n 
1 96  GLY n 
1 97  ARG n 
1 98  TYR n 
1 99  ALA n 
1 100 CYS n 
1 101 ILE n 
1 102 ALA n 
1 103 TYR n 
1 104 ASN n 
1 105 PHE n 
1 106 SER n 
1 107 PRO n 
1 108 GLU n 
1 109 HIS n 
1 110 TYR n 
1 111 PHE n 
1 112 LEU n 
1 113 ASN n 
1 114 LEU n 
1 115 GLN n 
1 116 LYS n 
1 117 LEU n 
1 118 ILE n 
1 119 LYS n 
1 120 TYR n 
1 121 ILE n 
1 122 ALA n 
1 123 ASP n 
1 124 ARG n 
1 125 GLN n 
1 126 LEU n 
1 127 THR n 
1 128 VAL n 
1 129 VAL n 
1 130 SER n 
1 131 ASP n 
1 132 VAL n 
1 133 TYR n 
1 134 GLU n 
1 135 LEU n 
1 136 ILE n 
1 137 ILE n 
1 138 PRO n 
1 139 ILE n 
1 140 HIS n 
1 141 TYR n 
1 142 SER n 
1 143 PRO n 
1 144 LYS n 
1 145 LYS n 
1 146 GLN n 
1 147 GLU n 
1 148 GLU n 
1 149 TYR n 
1 150 ARG n 
1 151 VAL n 
1 152 GLU n 
1 153 MET n 
1 154 LYS n 
1 155 ILE n 
1 156 ARG n 
1 157 ILE n 
1 158 LEU n 
1 159 GLU n 
# 
_entity_src_gen.entity_id                          1 
_entity_src_gen.pdbx_src_id                        1 
_entity_src_gen.pdbx_alt_source_flag               sample 
_entity_src_gen.pdbx_seq_type                      ? 
_entity_src_gen.pdbx_beg_seq_num                   ? 
_entity_src_gen.pdbx_end_seq_num                   ? 
_entity_src_gen.gene_src_common_name               ? 
_entity_src_gen.gene_src_genus                     Bacillus 
_entity_src_gen.pdbx_gene_src_gene                 ? 
_entity_src_gen.gene_src_species                   ? 
_entity_src_gen.gene_src_strain                    ? 
_entity_src_gen.gene_src_tissue                    ? 
_entity_src_gen.gene_src_tissue_fraction           ? 
_entity_src_gen.gene_src_details                   ? 
_entity_src_gen.pdbx_gene_src_fragment             ? 
_entity_src_gen.pdbx_gene_src_scientific_name      'Bacillus subtilis' 
_entity_src_gen.pdbx_gene_src_ncbi_taxonomy_id     1423 
_entity_src_gen.pdbx_gene_src_variant              ? 
_entity_src_gen.pdbx_gene_src_cell_line            ? 
_entity_src_gen.pdbx_gene_src_atcc                 ? 
_entity_src_gen.pdbx_gene_src_organ                ? 
_entity_src_gen.pdbx_gene_src_organelle            ? 
_entity_src_gen.pdbx_gene_src_cell                 ? 
_entity_src_gen.pdbx_gene_src_cellular_location    ? 
_entity_src_gen.host_org_common_name               ? 
_entity_src_gen.pdbx_host_org_scientific_name      'Escherichia coli' 
_entity_src_gen.pdbx_host_org_ncbi_taxonomy_id     562 
_entity_src_gen.host_org_genus                     Escherichia 
_entity_src_gen.pdbx_host_org_gene                 ? 
_entity_src_gen.pdbx_host_org_organ                ? 
_entity_src_gen.host_org_species                   ? 
_entity_src_gen.pdbx_host_org_tissue               ? 
_entity_src_gen.pdbx_host_org_tissue_fraction      ? 
_entity_src_gen.pdbx_host_org_strain               ? 
_entity_src_gen.pdbx_host_org_variant              ? 
_entity_src_gen.pdbx_host_org_cell_line            ? 
_entity_src_gen.pdbx_host_org_atcc                 ? 
_entity_src_gen.pdbx_host_org_culture_collection   ? 
_entity_src_gen.pdbx_host_org_cell                 ? 
_entity_src_gen.pdbx_host_org_organelle            ? 
_entity_src_gen.pdbx_host_org_cellular_location    ? 
_entity_src_gen.pdbx_host_org_vector_type          ? 
_entity_src_gen.pdbx_host_org_vector               ? 
_entity_src_gen.host_org_details                   ? 
_entity_src_gen.expression_system_id               ? 
_entity_src_gen.plasmid_name                       ? 
_entity_src_gen.plasmid_details                    ? 
_entity_src_gen.pdbx_description                   ? 
# 
loop_
_chem_comp.id 
_chem_comp.type 
_chem_comp.mon_nstd_flag 
_chem_comp.name 
_chem_comp.pdbx_synonyms 
_chem_comp.formula 
_chem_comp.formula_weight 
ALA 'L-peptide linking' y ALANINE                ? 'C3 H7 N O2'     89.093  
ARG 'L-peptide linking' y ARGININE               ? 'C6 H15 N4 O2 1' 175.209 
ASN 'L-peptide linking' y ASPARAGINE             ? 'C4 H8 N2 O3'    132.118 
ASP 'L-peptide linking' y 'ASPARTIC ACID'        ? 'C4 H7 N O4'     133.103 
CYS 'L-peptide linking' y CYSTEINE               ? 'C3 H7 N O2 S'   121.158 
GLN 'L-peptide linking' y GLUTAMINE              ? 'C5 H10 N2 O3'   146.144 
GLU 'L-peptide linking' y 'GLUTAMIC ACID'        ? 'C5 H9 N O4'     147.129 
GLY 'peptide linking'   y GLYCINE                ? 'C2 H5 N O2'     75.067  
HIS 'L-peptide linking' y HISTIDINE              ? 'C6 H10 N3 O2 1' 156.162 
HOH non-polymer         . WATER                  ? 'H2 O'           18.015  
ILE 'L-peptide linking' y ISOLEUCINE             ? 'C6 H13 N O2'    131.173 
LEU 'L-peptide linking' y LEUCINE                ? 'C6 H13 N O2'    131.173 
LYS 'L-peptide linking' y LYSINE                 ? 'C6 H15 N2 O2 1' 147.195 
MET 'L-peptide linking' y METHIONINE             ? 'C5 H11 N O2 S'  149.211 
MN  non-polymer         . 'MANGANESE (II) ION'   ? 'Mn 2'           54.938  
P4P non-polymer         . TETRAPHENYLPHOSPHONIUM ? 'C24 H20 P 1'    339.389 
PHE 'L-peptide linking' y PHENYLALANINE          ? 'C9 H11 N O2'    165.189 
PRO 'L-peptide linking' y PROLINE                ? 'C5 H9 N O2'     115.130 
SER 'L-peptide linking' y SERINE                 ? 'C3 H7 N O3'     105.093 
SO4 non-polymer         . 'SULFATE ION'          ? 'O4 S -2'        96.063  
THR 'L-peptide linking' y THREONINE              ? 'C4 H9 N O3'     119.119 
TYR 'L-peptide linking' y TYROSINE               ? 'C9 H11 N O3'    181.189 
VAL 'L-peptide linking' y VALINE                 ? 'C5 H11 N O2'    117.146 
# 
loop_
_pdbx_poly_seq_scheme.asym_id 
_pdbx_poly_seq_scheme.entity_id 
_pdbx_poly_seq_scheme.seq_id 
_pdbx_poly_seq_scheme.mon_id 
_pdbx_poly_seq_scheme.ndb_seq_num 
_pdbx_poly_seq_scheme.pdb_seq_num 
_pdbx_poly_seq_scheme.auth_seq_num 
_pdbx_poly_seq_scheme.pdb_mon_id 
_pdbx_poly_seq_scheme.auth_mon_id 
_pdbx_poly_seq_scheme.pdb_strand_id 
_pdbx_poly_seq_scheme.pdb_ins_code 
_pdbx_poly_seq_scheme.hetero 
A 1 1   ARG 1   1   ?   ?   ?   A . n 
A 1 2   LEU 2   2   2   LEU LEU A . n 
A 1 3   GLY 3   3   3   GLY GLY A . n 
A 1 4   GLU 4   4   4   GLU GLU A . n 
A 1 5   VAL 5   5   5   VAL VAL A . n 
A 1 6   PHE 6   6   6   PHE PHE A . n 
A 1 7   VAL 7   7   7   VAL VAL A . n 
A 1 8   LEU 8   8   8   LEU LEU A . n 
A 1 9   ASP 9   9   9   ASP ASP A . n 
A 1 10  GLU 10  10  10  GLU GLU A . n 
A 1 11  GLU 11  11  11  GLU GLU A . n 
A 1 12  GLU 12  12  12  GLU GLU A . n 
A 1 13  ILE 13  13  13  ILE ILE A . n 
A 1 14  ARG 14  14  14  ARG ARG A . n 
A 1 15  ILE 15  15  15  ILE ILE A . n 
A 1 16  ILE 16  16  16  ILE ILE A . n 
A 1 17  GLN 17  17  17  GLN GLN A . n 
A 1 18  THR 18  18  18  THR THR A . n 
A 1 19  GLU 19  19  19  GLU GLU A . n 
A 1 20  ALA 20  20  20  ALA ALA A . n 
A 1 21  GLU 21  21  21  GLU GLU A . n 
A 1 22  GLY 22  22  22  GLY GLY A . n 
A 1 23  ILE 23  23  23  ILE ILE A . n 
A 1 24  GLY 24  24  24  GLY GLY A . n 
A 1 25  PRO 25  25  25  PRO PRO A . n 
A 1 26  GLU 26  26  26  GLU GLU A . n 
A 1 27  ASN 27  27  27  ASN ASN A . n 
A 1 28  VAL 28  28  28  VAL VAL A . n 
A 1 29  LEU 29  29  29  LEU LEU A . n 
A 1 30  ASN 30  30  30  ASN ASN A . n 
A 1 31  ALA 31  31  31  ALA ALA A . n 
A 1 32  SER 32  32  32  SER SER A . n 
A 1 33  TYR 33  33  33  TYR TYR A . n 
A 1 34  SER 34  34  ?   ?   ?   A . n 
A 1 35  LYS 35  35  ?   ?   ?   A . n 
A 1 36  LEU 36  36  ?   ?   ?   A . n 
A 1 37  LYS 37  37  ?   ?   ?   A . n 
A 1 38  LYS 38  38  ?   ?   ?   A . n 
A 1 39  PHE 39  39  ?   ?   ?   A . n 
A 1 40  ILE 40  40  ?   ?   ?   A . n 
A 1 41  GLU 41  41  ?   ?   ?   A . n 
A 1 42  SER 42  42  ?   ?   ?   A . n 
A 1 43  ALA 43  43  ?   ?   ?   A . n 
A 1 44  ASP 44  44  ?   ?   ?   A . n 
A 1 45  GLY 45  45  ?   ?   ?   A . n 
A 1 46  PHE 46  46  ?   ?   ?   A . n 
A 1 47  THR 47  47  ?   ?   ?   A . n 
A 1 48  ASN 48  48  ?   ?   ?   A . n 
A 1 49  ASN 49  49  ?   ?   ?   A . n 
A 1 50  SER 50  50  50  SER SER A . n 
A 1 51  TYR 51  51  51  TYR TYR A . n 
A 1 52  GLY 52  52  52  GLY GLY A . n 
A 1 53  ALA 53  53  53  ALA ALA A . n 
A 1 54  THR 54  54  54  THR THR A . n 
A 1 55  PHE 55  55  55  PHE PHE A . n 
A 1 56  SER 56  56  56  SER SER A . n 
A 1 57  PHE 57  57  57  PHE PHE A . n 
A 1 58  GLN 58  58  58  GLN GLN A . n 
A 1 59  PRO 59  59  59  PRO PRO A . n 
A 1 60  TYR 60  60  60  TYR TYR A . n 
A 1 61  THR 61  61  61  THR THR A . n 
A 1 62  SER 62  62  62  SER SER A . n 
A 1 63  ILE 63  63  63  ILE ILE A . n 
A 1 64  ASP 64  64  64  ASP ASP A . n 
A 1 65  GLU 65  65  65  GLU GLU A . n 
A 1 66  MET 66  66  66  MET MET A . n 
A 1 67  THR 67  67  67  THR THR A . n 
A 1 68  TYR 68  68  68  TYR TYR A . n 
A 1 69  ARG 69  69  69  ARG ARG A . n 
A 1 70  HIS 70  70  70  HIS HIS A . n 
A 1 71  ILE 71  71  71  ILE ILE A . n 
A 1 72  PHE 72  72  72  PHE PHE A . n 
A 1 73  THR 73  73  73  THR THR A . n 
A 1 74  PRO 74  74  74  PRO PRO A . n 
A 1 75  VAL 75  75  75  VAL VAL A . n 
A 1 76  LEU 76  76  76  LEU LEU A . n 
A 1 77  THR 77  77  77  THR THR A . n 
A 1 78  ASN 78  78  ?   ?   ?   A . n 
A 1 79  LYS 79  79  ?   ?   ?   A . n 
A 1 80  GLN 80  80  ?   ?   ?   A . n 
A 1 81  ILE 81  81  81  ILE ILE A . n 
A 1 82  SER 82  82  82  SER SER A . n 
A 1 83  SER 83  83  83  SER SER A . n 
A 1 84  ILE 84  84  84  ILE ILE A . n 
A 1 85  THR 85  85  85  THR THR A . n 
A 1 86  PRO 86  86  86  PRO PRO A . n 
A 1 87  ASP 87  87  87  ASP ASP A . n 
A 1 88  MET 88  88  88  MET MET A . n 
A 1 89  GLU 89  89  89  GLU GLU A . n 
A 1 90  ILE 90  90  90  ILE ILE A . n 
A 1 91  THR 91  91  91  THR THR A . n 
A 1 92  THR 92  92  92  THR THR A . n 
A 1 93  ILE 93  93  93  ILE ILE A . n 
A 1 94  PRO 94  94  94  PRO PRO A . n 
A 1 95  LYS 95  95  95  LYS LYS A . n 
A 1 96  GLY 96  96  96  GLY GLY A . n 
A 1 97  ARG 97  97  97  ARG ARG A . n 
A 1 98  TYR 98  98  98  TYR TYR A . n 
A 1 99  ALA 99  99  99  ALA ALA A . n 
A 1 100 CYS 100 100 100 CYS CYS A . n 
A 1 101 ILE 101 101 101 ILE ILE A . n 
A 1 102 ALA 102 102 102 ALA ALA A . n 
A 1 103 TYR 103 103 103 TYR TYR A . n 
A 1 104 ASN 104 104 104 ASN ASN A . n 
A 1 105 PHE 105 105 105 PHE PHE A . n 
A 1 106 SER 106 106 106 SER SER A . n 
A 1 107 PRO 107 107 107 PRO PRO A . n 
A 1 108 GLU 108 108 108 GLU GLU A . n 
A 1 109 HIS 109 109 109 HIS HIS A . n 
A 1 110 TYR 110 110 110 TYR TYR A . n 
A 1 111 PHE 111 111 111 PHE PHE A . n 
A 1 112 LEU 112 112 112 LEU LEU A . n 
A 1 113 ASN 113 113 113 ASN ASN A . n 
A 1 114 LEU 114 114 114 LEU LEU A . n 
A 1 115 GLN 115 115 115 GLN GLN A . n 
A 1 116 LYS 116 116 116 LYS LYS A . n 
A 1 117 LEU 117 117 117 LEU LEU A . n 
A 1 118 ILE 118 118 118 ILE ILE A . n 
A 1 119 LYS 119 119 119 LYS LYS A . n 
A 1 120 TYR 120 120 120 TYR TYR A . n 
A 1 121 ILE 121 121 121 ILE ILE A . n 
A 1 122 ALA 122 122 122 ALA ALA A . n 
A 1 123 ASP 123 123 123 ASP ASP A . n 
A 1 124 ARG 124 124 124 ARG ARG A . n 
A 1 125 GLN 125 125 125 GLN GLN A . n 
A 1 126 LEU 126 126 126 LEU LEU A . n 
A 1 127 THR 127 127 127 THR THR A . n 
A 1 128 VAL 128 128 128 VAL VAL A . n 
A 1 129 VAL 129 129 129 VAL VAL A . n 
A 1 130 SER 130 130 130 SER SER A . n 
A 1 131 ASP 131 131 131 ASP ASP A . n 
A 1 132 VAL 132 132 132 VAL VAL A . n 
A 1 133 TYR 133 133 133 TYR TYR A . n 
A 1 134 GLU 134 134 134 GLU GLU A . n 
A 1 135 LEU 135 135 135 LEU LEU A . n 
A 1 136 ILE 136 136 136 ILE ILE A . n 
A 1 137 ILE 137 137 137 ILE ILE A . n 
A 1 138 PRO 138 138 138 PRO PRO A . n 
A 1 139 ILE 139 139 139 ILE ILE A . n 
A 1 140 HIS 140 140 140 HIS HIS A . n 
A 1 141 TYR 141 141 ?   ?   ?   A . n 
A 1 142 SER 142 142 ?   ?   ?   A . n 
A 1 143 PRO 143 143 ?   ?   ?   A . n 
A 1 144 LYS 144 144 ?   ?   ?   A . n 
A 1 145 LYS 145 145 ?   ?   ?   A . n 
A 1 146 GLN 146 146 ?   ?   ?   A . n 
A 1 147 GLU 147 147 ?   ?   ?   A . n 
A 1 148 GLU 148 148 ?   ?   ?   A . n 
A 1 149 TYR 149 149 149 TYR TYR A . n 
A 1 150 ARG 150 150 150 ARG ARG A . n 
A 1 151 VAL 151 151 151 VAL VAL A . n 
A 1 152 GLU 152 152 152 GLU GLU A . n 
A 1 153 MET 153 153 153 MET MET A . n 
A 1 154 LYS 154 154 154 LYS LYS A . n 
A 1 155 ILE 155 155 155 ILE ILE A . n 
A 1 156 ARG 156 156 156 ARG ARG A . n 
A 1 157 ILE 157 157 157 ILE ILE A . n 
A 1 158 LEU 158 158 158 LEU LEU A . n 
A 1 159 GLU 159 159 ?   ?   ?   A . n 
# 
loop_
_pdbx_nonpoly_scheme.asym_id 
_pdbx_nonpoly_scheme.entity_id 
_pdbx_nonpoly_scheme.mon_id 
_pdbx_nonpoly_scheme.ndb_seq_num 
_pdbx_nonpoly_scheme.pdb_seq_num 
_pdbx_nonpoly_scheme.auth_seq_num 
_pdbx_nonpoly_scheme.pdb_mon_id 
_pdbx_nonpoly_scheme.auth_mon_id 
_pdbx_nonpoly_scheme.pdb_strand_id 
_pdbx_nonpoly_scheme.pdb_ins_code 
B 2 MN  1  160 2  MN  MN  A . 
C 3 SO4 1  161 3  SO4 SO4 A . 
D 4 P4P 1  162 1  P4P P4P A . 
E 5 HOH 1  163 4  HOH HOH A . 
E 5 HOH 2  164 5  HOH HOH A . 
E 5 HOH 3  165 6  HOH HOH A . 
E 5 HOH 4  166 8  HOH HOH A . 
E 5 HOH 5  167 11 HOH HOH A . 
E 5 HOH 6  168 12 HOH HOH A . 
E 5 HOH 7  169 14 HOH HOH A . 
E 5 HOH 8  170 15 HOH HOH A . 
E 5 HOH 9  171 16 HOH HOH A . 
E 5 HOH 10 172 17 HOH HOH A . 
E 5 HOH 11 173 19 HOH HOH A . 
# 
loop_
_pdbx_unobs_or_zero_occ_atoms.id 
_pdbx_unobs_or_zero_occ_atoms.PDB_model_num 
_pdbx_unobs_or_zero_occ_atoms.polymer_flag 
_pdbx_unobs_or_zero_occ_atoms.occupancy_flag 
_pdbx_unobs_or_zero_occ_atoms.auth_asym_id 
_pdbx_unobs_or_zero_occ_atoms.auth_comp_id 
_pdbx_unobs_or_zero_occ_atoms.auth_seq_id 
_pdbx_unobs_or_zero_occ_atoms.PDB_ins_code 
_pdbx_unobs_or_zero_occ_atoms.auth_atom_id 
_pdbx_unobs_or_zero_occ_atoms.label_alt_id 
_pdbx_unobs_or_zero_occ_atoms.label_asym_id 
_pdbx_unobs_or_zero_occ_atoms.label_comp_id 
_pdbx_unobs_or_zero_occ_atoms.label_seq_id 
_pdbx_unobs_or_zero_occ_atoms.label_atom_id 
1  1 Y 1 A SER 32 ? OG  ? A SER 32 OG  
2  1 Y 1 A TYR 33 ? CG  ? A TYR 33 CG  
3  1 Y 1 A TYR 33 ? CD1 ? A TYR 33 CD1 
4  1 Y 1 A TYR 33 ? CD2 ? A TYR 33 CD2 
5  1 Y 1 A TYR 33 ? CE1 ? A TYR 33 CE1 
6  1 Y 1 A TYR 33 ? CE2 ? A TYR 33 CE2 
7  1 Y 1 A TYR 33 ? CZ  ? A TYR 33 CZ  
8  1 Y 1 A TYR 33 ? OH  ? A TYR 33 OH  
9  1 Y 1 A LEU 76 ? CG  ? A LEU 76 CG  
10 1 Y 1 A LEU 76 ? CD1 ? A LEU 76 CD1 
11 1 Y 1 A LEU 76 ? CD2 ? A LEU 76 CD2 
12 1 Y 1 A ILE 81 ? CG1 ? A ILE 81 CG1 
13 1 Y 1 A ILE 81 ? CG2 ? A ILE 81 CG2 
14 1 Y 1 A ILE 81 ? CD1 ? A ILE 81 CD1 
15 1 Y 1 A SER 82 ? OG  ? A SER 82 OG  
16 1 Y 1 A SER 83 ? OG  ? A SER 83 OG  
# 
loop_
_software.name 
_software.classification 
_software.version 
_software.citation_id 
_software.pdbx_ordinal 
EPMR   phasing          .  ? 1 
TNT    refinement       5D ? 2 
bioteX 'data reduction' .  ? 3 
bioteX 'data scaling'   .  ? 4 
# 
_cell.entry_id           2BOW 
_cell.length_a           82.600 
_cell.length_b           82.600 
_cell.length_c           104.200 
_cell.angle_alpha        90.00 
_cell.angle_beta         90.00 
_cell.angle_gamma        120.00 
_cell.Z_PDB              12 
_cell.pdbx_unique_axis   ? 
# 
_symmetry.entry_id                         2BOW 
_symmetry.space_group_name_H-M             'P 62 2 2' 
_symmetry.pdbx_full_space_group_name_H-M   ? 
_symmetry.cell_setting                     ? 
_symmetry.Int_Tables_number                180 
# 
_exptl.entry_id          2BOW 
_exptl.method            'X-RAY DIFFRACTION' 
_exptl.crystals_number   1 
# 
_exptl_crystal.id                    1 
_exptl_crystal.density_meas          ? 
_exptl_crystal.density_Matthews      2.77 
_exptl_crystal.density_percent_sol   55.65 
_exptl_crystal.description           ? 
# 
_exptl_crystal_grow.crystal_id      1 
_exptl_crystal_grow.method          ? 
_exptl_crystal_grow.temp            ? 
_exptl_crystal_grow.temp_details    ? 
_exptl_crystal_grow.pH              6.5 
_exptl_crystal_grow.pdbx_pH_range   ? 
_exptl_crystal_grow.pdbx_details    'pH 6.5' 
# 
_diffrn.id                     1 
_diffrn.ambient_temp           293 
_diffrn.ambient_temp_details   ? 
_diffrn.crystal_id             1 
# 
_diffrn_detector.diffrn_id              1 
_diffrn_detector.detector               'IMAGE PLATE' 
_diffrn_detector.type                   RIGAKU 
_diffrn_detector.pdbx_collection_date   ? 
_diffrn_detector.details                MIRRORS 
# 
_diffrn_radiation.diffrn_id                        1 
_diffrn_radiation.wavelength_id                    1 
_diffrn_radiation.pdbx_monochromatic_or_laue_m_l   M 
_diffrn_radiation.monochromator                    ? 
_diffrn_radiation.pdbx_diffrn_protocol             ? 
_diffrn_radiation.pdbx_scattering_type             x-ray 
# 
_diffrn_radiation_wavelength.id           1 
_diffrn_radiation_wavelength.wavelength   1.5418 
_diffrn_radiation_wavelength.wt           1.0 
# 
_diffrn_source.diffrn_id                   1 
_diffrn_source.source                      'ROTATING ANODE' 
_diffrn_source.type                        'RIGAKU RUH3R' 
_diffrn_source.pdbx_synchrotron_site       ? 
_diffrn_source.pdbx_synchrotron_beamline   ? 
_diffrn_source.pdbx_wavelength             1.5418 
_diffrn_source.pdbx_wavelength_list        ? 
# 
_reflns.entry_id                     2BOW 
_reflns.observed_criterion_sigma_I   0 
_reflns.observed_criterion_sigma_F   ? 
_reflns.d_resolution_low             42.2 
_reflns.d_resolution_high            2.8 
_reflns.number_obs                   5322 
_reflns.number_all                   ? 
_reflns.percent_possible_obs         95 
_reflns.pdbx_Rmerge_I_obs            ? 
_reflns.pdbx_Rsym_value              0.0830000 
_reflns.pdbx_netI_over_sigmaI        14.7 
_reflns.B_iso_Wilson_estimate        ? 
_reflns.pdbx_redundancy              4.6 
_reflns.pdbx_ordinal                 1 
_reflns.pdbx_diffrn_id               1 
# 
_reflns_shell.d_res_high             2.8 
_reflns_shell.d_res_low              2.9 
_reflns_shell.percent_possible_all   90 
_reflns_shell.Rmerge_I_obs           ? 
_reflns_shell.pdbx_Rsym_value        ? 
_reflns_shell.meanI_over_sigI_obs    3.8 
_reflns_shell.pdbx_redundancy        ? 
_reflns_shell.pdbx_ordinal           1 
_reflns_shell.pdbx_diffrn_id         1 
# 
_refine.entry_id                                 2BOW 
_refine.ls_number_reflns_obs                     5285 
_refine.ls_number_reflns_all                     ? 
_refine.pdbx_ls_sigma_I                          ? 
_refine.pdbx_ls_sigma_F                          0.0 
_refine.pdbx_data_cutoff_high_absF               ? 
_refine.pdbx_data_cutoff_low_absF                ? 
_refine.pdbx_data_cutoff_high_rms_absF           ? 
_refine.ls_d_res_low                             16.0 
_refine.ls_d_res_high                            2.8 
_refine.ls_percent_reflns_obs                    95.0 
_refine.ls_R_factor_obs                          0.2350000 
_refine.ls_R_factor_all                          0.2350000 
_refine.ls_R_factor_R_work                       ? 
_refine.ls_R_factor_R_free                       0.3200000 
_refine.ls_R_factor_R_free_error                 ? 
_refine.ls_R_factor_R_free_error_details         ? 
_refine.ls_percent_reflns_R_free                 10 
_refine.ls_number_reflns_R_free                  ? 
_refine.ls_number_parameters                     ? 
_refine.ls_number_restraints                     ? 
_refine.occupancy_min                            ? 
_refine.occupancy_max                            ? 
_refine.B_iso_mean                               ? 
_refine.aniso_B[1][1]                            ? 
_refine.aniso_B[2][2]                            ? 
_refine.aniso_B[3][3]                            ? 
_refine.aniso_B[1][2]                            ? 
_refine.aniso_B[1][3]                            ? 
_refine.aniso_B[2][3]                            ? 
_refine.solvent_model_details                    ? 
_refine.solvent_model_param_ksol                 ? 
_refine.solvent_model_param_bsol                 ? 
_refine.pdbx_ls_cross_valid_method               RFREE 
_refine.details                                  ? 
_refine.pdbx_starting_model                      'PDB ENTRY 1BOW' 
_refine.pdbx_method_to_determine_struct          'MOLECULAR REPLACEMENT' 
_refine.pdbx_isotropic_thermal_model             'TNT BCORREL' 
_refine.pdbx_stereochemistry_target_values       'TNT CSDX_PROTGEO' 
_refine.pdbx_stereochem_target_val_spec_case     ? 
_refine.pdbx_R_Free_selection_details            ? 
_refine.pdbx_overall_ESU_R                       ? 
_refine.pdbx_overall_ESU_R_Free                  ? 
_refine.overall_SU_ML                            ? 
_refine.overall_SU_B                             ? 
_refine.pdbx_refine_id                           'X-RAY DIFFRACTION' 
_refine.pdbx_diffrn_id                           1 
_refine.pdbx_TLS_residual_ADP_flag               ? 
_refine.correlation_coeff_Fo_to_Fc               ? 
_refine.correlation_coeff_Fo_to_Fc_free          ? 
_refine.pdbx_solvent_vdw_probe_radii             ? 
_refine.pdbx_solvent_ion_probe_radii             ? 
_refine.pdbx_solvent_shrinkage_radii             ? 
_refine.pdbx_overall_phase_error                 ? 
_refine.overall_SU_R_Cruickshank_DPI             ? 
_refine.pdbx_overall_SU_R_free_Cruickshank_DPI   ? 
_refine.pdbx_overall_SU_R_Blow_DPI               ? 
_refine.pdbx_overall_SU_R_free_Blow_DPI          ? 
# 
_refine_hist.pdbx_refine_id                   'X-RAY DIFFRACTION' 
_refine_hist.cycle_id                         LAST 
_refine_hist.pdbx_number_atoms_protein        1045 
_refine_hist.pdbx_number_atoms_nucleic_acid   0 
_refine_hist.pdbx_number_atoms_ligand         31 
_refine_hist.number_atoms_solvent             11 
_refine_hist.number_atoms_total               1087 
_refine_hist.d_res_high                       2.8 
_refine_hist.d_res_low                        16.0 
# 
loop_
_refine_ls_restr.type 
_refine_ls_restr.dev_ideal 
_refine_ls_restr.dev_ideal_target 
_refine_ls_restr.weight 
_refine_ls_restr.number 
_refine_ls_restr.pdbx_refine_id 
_refine_ls_restr.pdbx_restraint_function 
t_bond_d           0.014 ? ? ? 'X-RAY DIFFRACTION' ? 
t_angle_deg        1.72  ? ? ? 'X-RAY DIFFRACTION' ? 
t_dihedral_angle_d ?     ? ? ? 'X-RAY DIFFRACTION' ? 
t_incorr_chiral_ct 0     ? ? ? 'X-RAY DIFFRACTION' ? 
t_pseud_angle      ?     ? ? ? 'X-RAY DIFFRACTION' ? 
t_trig_c_planes    ?     ? ? ? 'X-RAY DIFFRACTION' ? 
t_gen_planes       ?     ? ? ? 'X-RAY DIFFRACTION' ? 
t_it               4.03  ? ? ? 'X-RAY DIFFRACTION' ? 
t_nbd              ?     ? ? ? 'X-RAY DIFFRACTION' ? 
# 
_pdbx_refine.entry_id                                    2BOW 
_pdbx_refine.R_factor_all_no_cutoff                      0.2350000 
_pdbx_refine.R_factor_obs_no_cutoff                      ? 
_pdbx_refine.free_R_factor_no_cutoff                     0.3260000 
_pdbx_refine.free_R_val_test_set_size_perc_no_cutoff     10 
_pdbx_refine.free_R_val_test_set_ct_no_cutoff            ? 
_pdbx_refine.R_factor_all_4sig_cutoff                    ? 
_pdbx_refine.R_factor_obs_4sig_cutoff                    ? 
_pdbx_refine.free_R_factor_4sig_cutoff                   ? 
_pdbx_refine.free_R_val_test_set_size_perc_4sig_cutoff   ? 
_pdbx_refine.free_R_val_test_set_ct_4sig_cutoff          ? 
_pdbx_refine.number_reflns_obs_4sig_cutoff               ? 
_pdbx_refine.pdbx_refine_id                              'X-RAY DIFFRACTION' 
_pdbx_refine.free_R_error_no_cutoff                      ? 
# 
_struct.entry_id                  2BOW 
_struct.title                     
'MULTIDRUG-BINDING DOMAIN OF TRANSCRIPTION ACTIVATOR BMRR IN COMPLEX WITH A LIGAND, TETRAPHENYLPHOSPHONIUM' 
_struct.pdbx_model_details        ? 
_struct.pdbx_CASP_flag            ? 
_struct.pdbx_model_type_details   ? 
# 
_struct_keywords.entry_id        2BOW 
_struct_keywords.pdbx_keywords   'TRANSCRIPTION ACTIVATOR' 
_struct_keywords.text            'MULTIDRUG BINDING, TRANSCRIPTION ACTIVATOR' 
# 
loop_
_struct_asym.id 
_struct_asym.pdbx_blank_PDB_chainid_flag 
_struct_asym.pdbx_modified 
_struct_asym.entity_id 
_struct_asym.details 
A N N 1 ? 
B N N 2 ? 
C N N 3 ? 
D N N 4 ? 
E N N 5 ? 
# 
_struct_ref.id                         1 
_struct_ref.db_name                    UNP 
_struct_ref.db_code                    BMRR_BACSU 
_struct_ref.entity_id                  1 
_struct_ref.pdbx_db_accession          P39075 
_struct_ref.pdbx_align_begin           1 
_struct_ref.pdbx_seq_one_letter_code   
;MKESYYSIGEVSKLANVSIKALRYYDKIDLFKPAYVDPDTSYRYYTDSQLIHLDLIKSLKYIGTPLEEMKKAQGLRDGRT
VCFLYRAGEANQGEIRLFISPGANHFIGEKADETADGISRRLGEVFVLDEEEIRIIQTEAEGIGPENVLNASYSKLKKFI
ESADGFTNNSYGATFSFQPYTSIDEMTYRHIFTPVLTNKQISSITPDMEITTIPKGRYACIAYNFSPEHYFLNLQKLIKY
IADRQLTVVSDVYELIIPIHYSPKKQEEYRVEMKIRIAE
;
_struct_ref.pdbx_db_isoform            ? 
# 
_struct_ref_seq.align_id                      1 
_struct_ref_seq.ref_id                        1 
_struct_ref_seq.pdbx_PDB_id_code              2BOW 
_struct_ref_seq.pdbx_strand_id                A 
_struct_ref_seq.seq_align_beg                 1 
_struct_ref_seq.pdbx_seq_align_beg_ins_code   ? 
_struct_ref_seq.seq_align_end                 159 
_struct_ref_seq.pdbx_seq_align_end_ins_code   ? 
_struct_ref_seq.pdbx_db_accession             P39075 
_struct_ref_seq.db_align_beg                  121 
_struct_ref_seq.pdbx_db_align_beg_ins_code    ? 
_struct_ref_seq.db_align_end                  279 
_struct_ref_seq.pdbx_db_align_end_ins_code    ? 
_struct_ref_seq.pdbx_auth_seq_align_beg       1 
_struct_ref_seq.pdbx_auth_seq_align_end       159 
# 
_struct_ref_seq_dif.align_id                     1 
_struct_ref_seq_dif.pdbx_pdb_id_code             2BOW 
_struct_ref_seq_dif.mon_id                       LEU 
_struct_ref_seq_dif.pdbx_pdb_strand_id           A 
_struct_ref_seq_dif.seq_num                      158 
_struct_ref_seq_dif.pdbx_pdb_ins_code            ? 
_struct_ref_seq_dif.pdbx_seq_db_name             UNP 
_struct_ref_seq_dif.pdbx_seq_db_accession_code   P39075 
_struct_ref_seq_dif.db_mon_id                    ALA 
_struct_ref_seq_dif.pdbx_seq_db_seq_num          278 
_struct_ref_seq_dif.details                      'cloning artifact' 
_struct_ref_seq_dif.pdbx_auth_seq_num            158 
_struct_ref_seq_dif.pdbx_ordinal                 1 
# 
loop_
_pdbx_struct_assembly.id 
_pdbx_struct_assembly.details 
_pdbx_struct_assembly.method_details 
_pdbx_struct_assembly.oligomeric_details 
_pdbx_struct_assembly.oligomeric_count 
1 author_and_software_defined_assembly PISA,PQS dimeric 2 
2 software_defined_assembly            PISA     dimeric 2 
# 
loop_
_pdbx_struct_assembly_prop.biol_id 
_pdbx_struct_assembly_prop.type 
_pdbx_struct_assembly_prop.value 
_pdbx_struct_assembly_prop.details 
1 'ABSA (A^2)' 3510  ? 
1 MORE         -22   ? 
1 'SSA (A^2)'  13930 ? 
2 'ABSA (A^2)' 2420  ? 
2 MORE         -43   ? 
2 'SSA (A^2)'  15130 ? 
# 
loop_
_pdbx_struct_assembly_gen.assembly_id 
_pdbx_struct_assembly_gen.oper_expression 
_pdbx_struct_assembly_gen.asym_id_list 
1 1,2 A,B,C,D,E 
2 1,3 A,B,C,D,E 
# 
loop_
_pdbx_struct_oper_list.id 
_pdbx_struct_oper_list.type 
_pdbx_struct_oper_list.name 
_pdbx_struct_oper_list.symmetry_operation 
_pdbx_struct_oper_list.matrix[1][1] 
_pdbx_struct_oper_list.matrix[1][2] 
_pdbx_struct_oper_list.matrix[1][3] 
_pdbx_struct_oper_list.vector[1] 
_pdbx_struct_oper_list.matrix[2][1] 
_pdbx_struct_oper_list.matrix[2][2] 
_pdbx_struct_oper_list.matrix[2][3] 
_pdbx_struct_oper_list.vector[2] 
_pdbx_struct_oper_list.matrix[3][1] 
_pdbx_struct_oper_list.matrix[3][2] 
_pdbx_struct_oper_list.matrix[3][3] 
_pdbx_struct_oper_list.vector[3] 
1 'identity operation'         1_555  x,y,z            1.0000000000  0.0000000000 0.0000000000  0.0000000000  0.0000000000 1.0000000000  0.0000000000  0.0000000000   0.0000000000  0.0000000000  1.0000000000  0.0000000000   
2 'crystal symmetry operation' 10_665 -y+1,-x+1,-z+2/3 -0.9244572277 0.2169946803 0.3135157778  -8.2386715426 0.2169946803 -0.3766883338 0.9005660486  20.9870739954  0.3135157778  0.9005660486  0.3011455615  -12.5407127883 
3 'crystal symmetry operation' 12_565 x,x-y+1,-z+1/3   -0.0553333215 0.9963402239 -0.0651489201 14.8145267734 0.9963402239 0.0508403274  -0.0687125852 -16.2039062140 -0.0651489201 -0.0687125852 -0.9955070059 -32.9984555636 
# 
_struct_biol.id   1 
# 
loop_
_struct_conf.conf_type_id 
_struct_conf.id 
_struct_conf.pdbx_PDB_helix_id 
_struct_conf.beg_label_comp_id 
_struct_conf.beg_label_asym_id 
_struct_conf.beg_label_seq_id 
_struct_conf.pdbx_beg_PDB_ins_code 
_struct_conf.end_label_comp_id 
_struct_conf.end_label_asym_id 
_struct_conf.end_label_seq_id 
_struct_conf.pdbx_end_PDB_ins_code 
_struct_conf.beg_auth_comp_id 
_struct_conf.beg_auth_asym_id 
_struct_conf.beg_auth_seq_id 
_struct_conf.end_auth_comp_id 
_struct_conf.end_auth_asym_id 
_struct_conf.end_auth_seq_id 
_struct_conf.pdbx_PDB_helix_class 
_struct_conf.details 
_struct_conf.pdbx_PDB_helix_length 
HELX_P HELX_P1 1 PRO A 25  ? LEU A 29  ? PRO A 25  LEU A 29  1 ? 5  
HELX_P HELX_P2 2 PRO A 107 ? ARG A 124 ? PRO A 107 ARG A 124 1 ? 18 
# 
_struct_conf_type.id          HELX_P 
_struct_conf_type.criteria    ? 
_struct_conf_type.reference   ? 
# 
loop_
_struct_conn.id 
_struct_conn.conn_type_id 
_struct_conn.pdbx_leaving_atom_flag 
_struct_conn.pdbx_PDB_id 
_struct_conn.ptnr1_label_asym_id 
_struct_conn.ptnr1_label_comp_id 
_struct_conn.ptnr1_label_seq_id 
_struct_conn.ptnr1_label_atom_id 
_struct_conn.pdbx_ptnr1_label_alt_id 
_struct_conn.pdbx_ptnr1_PDB_ins_code 
_struct_conn.pdbx_ptnr1_standard_comp_id 
_struct_conn.ptnr1_symmetry 
_struct_conn.ptnr2_label_asym_id 
_struct_conn.ptnr2_label_comp_id 
_struct_conn.ptnr2_label_seq_id 
_struct_conn.ptnr2_label_atom_id 
_struct_conn.pdbx_ptnr2_label_alt_id 
_struct_conn.pdbx_ptnr2_PDB_ins_code 
_struct_conn.ptnr1_auth_asym_id 
_struct_conn.ptnr1_auth_comp_id 
_struct_conn.ptnr1_auth_seq_id 
_struct_conn.ptnr2_auth_asym_id 
_struct_conn.ptnr2_auth_comp_id 
_struct_conn.ptnr2_auth_seq_id 
_struct_conn.ptnr2_symmetry 
_struct_conn.pdbx_ptnr3_label_atom_id 
_struct_conn.pdbx_ptnr3_label_seq_id 
_struct_conn.pdbx_ptnr3_label_comp_id 
_struct_conn.pdbx_ptnr3_label_asym_id 
_struct_conn.pdbx_ptnr3_label_alt_id 
_struct_conn.pdbx_ptnr3_PDB_ins_code 
_struct_conn.details 
_struct_conn.pdbx_dist_value 
_struct_conn.pdbx_value_order 
_struct_conn.pdbx_role 
metalc1 metalc ? ? A GLU 19 OE1 ? ? ? 1_555  B MN . MN ? ? A GLU 19 A MN 160 1_555 ? ? ? ? ? ? ? 2.247 ? ? 
metalc2 metalc ? ? A GLU 19 OE2 ? ? ? 1_555  B MN . MN ? ? A GLU 19 A MN 160 1_555 ? ? ? ? ? ? ? 2.124 ? ? 
metalc3 metalc ? ? A GLU 19 OE2 ? ? ? 10_665 B MN . MN ? ? A GLU 19 A MN 160 1_555 ? ? ? ? ? ? ? 2.152 ? ? 
metalc4 metalc ? ? A GLU 19 OE1 ? ? ? 10_665 B MN . MN ? ? A GLU 19 A MN 160 1_555 ? ? ? ? ? ? ? 2.162 ? ? 
metalc5 metalc ? ? A HIS 70 NE2 ? ? ? 1_555  B MN . MN ? ? A HIS 70 A MN 160 1_555 ? ? ? ? ? ? ? 1.936 ? ? 
metalc6 metalc ? ? A HIS 70 NE2 ? ? ? 10_665 B MN . MN ? ? A HIS 70 A MN 160 1_555 ? ? ? ? ? ? ? 1.782 ? ? 
# 
_struct_conn_type.id          metalc 
_struct_conn_type.criteria    ? 
_struct_conn_type.reference   ? 
# 
loop_
_pdbx_struct_conn_angle.id 
_pdbx_struct_conn_angle.ptnr1_label_atom_id 
_pdbx_struct_conn_angle.ptnr1_label_alt_id 
_pdbx_struct_conn_angle.ptnr1_label_asym_id 
_pdbx_struct_conn_angle.ptnr1_label_comp_id 
_pdbx_struct_conn_angle.ptnr1_label_seq_id 
_pdbx_struct_conn_angle.ptnr1_auth_atom_id 
_pdbx_struct_conn_angle.ptnr1_auth_asym_id 
_pdbx_struct_conn_angle.ptnr1_auth_comp_id 
_pdbx_struct_conn_angle.ptnr1_auth_seq_id 
_pdbx_struct_conn_angle.ptnr1_PDB_ins_code 
_pdbx_struct_conn_angle.ptnr1_symmetry 
_pdbx_struct_conn_angle.ptnr2_label_atom_id 
_pdbx_struct_conn_angle.ptnr2_label_alt_id 
_pdbx_struct_conn_angle.ptnr2_label_asym_id 
_pdbx_struct_conn_angle.ptnr2_label_comp_id 
_pdbx_struct_conn_angle.ptnr2_label_seq_id 
_pdbx_struct_conn_angle.ptnr2_auth_atom_id 
_pdbx_struct_conn_angle.ptnr2_auth_asym_id 
_pdbx_struct_conn_angle.ptnr2_auth_comp_id 
_pdbx_struct_conn_angle.ptnr2_auth_seq_id 
_pdbx_struct_conn_angle.ptnr2_PDB_ins_code 
_pdbx_struct_conn_angle.ptnr2_symmetry 
_pdbx_struct_conn_angle.ptnr3_label_atom_id 
_pdbx_struct_conn_angle.ptnr3_label_alt_id 
_pdbx_struct_conn_angle.ptnr3_label_asym_id 
_pdbx_struct_conn_angle.ptnr3_label_comp_id 
_pdbx_struct_conn_angle.ptnr3_label_seq_id 
_pdbx_struct_conn_angle.ptnr3_auth_atom_id 
_pdbx_struct_conn_angle.ptnr3_auth_asym_id 
_pdbx_struct_conn_angle.ptnr3_auth_comp_id 
_pdbx_struct_conn_angle.ptnr3_auth_seq_id 
_pdbx_struct_conn_angle.ptnr3_PDB_ins_code 
_pdbx_struct_conn_angle.ptnr3_symmetry 
_pdbx_struct_conn_angle.value 
_pdbx_struct_conn_angle.value_esd 
1  OE1 ? A GLU 19 ? A GLU 19 ? 1_555  MN ? B MN . ? A MN 160 ? 1_555 OE2 ? A GLU 19 ? A GLU 19 ? 1_555  59.7  ? 
2  OE1 ? A GLU 19 ? A GLU 19 ? 1_555  MN ? B MN . ? A MN 160 ? 1_555 OE2 ? A GLU 19 ? A GLU 19 ? 10_665 84.7  ? 
3  OE2 ? A GLU 19 ? A GLU 19 ? 1_555  MN ? B MN . ? A MN 160 ? 1_555 OE2 ? A GLU 19 ? A GLU 19 ? 10_665 140.3 ? 
4  OE1 ? A GLU 19 ? A GLU 19 ? 1_555  MN ? B MN . ? A MN 160 ? 1_555 OE1 ? A GLU 19 ? A GLU 19 ? 10_665 66.6  ? 
5  OE2 ? A GLU 19 ? A GLU 19 ? 1_555  MN ? B MN . ? A MN 160 ? 1_555 OE1 ? A GLU 19 ? A GLU 19 ? 10_665 87.5  ? 
6  OE2 ? A GLU 19 ? A GLU 19 ? 10_665 MN ? B MN . ? A MN 160 ? 1_555 OE1 ? A GLU 19 ? A GLU 19 ? 10_665 60.6  ? 
7  OE1 ? A GLU 19 ? A GLU 19 ? 1_555  MN ? B MN . ? A MN 160 ? 1_555 NE2 ? A HIS 70 ? A HIS 70 ? 1_555  77.9  ? 
8  OE2 ? A GLU 19 ? A GLU 19 ? 1_555  MN ? B MN . ? A MN 160 ? 1_555 NE2 ? A HIS 70 ? A HIS 70 ? 1_555  82.8  ? 
9  OE2 ? A GLU 19 ? A GLU 19 ? 10_665 MN ? B MN . ? A MN 160 ? 1_555 NE2 ? A HIS 70 ? A HIS 70 ? 1_555  107.9 ? 
10 OE1 ? A GLU 19 ? A GLU 19 ? 10_665 MN ? B MN . ? A MN 160 ? 1_555 NE2 ? A HIS 70 ? A HIS 70 ? 1_555  143.2 ? 
11 OE1 ? A GLU 19 ? A GLU 19 ? 1_555  MN ? B MN . ? A MN 160 ? 1_555 NE2 ? A HIS 70 ? A HIS 70 ? 10_665 149.5 ? 
12 OE2 ? A GLU 19 ? A GLU 19 ? 1_555  MN ? B MN . ? A MN 160 ? 1_555 NE2 ? A HIS 70 ? A HIS 70 ? 10_665 115.5 ? 
13 OE2 ? A GLU 19 ? A GLU 19 ? 10_665 MN ? B MN . ? A MN 160 ? 1_555 NE2 ? A HIS 70 ? A HIS 70 ? 10_665 85.7  ? 
14 OE1 ? A GLU 19 ? A GLU 19 ? 10_665 MN ? B MN . ? A MN 160 ? 1_555 NE2 ? A HIS 70 ? A HIS 70 ? 10_665 83.5  ? 
15 NE2 ? A HIS 70 ? A HIS 70 ? 1_555  MN ? B MN . ? A MN 160 ? 1_555 NE2 ? A HIS 70 ? A HIS 70 ? 10_665 132.5 ? 
# 
loop_
_struct_sheet.id 
_struct_sheet.type 
_struct_sheet.number_strands 
_struct_sheet.details 
A ? 5 ? 
B ? 3 ? 
# 
loop_
_struct_sheet_order.sheet_id 
_struct_sheet_order.range_id_1 
_struct_sheet_order.range_id_2 
_struct_sheet_order.offset 
_struct_sheet_order.sense 
A 1 2 ? anti-parallel 
A 2 3 ? anti-parallel 
A 3 4 ? anti-parallel 
A 4 5 ? anti-parallel 
B 1 2 ? anti-parallel 
B 2 3 ? anti-parallel 
# 
loop_
_struct_sheet_range.sheet_id 
_struct_sheet_range.id 
_struct_sheet_range.beg_label_comp_id 
_struct_sheet_range.beg_label_asym_id 
_struct_sheet_range.beg_label_seq_id 
_struct_sheet_range.pdbx_beg_PDB_ins_code 
_struct_sheet_range.end_label_comp_id 
_struct_sheet_range.end_label_asym_id 
_struct_sheet_range.end_label_seq_id 
_struct_sheet_range.pdbx_end_PDB_ins_code 
_struct_sheet_range.beg_auth_comp_id 
_struct_sheet_range.beg_auth_asym_id 
_struct_sheet_range.beg_auth_seq_id 
_struct_sheet_range.end_auth_comp_id 
_struct_sheet_range.end_auth_asym_id 
_struct_sheet_range.end_auth_seq_id 
A 1 VAL A 5   ? GLU A 10  ? VAL A 5   GLU A 10  
A 2 GLY A 96  ? ASN A 104 ? GLY A 96  ASN A 104 
A 3 ARG A 150 ? ARG A 156 ? ARG A 150 ARG A 156 
A 4 VAL A 132 ? ILE A 137 ? VAL A 132 ILE A 137 
A 5 TYR A 51  ? PHE A 55  ? TYR A 51  PHE A 55  
B 1 GLU A 89  ? ILE A 93  ? GLU A 89  ILE A 93  
B 2 ILE A 13  ? THR A 18  ? ILE A 13  THR A 18  
B 3 ILE A 71  ? PRO A 74  ? ILE A 71  PRO A 74  
# 
loop_
_pdbx_struct_sheet_hbond.sheet_id 
_pdbx_struct_sheet_hbond.range_id_1 
_pdbx_struct_sheet_hbond.range_id_2 
_pdbx_struct_sheet_hbond.range_1_label_atom_id 
_pdbx_struct_sheet_hbond.range_1_label_comp_id 
_pdbx_struct_sheet_hbond.range_1_label_asym_id 
_pdbx_struct_sheet_hbond.range_1_label_seq_id 
_pdbx_struct_sheet_hbond.range_1_PDB_ins_code 
_pdbx_struct_sheet_hbond.range_1_auth_atom_id 
_pdbx_struct_sheet_hbond.range_1_auth_comp_id 
_pdbx_struct_sheet_hbond.range_1_auth_asym_id 
_pdbx_struct_sheet_hbond.range_1_auth_seq_id 
_pdbx_struct_sheet_hbond.range_2_label_atom_id 
_pdbx_struct_sheet_hbond.range_2_label_comp_id 
_pdbx_struct_sheet_hbond.range_2_label_asym_id 
_pdbx_struct_sheet_hbond.range_2_label_seq_id 
_pdbx_struct_sheet_hbond.range_2_PDB_ins_code 
_pdbx_struct_sheet_hbond.range_2_auth_atom_id 
_pdbx_struct_sheet_hbond.range_2_auth_comp_id 
_pdbx_struct_sheet_hbond.range_2_auth_asym_id 
_pdbx_struct_sheet_hbond.range_2_auth_seq_id 
A 1 2 O PHE A 6   ? O PHE A 6   N CYS A 100 ? N CYS A 100 
A 2 3 O ALA A 99  ? O ALA A 99  N ILE A 155 ? N ILE A 155 
A 3 4 O ARG A 150 ? O ARG A 150 N ILE A 137 ? N ILE A 137 
A 4 5 O VAL A 132 ? O VAL A 132 N PHE A 55  ? N PHE A 55  
B 1 2 O GLU A 89  ? O GLU A 89  N GLN A 17  ? N GLN A 17  
B 2 3 O ILE A 16  ? O ILE A 16  N THR A 73  ? N THR A 73  
# 
loop_
_struct_site.id 
_struct_site.pdbx_evidence_code 
_struct_site.pdbx_auth_asym_id 
_struct_site.pdbx_auth_comp_id 
_struct_site.pdbx_auth_seq_id 
_struct_site.pdbx_auth_ins_code 
_struct_site.pdbx_num_residues 
_struct_site.details 
AC1 Software A MN  160 ? 4 'BINDING SITE FOR RESIDUE MN A 160'  
AC2 Software A SO4 161 ? 5 'BINDING SITE FOR RESIDUE SO4 A 161' 
AC3 Software A P4P 162 ? 7 'BINDING SITE FOR RESIDUE P4P A 162' 
# 
loop_
_struct_site_gen.id 
_struct_site_gen.site_id 
_struct_site_gen.pdbx_num_res 
_struct_site_gen.label_comp_id 
_struct_site_gen.label_asym_id 
_struct_site_gen.label_seq_id 
_struct_site_gen.pdbx_auth_ins_code 
_struct_site_gen.auth_comp_id 
_struct_site_gen.auth_asym_id 
_struct_site_gen.auth_seq_id 
_struct_site_gen.label_atom_id 
_struct_site_gen.label_alt_id 
_struct_site_gen.symmetry 
_struct_site_gen.details 
1  AC1 4 GLU A 19  ? GLU A 19  . ? 10_665 ? 
2  AC1 4 GLU A 19  ? GLU A 19  . ? 1_555  ? 
3  AC1 4 HIS A 70  ? HIS A 70  . ? 10_665 ? 
4  AC1 4 HIS A 70  ? HIS A 70  . ? 1_555  ? 
5  AC2 5 VAL A 7   ? VAL A 7   . ? 1_555  ? 
6  AC2 5 VAL A 7   ? VAL A 7   . ? 12_565 ? 
7  AC2 5 ARG A 124 ? ARG A 124 . ? 12_565 ? 
8  AC2 5 ARG A 124 ? ARG A 124 . ? 1_555  ? 
9  AC2 5 ILE A 157 ? ILE A 157 . ? 1_555  ? 
10 AC3 7 ILE A 23  ? ILE A 23  . ? 1_555  ? 
11 AC3 7 VAL A 28  ? VAL A 28  . ? 1_555  ? 
12 AC3 7 TYR A 51  ? TYR A 51  . ? 1_555  ? 
13 AC3 7 GLY A 52  ? GLY A 52  . ? 1_555  ? 
14 AC3 7 ALA A 53  ? ALA A 53  . ? 1_555  ? 
15 AC3 7 TYR A 68  ? TYR A 68  . ? 1_555  ? 
16 AC3 7 GLU A 134 ? GLU A 134 . ? 1_555  ? 
# 
_pdbx_validate_symm_contact.id                1 
_pdbx_validate_symm_contact.PDB_model_num     1 
_pdbx_validate_symm_contact.auth_atom_id_1    NH2 
_pdbx_validate_symm_contact.auth_asym_id_1    A 
_pdbx_validate_symm_contact.auth_comp_id_1    ARG 
_pdbx_validate_symm_contact.auth_seq_id_1     124 
_pdbx_validate_symm_contact.PDB_ins_code_1    ? 
_pdbx_validate_symm_contact.label_alt_id_1    ? 
_pdbx_validate_symm_contact.site_symmetry_1   1_555 
_pdbx_validate_symm_contact.auth_atom_id_2    O 
_pdbx_validate_symm_contact.auth_asym_id_2    A 
_pdbx_validate_symm_contact.auth_comp_id_2    LEU 
_pdbx_validate_symm_contact.auth_seq_id_2     158 
_pdbx_validate_symm_contact.PDB_ins_code_2    ? 
_pdbx_validate_symm_contact.label_alt_id_2    ? 
_pdbx_validate_symm_contact.site_symmetry_2   12_565 
_pdbx_validate_symm_contact.dist              1.95 
# 
loop_
_pdbx_validate_rmsd_angle.id 
_pdbx_validate_rmsd_angle.PDB_model_num 
_pdbx_validate_rmsd_angle.auth_atom_id_1 
_pdbx_validate_rmsd_angle.auth_asym_id_1 
_pdbx_validate_rmsd_angle.auth_comp_id_1 
_pdbx_validate_rmsd_angle.auth_seq_id_1 
_pdbx_validate_rmsd_angle.PDB_ins_code_1 
_pdbx_validate_rmsd_angle.label_alt_id_1 
_pdbx_validate_rmsd_angle.auth_atom_id_2 
_pdbx_validate_rmsd_angle.auth_asym_id_2 
_pdbx_validate_rmsd_angle.auth_comp_id_2 
_pdbx_validate_rmsd_angle.auth_seq_id_2 
_pdbx_validate_rmsd_angle.PDB_ins_code_2 
_pdbx_validate_rmsd_angle.label_alt_id_2 
_pdbx_validate_rmsd_angle.auth_atom_id_3 
_pdbx_validate_rmsd_angle.auth_asym_id_3 
_pdbx_validate_rmsd_angle.auth_comp_id_3 
_pdbx_validate_rmsd_angle.auth_seq_id_3 
_pdbx_validate_rmsd_angle.PDB_ins_code_3 
_pdbx_validate_rmsd_angle.label_alt_id_3 
_pdbx_validate_rmsd_angle.angle_value 
_pdbx_validate_rmsd_angle.angle_target_value 
_pdbx_validate_rmsd_angle.angle_deviation 
_pdbx_validate_rmsd_angle.angle_standard_deviation 
_pdbx_validate_rmsd_angle.linker_flag 
1 1 CA A VAL 75  ? ? C  A VAL 75  ? ? N  A LEU 76  ? ? 99.95  117.20 -17.25 2.20 Y 
2 1 O  A VAL 75  ? ? C  A VAL 75  ? ? N  A LEU 76  ? ? 136.93 122.70 14.23  1.60 Y 
3 1 N  A ILE 84  ? ? CA A ILE 84  ? ? C  A ILE 84  ? ? 130.50 111.00 19.50  2.70 N 
4 1 N  A ALA 99  ? ? CA A ALA 99  ? ? C  A ALA 99  ? ? 93.74  111.00 -17.26 2.70 N 
5 1 C  A SER 106 ? ? N  A PRO 107 ? ? CD A PRO 107 ? ? 102.97 128.40 -25.43 2.10 Y 
# 
loop_
_pdbx_validate_torsion.id 
_pdbx_validate_torsion.PDB_model_num 
_pdbx_validate_torsion.auth_comp_id 
_pdbx_validate_torsion.auth_asym_id 
_pdbx_validate_torsion.auth_seq_id 
_pdbx_validate_torsion.PDB_ins_code 
_pdbx_validate_torsion.label_alt_id 
_pdbx_validate_torsion.phi 
_pdbx_validate_torsion.psi 
1  1 ALA A 31  ? ? 66.03   172.48  
2  1 TYR A 51  ? ? -165.31 -165.31 
3  1 PRO A 59  ? ? -72.15  37.33   
4  1 TYR A 60  ? ? -21.08  157.89  
5  1 THR A 61  ? ? -173.10 101.80  
6  1 SER A 62  ? ? 100.64  134.45  
7  1 SER A 82  ? ? 163.22  -160.93 
8  1 SER A 83  ? ? 129.36  -36.43  
9  1 TYR A 110 ? ? -42.68  -72.77  
10 1 LEU A 117 ? ? -54.45  -71.44  
11 1 PRO A 138 ? ? -61.26  90.42   
12 1 ILE A 139 ? ? -69.09  26.50   
# 
loop_
_pdbx_struct_special_symmetry.id 
_pdbx_struct_special_symmetry.PDB_model_num 
_pdbx_struct_special_symmetry.auth_asym_id 
_pdbx_struct_special_symmetry.auth_comp_id 
_pdbx_struct_special_symmetry.auth_seq_id 
_pdbx_struct_special_symmetry.PDB_ins_code 
_pdbx_struct_special_symmetry.label_asym_id 
_pdbx_struct_special_symmetry.label_comp_id 
_pdbx_struct_special_symmetry.label_seq_id 
1 1 A MN  160 ? B MN  . 
2 1 A SO4 161 ? C SO4 . 
3 1 A HOH 165 ? E HOH . 
# 
loop_
_pdbx_unobs_or_zero_occ_residues.id 
_pdbx_unobs_or_zero_occ_residues.PDB_model_num 
_pdbx_unobs_or_zero_occ_residues.polymer_flag 
_pdbx_unobs_or_zero_occ_residues.occupancy_flag 
_pdbx_unobs_or_zero_occ_residues.auth_asym_id 
_pdbx_unobs_or_zero_occ_residues.auth_comp_id 
_pdbx_unobs_or_zero_occ_residues.auth_seq_id 
_pdbx_unobs_or_zero_occ_residues.PDB_ins_code 
_pdbx_unobs_or_zero_occ_residues.label_asym_id 
_pdbx_unobs_or_zero_occ_residues.label_comp_id 
_pdbx_unobs_or_zero_occ_residues.label_seq_id 
1  1 Y 1 A ARG 1   ? A ARG 1   
2  1 Y 1 A SER 34  ? A SER 34  
3  1 Y 1 A LYS 35  ? A LYS 35  
4  1 Y 1 A LEU 36  ? A LEU 36  
5  1 Y 1 A LYS 37  ? A LYS 37  
6  1 Y 1 A LYS 38  ? A LYS 38  
7  1 Y 1 A PHE 39  ? A PHE 39  
8  1 Y 1 A ILE 40  ? A ILE 40  
9  1 Y 1 A GLU 41  ? A GLU 41  
10 1 Y 1 A SER 42  ? A SER 42  
11 1 Y 1 A ALA 43  ? A ALA 43  
12 1 Y 1 A ASP 44  ? A ASP 44  
13 1 Y 1 A GLY 45  ? A GLY 45  
14 1 Y 1 A PHE 46  ? A PHE 46  
15 1 Y 1 A THR 47  ? A THR 47  
16 1 Y 1 A ASN 48  ? A ASN 48  
17 1 Y 1 A ASN 49  ? A ASN 49  
18 1 Y 1 A ASN 78  ? A ASN 78  
19 1 Y 1 A LYS 79  ? A LYS 79  
20 1 Y 1 A GLN 80  ? A GLN 80  
21 1 Y 1 A TYR 141 ? A TYR 141 
22 1 Y 1 A SER 142 ? A SER 142 
23 1 Y 1 A PRO 143 ? A PRO 143 
24 1 Y 1 A LYS 144 ? A LYS 144 
25 1 Y 1 A LYS 145 ? A LYS 145 
26 1 Y 1 A GLN 146 ? A GLN 146 
27 1 Y 1 A GLU 147 ? A GLU 147 
28 1 Y 1 A GLU 148 ? A GLU 148 
29 1 Y 1 A GLU 159 ? A GLU 159 
# 
loop_
_chem_comp_atom.comp_id 
_chem_comp_atom.atom_id 
_chem_comp_atom.type_symbol 
_chem_comp_atom.pdbx_aromatic_flag 
_chem_comp_atom.pdbx_stereo_config 
_chem_comp_atom.pdbx_ordinal 
ALA N    N  N N 1   
ALA CA   C  N S 2   
ALA C    C  N N 3   
ALA O    O  N N 4   
ALA CB   C  N N 5   
ALA OXT  O  N N 6   
ALA H    H  N N 7   
ALA H2   H  N N 8   
ALA HA   H  N N 9   
ALA HB1  H  N N 10  
ALA HB2  H  N N 11  
ALA HB3  H  N N 12  
ALA HXT  H  N N 13  
ARG N    N  N N 14  
ARG CA   C  N S 15  
ARG C    C  N N 16  
ARG O    O  N N 17  
ARG CB   C  N N 18  
ARG CG   C  N N 19  
ARG CD   C  N N 20  
ARG NE   N  N N 21  
ARG CZ   C  N N 22  
ARG NH1  N  N N 23  
ARG NH2  N  N N 24  
ARG OXT  O  N N 25  
ARG H    H  N N 26  
ARG H2   H  N N 27  
ARG HA   H  N N 28  
ARG HB2  H  N N 29  
ARG HB3  H  N N 30  
ARG HG2  H  N N 31  
ARG HG3  H  N N 32  
ARG HD2  H  N N 33  
ARG HD3  H  N N 34  
ARG HE   H  N N 35  
ARG HH11 H  N N 36  
ARG HH12 H  N N 37  
ARG HH21 H  N N 38  
ARG HH22 H  N N 39  
ARG HXT  H  N N 40  
ASN N    N  N N 41  
ASN CA   C  N S 42  
ASN C    C  N N 43  
ASN O    O  N N 44  
ASN CB   C  N N 45  
ASN CG   C  N N 46  
ASN OD1  O  N N 47  
ASN ND2  N  N N 48  
ASN OXT  O  N N 49  
ASN H    H  N N 50  
ASN H2   H  N N 51  
ASN HA   H  N N 52  
ASN HB2  H  N N 53  
ASN HB3  H  N N 54  
ASN HD21 H  N N 55  
ASN HD22 H  N N 56  
ASN HXT  H  N N 57  
ASP N    N  N N 58  
ASP CA   C  N S 59  
ASP C    C  N N 60  
ASP O    O  N N 61  
ASP CB   C  N N 62  
ASP CG   C  N N 63  
ASP OD1  O  N N 64  
ASP OD2  O  N N 65  
ASP OXT  O  N N 66  
ASP H    H  N N 67  
ASP H2   H  N N 68  
ASP HA   H  N N 69  
ASP HB2  H  N N 70  
ASP HB3  H  N N 71  
ASP HD2  H  N N 72  
ASP HXT  H  N N 73  
CYS N    N  N N 74  
CYS CA   C  N R 75  
CYS C    C  N N 76  
CYS O    O  N N 77  
CYS CB   C  N N 78  
CYS SG   S  N N 79  
CYS OXT  O  N N 80  
CYS H    H  N N 81  
CYS H2   H  N N 82  
CYS HA   H  N N 83  
CYS HB2  H  N N 84  
CYS HB3  H  N N 85  
CYS HG   H  N N 86  
CYS HXT  H  N N 87  
GLN N    N  N N 88  
GLN CA   C  N S 89  
GLN C    C  N N 90  
GLN O    O  N N 91  
GLN CB   C  N N 92  
GLN CG   C  N N 93  
GLN CD   C  N N 94  
GLN OE1  O  N N 95  
GLN NE2  N  N N 96  
GLN OXT  O  N N 97  
GLN H    H  N N 98  
GLN H2   H  N N 99  
GLN HA   H  N N 100 
GLN HB2  H  N N 101 
GLN HB3  H  N N 102 
GLN HG2  H  N N 103 
GLN HG3  H  N N 104 
GLN HE21 H  N N 105 
GLN HE22 H  N N 106 
GLN HXT  H  N N 107 
GLU N    N  N N 108 
GLU CA   C  N S 109 
GLU C    C  N N 110 
GLU O    O  N N 111 
GLU CB   C  N N 112 
GLU CG   C  N N 113 
GLU CD   C  N N 114 
GLU OE1  O  N N 115 
GLU OE2  O  N N 116 
GLU OXT  O  N N 117 
GLU H    H  N N 118 
GLU H2   H  N N 119 
GLU HA   H  N N 120 
GLU HB2  H  N N 121 
GLU HB3  H  N N 122 
GLU HG2  H  N N 123 
GLU HG3  H  N N 124 
GLU HE2  H  N N 125 
GLU HXT  H  N N 126 
GLY N    N  N N 127 
GLY CA   C  N N 128 
GLY C    C  N N 129 
GLY O    O  N N 130 
GLY OXT  O  N N 131 
GLY H    H  N N 132 
GLY H2   H  N N 133 
GLY HA2  H  N N 134 
GLY HA3  H  N N 135 
GLY HXT  H  N N 136 
HIS N    N  N N 137 
HIS CA   C  N S 138 
HIS C    C  N N 139 
HIS O    O  N N 140 
HIS CB   C  N N 141 
HIS CG   C  Y N 142 
HIS ND1  N  Y N 143 
HIS CD2  C  Y N 144 
HIS CE1  C  Y N 145 
HIS NE2  N  Y N 146 
HIS OXT  O  N N 147 
HIS H    H  N N 148 
HIS H2   H  N N 149 
HIS HA   H  N N 150 
HIS HB2  H  N N 151 
HIS HB3  H  N N 152 
HIS HD1  H  N N 153 
HIS HD2  H  N N 154 
HIS HE1  H  N N 155 
HIS HE2  H  N N 156 
HIS HXT  H  N N 157 
HOH O    O  N N 158 
HOH H1   H  N N 159 
HOH H2   H  N N 160 
ILE N    N  N N 161 
ILE CA   C  N S 162 
ILE C    C  N N 163 
ILE O    O  N N 164 
ILE CB   C  N S 165 
ILE CG1  C  N N 166 
ILE CG2  C  N N 167 
ILE CD1  C  N N 168 
ILE OXT  O  N N 169 
ILE H    H  N N 170 
ILE H2   H  N N 171 
ILE HA   H  N N 172 
ILE HB   H  N N 173 
ILE HG12 H  N N 174 
ILE HG13 H  N N 175 
ILE HG21 H  N N 176 
ILE HG22 H  N N 177 
ILE HG23 H  N N 178 
ILE HD11 H  N N 179 
ILE HD12 H  N N 180 
ILE HD13 H  N N 181 
ILE HXT  H  N N 182 
LEU N    N  N N 183 
LEU CA   C  N S 184 
LEU C    C  N N 185 
LEU O    O  N N 186 
LEU CB   C  N N 187 
LEU CG   C  N N 188 
LEU CD1  C  N N 189 
LEU CD2  C  N N 190 
LEU OXT  O  N N 191 
LEU H    H  N N 192 
LEU H2   H  N N 193 
LEU HA   H  N N 194 
LEU HB2  H  N N 195 
LEU HB3  H  N N 196 
LEU HG   H  N N 197 
LEU HD11 H  N N 198 
LEU HD12 H  N N 199 
LEU HD13 H  N N 200 
LEU HD21 H  N N 201 
LEU HD22 H  N N 202 
LEU HD23 H  N N 203 
LEU HXT  H  N N 204 
LYS N    N  N N 205 
LYS CA   C  N S 206 
LYS C    C  N N 207 
LYS O    O  N N 208 
LYS CB   C  N N 209 
LYS CG   C  N N 210 
LYS CD   C  N N 211 
LYS CE   C  N N 212 
LYS NZ   N  N N 213 
LYS OXT  O  N N 214 
LYS H    H  N N 215 
LYS H2   H  N N 216 
LYS HA   H  N N 217 
LYS HB2  H  N N 218 
LYS HB3  H  N N 219 
LYS HG2  H  N N 220 
LYS HG3  H  N N 221 
LYS HD2  H  N N 222 
LYS HD3  H  N N 223 
LYS HE2  H  N N 224 
LYS HE3  H  N N 225 
LYS HZ1  H  N N 226 
LYS HZ2  H  N N 227 
LYS HZ3  H  N N 228 
LYS HXT  H  N N 229 
MET N    N  N N 230 
MET CA   C  N S 231 
MET C    C  N N 232 
MET O    O  N N 233 
MET CB   C  N N 234 
MET CG   C  N N 235 
MET SD   S  N N 236 
MET CE   C  N N 237 
MET OXT  O  N N 238 
MET H    H  N N 239 
MET H2   H  N N 240 
MET HA   H  N N 241 
MET HB2  H  N N 242 
MET HB3  H  N N 243 
MET HG2  H  N N 244 
MET HG3  H  N N 245 
MET HE1  H  N N 246 
MET HE2  H  N N 247 
MET HE3  H  N N 248 
MET HXT  H  N N 249 
MN  MN   MN N N 250 
P4P P    P  N N 251 
P4P C1A  C  Y N 252 
P4P C2A  C  Y N 253 
P4P C3A  C  Y N 254 
P4P C4A  C  Y N 255 
P4P C5A  C  Y N 256 
P4P C6A  C  Y N 257 
P4P C1C  C  Y N 258 
P4P C6C  C  Y N 259 
P4P C5C  C  Y N 260 
P4P C4C  C  Y N 261 
P4P C3C  C  Y N 262 
P4P C2C  C  Y N 263 
P4P C1D  C  Y N 264 
P4P C6D  C  Y N 265 
P4P C5D  C  Y N 266 
P4P C4D  C  Y N 267 
P4P C3D  C  Y N 268 
P4P C2D  C  Y N 269 
P4P C6B  C  Y N 270 
P4P C5B  C  Y N 271 
P4P C4B  C  Y N 272 
P4P C3B  C  Y N 273 
P4P C2B  C  Y N 274 
P4P C1B  C  Y N 275 
P4P H2A  H  N N 276 
P4P H3A  H  N N 277 
P4P H4A  H  N N 278 
P4P H5A  H  N N 279 
P4P H6A  H  N N 280 
P4P H6C  H  N N 281 
P4P H5C  H  N N 282 
P4P H4C  H  N N 283 
P4P H3C  H  N N 284 
P4P H2C  H  N N 285 
P4P H6D  H  N N 286 
P4P H5D  H  N N 287 
P4P H4D  H  N N 288 
P4P H3D  H  N N 289 
P4P H2D  H  N N 290 
P4P H6B  H  N N 291 
P4P H5B  H  N N 292 
P4P H4B  H  N N 293 
P4P H3B  H  N N 294 
P4P H2B  H  N N 295 
PHE N    N  N N 296 
PHE CA   C  N S 297 
PHE C    C  N N 298 
PHE O    O  N N 299 
PHE CB   C  N N 300 
PHE CG   C  Y N 301 
PHE CD1  C  Y N 302 
PHE CD2  C  Y N 303 
PHE CE1  C  Y N 304 
PHE CE2  C  Y N 305 
PHE CZ   C  Y N 306 
PHE OXT  O  N N 307 
PHE H    H  N N 308 
PHE H2   H  N N 309 
PHE HA   H  N N 310 
PHE HB2  H  N N 311 
PHE HB3  H  N N 312 
PHE HD1  H  N N 313 
PHE HD2  H  N N 314 
PHE HE1  H  N N 315 
PHE HE2  H  N N 316 
PHE HZ   H  N N 317 
PHE HXT  H  N N 318 
PRO N    N  N N 319 
PRO CA   C  N S 320 
PRO C    C  N N 321 
PRO O    O  N N 322 
PRO CB   C  N N 323 
PRO CG   C  N N 324 
PRO CD   C  N N 325 
PRO OXT  O  N N 326 
PRO H    H  N N 327 
PRO HA   H  N N 328 
PRO HB2  H  N N 329 
PRO HB3  H  N N 330 
PRO HG2  H  N N 331 
PRO HG3  H  N N 332 
PRO HD2  H  N N 333 
PRO HD3  H  N N 334 
PRO HXT  H  N N 335 
SER N    N  N N 336 
SER CA   C  N S 337 
SER C    C  N N 338 
SER O    O  N N 339 
SER CB   C  N N 340 
SER OG   O  N N 341 
SER OXT  O  N N 342 
SER H    H  N N 343 
SER H2   H  N N 344 
SER HA   H  N N 345 
SER HB2  H  N N 346 
SER HB3  H  N N 347 
SER HG   H  N N 348 
SER HXT  H  N N 349 
SO4 S    S  N N 350 
SO4 O1   O  N N 351 
SO4 O2   O  N N 352 
SO4 O3   O  N N 353 
SO4 O4   O  N N 354 
THR N    N  N N 355 
THR CA   C  N S 356 
THR C    C  N N 357 
THR O    O  N N 358 
THR CB   C  N R 359 
THR OG1  O  N N 360 
THR CG2  C  N N 361 
THR OXT  O  N N 362 
THR H    H  N N 363 
THR H2   H  N N 364 
THR HA   H  N N 365 
THR HB   H  N N 366 
THR HG1  H  N N 367 
THR HG21 H  N N 368 
THR HG22 H  N N 369 
THR HG23 H  N N 370 
THR HXT  H  N N 371 
TYR N    N  N N 372 
TYR CA   C  N S 373 
TYR C    C  N N 374 
TYR O    O  N N 375 
TYR CB   C  N N 376 
TYR CG   C  Y N 377 
TYR CD1  C  Y N 378 
TYR CD2  C  Y N 379 
TYR CE1  C  Y N 380 
TYR CE2  C  Y N 381 
TYR CZ   C  Y N 382 
TYR OH   O  N N 383 
TYR OXT  O  N N 384 
TYR H    H  N N 385 
TYR H2   H  N N 386 
TYR HA   H  N N 387 
TYR HB2  H  N N 388 
TYR HB3  H  N N 389 
TYR HD1  H  N N 390 
TYR HD2  H  N N 391 
TYR HE1  H  N N 392 
TYR HE2  H  N N 393 
TYR HH   H  N N 394 
TYR HXT  H  N N 395 
VAL N    N  N N 396 
VAL CA   C  N S 397 
VAL C    C  N N 398 
VAL O    O  N N 399 
VAL CB   C  N N 400 
VAL CG1  C  N N 401 
VAL CG2  C  N N 402 
VAL OXT  O  N N 403 
VAL H    H  N N 404 
VAL H2   H  N N 405 
VAL HA   H  N N 406 
VAL HB   H  N N 407 
VAL HG11 H  N N 408 
VAL HG12 H  N N 409 
VAL HG13 H  N N 410 
VAL HG21 H  N N 411 
VAL HG22 H  N N 412 
VAL HG23 H  N N 413 
VAL HXT  H  N N 414 
# 
loop_
_chem_comp_bond.comp_id 
_chem_comp_bond.atom_id_1 
_chem_comp_bond.atom_id_2 
_chem_comp_bond.value_order 
_chem_comp_bond.pdbx_aromatic_flag 
_chem_comp_bond.pdbx_stereo_config 
_chem_comp_bond.pdbx_ordinal 
ALA N   CA   sing N N 1   
ALA N   H    sing N N 2   
ALA N   H2   sing N N 3   
ALA CA  C    sing N N 4   
ALA CA  CB   sing N N 5   
ALA CA  HA   sing N N 6   
ALA C   O    doub N N 7   
ALA C   OXT  sing N N 8   
ALA CB  HB1  sing N N 9   
ALA CB  HB2  sing N N 10  
ALA CB  HB3  sing N N 11  
ALA OXT HXT  sing N N 12  
ARG N   CA   sing N N 13  
ARG N   H    sing N N 14  
ARG N   H2   sing N N 15  
ARG CA  C    sing N N 16  
ARG CA  CB   sing N N 17  
ARG CA  HA   sing N N 18  
ARG C   O    doub N N 19  
ARG C   OXT  sing N N 20  
ARG CB  CG   sing N N 21  
ARG CB  HB2  sing N N 22  
ARG CB  HB3  sing N N 23  
ARG CG  CD   sing N N 24  
ARG CG  HG2  sing N N 25  
ARG CG  HG3  sing N N 26  
ARG CD  NE   sing N N 27  
ARG CD  HD2  sing N N 28  
ARG CD  HD3  sing N N 29  
ARG NE  CZ   sing N N 30  
ARG NE  HE   sing N N 31  
ARG CZ  NH1  sing N N 32  
ARG CZ  NH2  doub N N 33  
ARG NH1 HH11 sing N N 34  
ARG NH1 HH12 sing N N 35  
ARG NH2 HH21 sing N N 36  
ARG NH2 HH22 sing N N 37  
ARG OXT HXT  sing N N 38  
ASN N   CA   sing N N 39  
ASN N   H    sing N N 40  
ASN N   H2   sing N N 41  
ASN CA  C    sing N N 42  
ASN CA  CB   sing N N 43  
ASN CA  HA   sing N N 44  
ASN C   O    doub N N 45  
ASN C   OXT  sing N N 46  
ASN CB  CG   sing N N 47  
ASN CB  HB2  sing N N 48  
ASN CB  HB3  sing N N 49  
ASN CG  OD1  doub N N 50  
ASN CG  ND2  sing N N 51  
ASN ND2 HD21 sing N N 52  
ASN ND2 HD22 sing N N 53  
ASN OXT HXT  sing N N 54  
ASP N   CA   sing N N 55  
ASP N   H    sing N N 56  
ASP N   H2   sing N N 57  
ASP CA  C    sing N N 58  
ASP CA  CB   sing N N 59  
ASP CA  HA   sing N N 60  
ASP C   O    doub N N 61  
ASP C   OXT  sing N N 62  
ASP CB  CG   sing N N 63  
ASP CB  HB2  sing N N 64  
ASP CB  HB3  sing N N 65  
ASP CG  OD1  doub N N 66  
ASP CG  OD2  sing N N 67  
ASP OD2 HD2  sing N N 68  
ASP OXT HXT  sing N N 69  
CYS N   CA   sing N N 70  
CYS N   H    sing N N 71  
CYS N   H2   sing N N 72  
CYS CA  C    sing N N 73  
CYS CA  CB   sing N N 74  
CYS CA  HA   sing N N 75  
CYS C   O    doub N N 76  
CYS C   OXT  sing N N 77  
CYS CB  SG   sing N N 78  
CYS CB  HB2  sing N N 79  
CYS CB  HB3  sing N N 80  
CYS SG  HG   sing N N 81  
CYS OXT HXT  sing N N 82  
GLN N   CA   sing N N 83  
GLN N   H    sing N N 84  
GLN N   H2   sing N N 85  
GLN CA  C    sing N N 86  
GLN CA  CB   sing N N 87  
GLN CA  HA   sing N N 88  
GLN C   O    doub N N 89  
GLN C   OXT  sing N N 90  
GLN CB  CG   sing N N 91  
GLN CB  HB2  sing N N 92  
GLN CB  HB3  sing N N 93  
GLN CG  CD   sing N N 94  
GLN CG  HG2  sing N N 95  
GLN CG  HG3  sing N N 96  
GLN CD  OE1  doub N N 97  
GLN CD  NE2  sing N N 98  
GLN NE2 HE21 sing N N 99  
GLN NE2 HE22 sing N N 100 
GLN OXT HXT  sing N N 101 
GLU N   CA   sing N N 102 
GLU N   H    sing N N 103 
GLU N   H2   sing N N 104 
GLU CA  C    sing N N 105 
GLU CA  CB   sing N N 106 
GLU CA  HA   sing N N 107 
GLU C   O    doub N N 108 
GLU C   OXT  sing N N 109 
GLU CB  CG   sing N N 110 
GLU CB  HB2  sing N N 111 
GLU CB  HB3  sing N N 112 
GLU CG  CD   sing N N 113 
GLU CG  HG2  sing N N 114 
GLU CG  HG3  sing N N 115 
GLU CD  OE1  doub N N 116 
GLU CD  OE2  sing N N 117 
GLU OE2 HE2  sing N N 118 
GLU OXT HXT  sing N N 119 
GLY N   CA   sing N N 120 
GLY N   H    sing N N 121 
GLY N   H2   sing N N 122 
GLY CA  C    sing N N 123 
GLY CA  HA2  sing N N 124 
GLY CA  HA3  sing N N 125 
GLY C   O    doub N N 126 
GLY C   OXT  sing N N 127 
GLY OXT HXT  sing N N 128 
HIS N   CA   sing N N 129 
HIS N   H    sing N N 130 
HIS N   H2   sing N N 131 
HIS CA  C    sing N N 132 
HIS CA  CB   sing N N 133 
HIS CA  HA   sing N N 134 
HIS C   O    doub N N 135 
HIS C   OXT  sing N N 136 
HIS CB  CG   sing N N 137 
HIS CB  HB2  sing N N 138 
HIS CB  HB3  sing N N 139 
HIS CG  ND1  sing Y N 140 
HIS CG  CD2  doub Y N 141 
HIS ND1 CE1  doub Y N 142 
HIS ND1 HD1  sing N N 143 
HIS CD2 NE2  sing Y N 144 
HIS CD2 HD2  sing N N 145 
HIS CE1 NE2  sing Y N 146 
HIS CE1 HE1  sing N N 147 
HIS NE2 HE2  sing N N 148 
HIS OXT HXT  sing N N 149 
HOH O   H1   sing N N 150 
HOH O   H2   sing N N 151 
ILE N   CA   sing N N 152 
ILE N   H    sing N N 153 
ILE N   H2   sing N N 154 
ILE CA  C    sing N N 155 
ILE CA  CB   sing N N 156 
ILE CA  HA   sing N N 157 
ILE C   O    doub N N 158 
ILE C   OXT  sing N N 159 
ILE CB  CG1  sing N N 160 
ILE CB  CG2  sing N N 161 
ILE CB  HB   sing N N 162 
ILE CG1 CD1  sing N N 163 
ILE CG1 HG12 sing N N 164 
ILE CG1 HG13 sing N N 165 
ILE CG2 HG21 sing N N 166 
ILE CG2 HG22 sing N N 167 
ILE CG2 HG23 sing N N 168 
ILE CD1 HD11 sing N N 169 
ILE CD1 HD12 sing N N 170 
ILE CD1 HD13 sing N N 171 
ILE OXT HXT  sing N N 172 
LEU N   CA   sing N N 173 
LEU N   H    sing N N 174 
LEU N   H2   sing N N 175 
LEU CA  C    sing N N 176 
LEU CA  CB   sing N N 177 
LEU CA  HA   sing N N 178 
LEU C   O    doub N N 179 
LEU C   OXT  sing N N 180 
LEU CB  CG   sing N N 181 
LEU CB  HB2  sing N N 182 
LEU CB  HB3  sing N N 183 
LEU CG  CD1  sing N N 184 
LEU CG  CD2  sing N N 185 
LEU CG  HG   sing N N 186 
LEU CD1 HD11 sing N N 187 
LEU CD1 HD12 sing N N 188 
LEU CD1 HD13 sing N N 189 
LEU CD2 HD21 sing N N 190 
LEU CD2 HD22 sing N N 191 
LEU CD2 HD23 sing N N 192 
LEU OXT HXT  sing N N 193 
LYS N   CA   sing N N 194 
LYS N   H    sing N N 195 
LYS N   H2   sing N N 196 
LYS CA  C    sing N N 197 
LYS CA  CB   sing N N 198 
LYS CA  HA   sing N N 199 
LYS C   O    doub N N 200 
LYS C   OXT  sing N N 201 
LYS CB  CG   sing N N 202 
LYS CB  HB2  sing N N 203 
LYS CB  HB3  sing N N 204 
LYS CG  CD   sing N N 205 
LYS CG  HG2  sing N N 206 
LYS CG  HG3  sing N N 207 
LYS CD  CE   sing N N 208 
LYS CD  HD2  sing N N 209 
LYS CD  HD3  sing N N 210 
LYS CE  NZ   sing N N 211 
LYS CE  HE2  sing N N 212 
LYS CE  HE3  sing N N 213 
LYS NZ  HZ1  sing N N 214 
LYS NZ  HZ2  sing N N 215 
LYS NZ  HZ3  sing N N 216 
LYS OXT HXT  sing N N 217 
MET N   CA   sing N N 218 
MET N   H    sing N N 219 
MET N   H2   sing N N 220 
MET CA  C    sing N N 221 
MET CA  CB   sing N N 222 
MET CA  HA   sing N N 223 
MET C   O    doub N N 224 
MET C   OXT  sing N N 225 
MET CB  CG   sing N N 226 
MET CB  HB2  sing N N 227 
MET CB  HB3  sing N N 228 
MET CG  SD   sing N N 229 
MET CG  HG2  sing N N 230 
MET CG  HG3  sing N N 231 
MET SD  CE   sing N N 232 
MET CE  HE1  sing N N 233 
MET CE  HE2  sing N N 234 
MET CE  HE3  sing N N 235 
MET OXT HXT  sing N N 236 
P4P P   C1A  sing N N 237 
P4P P   C1C  sing N N 238 
P4P P   C1D  sing N N 239 
P4P P   C1B  sing N N 240 
P4P C1A C2A  sing Y N 241 
P4P C1A C6A  doub Y N 242 
P4P C2A C3A  doub Y N 243 
P4P C2A H2A  sing N N 244 
P4P C3A C4A  sing Y N 245 
P4P C3A H3A  sing N N 246 
P4P C4A C5A  doub Y N 247 
P4P C4A H4A  sing N N 248 
P4P C5A C6A  sing Y N 249 
P4P C5A H5A  sing N N 250 
P4P C6A H6A  sing N N 251 
P4P C1C C6C  doub Y N 252 
P4P C1C C2C  sing Y N 253 
P4P C6C C5C  sing Y N 254 
P4P C6C H6C  sing N N 255 
P4P C5C C4C  doub Y N 256 
P4P C5C H5C  sing N N 257 
P4P C4C C3C  sing Y N 258 
P4P C4C H4C  sing N N 259 
P4P C3C C2C  doub Y N 260 
P4P C3C H3C  sing N N 261 
P4P C2C H2C  sing N N 262 
P4P C1D C6D  doub Y N 263 
P4P C1D C2D  sing Y N 264 
P4P C6D C5D  sing Y N 265 
P4P C6D H6D  sing N N 266 
P4P C5D C4D  doub Y N 267 
P4P C5D H5D  sing N N 268 
P4P C4D C3D  sing Y N 269 
P4P C4D H4D  sing N N 270 
P4P C3D C2D  doub Y N 271 
P4P C3D H3D  sing N N 272 
P4P C2D H2D  sing N N 273 
P4P C6B C5B  doub Y N 274 
P4P C6B C1B  sing Y N 275 
P4P C6B H6B  sing N N 276 
P4P C5B C4B  sing Y N 277 
P4P C5B H5B  sing N N 278 
P4P C4B C3B  doub Y N 279 
P4P C4B H4B  sing N N 280 
P4P C3B C2B  sing Y N 281 
P4P C3B H3B  sing N N 282 
P4P C2B C1B  doub Y N 283 
P4P C2B H2B  sing N N 284 
PHE N   CA   sing N N 285 
PHE N   H    sing N N 286 
PHE N   H2   sing N N 287 
PHE CA  C    sing N N 288 
PHE CA  CB   sing N N 289 
PHE CA  HA   sing N N 290 
PHE C   O    doub N N 291 
PHE C   OXT  sing N N 292 
PHE CB  CG   sing N N 293 
PHE CB  HB2  sing N N 294 
PHE CB  HB3  sing N N 295 
PHE CG  CD1  doub Y N 296 
PHE CG  CD2  sing Y N 297 
PHE CD1 CE1  sing Y N 298 
PHE CD1 HD1  sing N N 299 
PHE CD2 CE2  doub Y N 300 
PHE CD2 HD2  sing N N 301 
PHE CE1 CZ   doub Y N 302 
PHE CE1 HE1  sing N N 303 
PHE CE2 CZ   sing Y N 304 
PHE CE2 HE2  sing N N 305 
PHE CZ  HZ   sing N N 306 
PHE OXT HXT  sing N N 307 
PRO N   CA   sing N N 308 
PRO N   CD   sing N N 309 
PRO N   H    sing N N 310 
PRO CA  C    sing N N 311 
PRO CA  CB   sing N N 312 
PRO CA  HA   sing N N 313 
PRO C   O    doub N N 314 
PRO C   OXT  sing N N 315 
PRO CB  CG   sing N N 316 
PRO CB  HB2  sing N N 317 
PRO CB  HB3  sing N N 318 
PRO CG  CD   sing N N 319 
PRO CG  HG2  sing N N 320 
PRO CG  HG3  sing N N 321 
PRO CD  HD2  sing N N 322 
PRO CD  HD3  sing N N 323 
PRO OXT HXT  sing N N 324 
SER N   CA   sing N N 325 
SER N   H    sing N N 326 
SER N   H2   sing N N 327 
SER CA  C    sing N N 328 
SER CA  CB   sing N N 329 
SER CA  HA   sing N N 330 
SER C   O    doub N N 331 
SER C   OXT  sing N N 332 
SER CB  OG   sing N N 333 
SER CB  HB2  sing N N 334 
SER CB  HB3  sing N N 335 
SER OG  HG   sing N N 336 
SER OXT HXT  sing N N 337 
SO4 S   O1   doub N N 338 
SO4 S   O2   doub N N 339 
SO4 S   O3   sing N N 340 
SO4 S   O4   sing N N 341 
THR N   CA   sing N N 342 
THR N   H    sing N N 343 
THR N   H2   sing N N 344 
THR CA  C    sing N N 345 
THR CA  CB   sing N N 346 
THR CA  HA   sing N N 347 
THR C   O    doub N N 348 
THR C   OXT  sing N N 349 
THR CB  OG1  sing N N 350 
THR CB  CG2  sing N N 351 
THR CB  HB   sing N N 352 
THR OG1 HG1  sing N N 353 
THR CG2 HG21 sing N N 354 
THR CG2 HG22 sing N N 355 
THR CG2 HG23 sing N N 356 
THR OXT HXT  sing N N 357 
TYR N   CA   sing N N 358 
TYR N   H    sing N N 359 
TYR N   H2   sing N N 360 
TYR CA  C    sing N N 361 
TYR CA  CB   sing N N 362 
TYR CA  HA   sing N N 363 
TYR C   O    doub N N 364 
TYR C   OXT  sing N N 365 
TYR CB  CG   sing N N 366 
TYR CB  HB2  sing N N 367 
TYR CB  HB3  sing N N 368 
TYR CG  CD1  doub Y N 369 
TYR CG  CD2  sing Y N 370 
TYR CD1 CE1  sing Y N 371 
TYR CD1 HD1  sing N N 372 
TYR CD2 CE2  doub Y N 373 
TYR CD2 HD2  sing N N 374 
TYR CE1 CZ   doub Y N 375 
TYR CE1 HE1  sing N N 376 
TYR CE2 CZ   sing Y N 377 
TYR CE2 HE2  sing N N 378 
TYR CZ  OH   sing N N 379 
TYR OH  HH   sing N N 380 
TYR OXT HXT  sing N N 381 
VAL N   CA   sing N N 382 
VAL N   H    sing N N 383 
VAL N   H2   sing N N 384 
VAL CA  C    sing N N 385 
VAL CA  CB   sing N N 386 
VAL CA  HA   sing N N 387 
VAL C   O    doub N N 388 
VAL C   OXT  sing N N 389 
VAL CB  CG1  sing N N 390 
VAL CB  CG2  sing N N 391 
VAL CB  HB   sing N N 392 
VAL CG1 HG11 sing N N 393 
VAL CG1 HG12 sing N N 394 
VAL CG1 HG13 sing N N 395 
VAL CG2 HG21 sing N N 396 
VAL CG2 HG22 sing N N 397 
VAL CG2 HG23 sing N N 398 
VAL OXT HXT  sing N N 399 
# 
_pdbx_initial_refinement_model.id               1 
_pdbx_initial_refinement_model.entity_id_list   ? 
_pdbx_initial_refinement_model.type             'experimental model' 
_pdbx_initial_refinement_model.source_name      PDB 
_pdbx_initial_refinement_model.accession_code   1BOW 
_pdbx_initial_refinement_model.details          'PDB ENTRY 1BOW' 
# 
_atom_sites.entry_id                    2BOW 
_atom_sites.fract_transf_matrix[1][1]   -0.00960795 
_atom_sites.fract_transf_matrix[1][2]   -0.01013350 
_atom_sites.fract_transf_matrix[1][3]   0.00066263 
_atom_sites.fract_transf_matrix[2][1]   -0.00689048 
_atom_sites.fract_transf_matrix[2][2]   -0.00232886 
_atom_sites.fract_transf_matrix[2][3]   0.01193776 
_atom_sites.fract_transf_matrix[3][1]   -0.00677219 
_atom_sites.fract_transf_matrix[3][2]   0.00624503 
_atom_sites.fract_transf_matrix[3][3]   -0.00269061 
_atom_sites.fract_transf_vector[1]      0.275130 
_atom_sites.fract_transf_vector[2]      0.866675 
_atom_sites.fract_transf_vector[3]      0.223035 
# 
loop_
_atom_type.symbol 
C  
MN 
N  
O  
P  
S  
# 
loop_
_atom_site.group_PDB 
_atom_site.id 
_atom_site.type_symbol 
_atom_site.label_atom_id 
_atom_site.label_alt_id 
_atom_site.label_comp_id 
_atom_site.label_asym_id 
_atom_site.label_entity_id 
_atom_site.label_seq_id 
_atom_site.pdbx_PDB_ins_code 
_atom_site.Cartn_x 
_atom_site.Cartn_y 
_atom_site.Cartn_z 
_atom_site.occupancy 
_atom_site.B_iso_or_equiv 
_atom_site.pdbx_formal_charge 
_atom_site.auth_seq_id 
_atom_site.auth_comp_id 
_atom_site.auth_asym_id 
_atom_site.auth_atom_id 
_atom_site.pdbx_PDB_model_num 
ATOM   1    N  N   . LEU A 1 2   ? 2.956   -17.077 -3.175  1.00 99.25  ? 2   LEU A N   1 
ATOM   2    C  CA  . LEU A 1 2   ? 2.288   -16.861 -1.893  1.00 98.01  ? 2   LEU A CA  1 
ATOM   3    C  C   . LEU A 1 2   ? 3.335   -16.550 -0.838  1.00 100.00 ? 2   LEU A C   1 
ATOM   4    O  O   . LEU A 1 2   ? 3.736   -17.420 -0.067  1.00 100.00 ? 2   LEU A O   1 
ATOM   5    C  CB  . LEU A 1 2   ? 1.473   -18.095 -1.489  1.00 98.72  ? 2   LEU A CB  1 
ATOM   6    C  CG  . LEU A 1 2   ? 0.877   -18.917 -2.641  1.00 100.00 ? 2   LEU A CG  1 
ATOM   7    C  CD1 . LEU A 1 2   ? 1.959   -19.723 -3.341  1.00 100.00 ? 2   LEU A CD1 1 
ATOM   8    C  CD2 . LEU A 1 2   ? -0.246  -19.827 -2.162  1.00 100.00 ? 2   LEU A CD2 1 
ATOM   9    N  N   . GLY A 1 3   ? 3.785   -15.301 -0.819  1.00 96.27  ? 3   GLY A N   1 
ATOM   10   C  CA  . GLY A 1 3   ? 4.802   -14.865 0.126   1.00 92.87  ? 3   GLY A CA  1 
ATOM   11   C  C   . GLY A 1 3   ? 6.009   -14.423 -0.683  1.00 89.41  ? 3   GLY A C   1 
ATOM   12   O  O   . GLY A 1 3   ? 7.090   -14.218 -0.142  1.00 84.77  ? 3   GLY A O   1 
ATOM   13   N  N   . GLU A 1 4   ? 5.801   -14.285 -1.990  1.00 85.35  ? 4   GLU A N   1 
ATOM   14   C  CA  . GLU A 1 4   ? 6.840   -13.855 -2.923  1.00 84.20  ? 4   GLU A CA  1 
ATOM   15   C  C   . GLU A 1 4   ? 6.217   -12.805 -3.839  1.00 79.97  ? 4   GLU A C   1 
ATOM   16   O  O   . GLU A 1 4   ? 5.018   -12.549 -3.742  1.00 82.88  ? 4   GLU A O   1 
ATOM   17   C  CB  . GLU A 1 4   ? 7.390   -15.044 -3.727  1.00 86.70  ? 4   GLU A CB  1 
ATOM   18   C  CG  . GLU A 1 4   ? 8.096   -16.130 -2.860  1.00 100.00 ? 4   GLU A CG  1 
ATOM   19   C  CD  . GLU A 1 4   ? 9.611   -15.927 -2.716  1.00 100.00 ? 4   GLU A CD  1 
ATOM   20   O  OE1 . GLU A 1 4   ? 10.056  -15.195 -1.790  1.00 85.02  ? 4   GLU A OE1 1 
ATOM   21   O  OE2 . GLU A 1 4   ? 10.361  -16.542 -3.516  1.00 100.00 ? 4   GLU A OE2 1 
ATOM   22   N  N   . VAL A 1 5   ? 7.017   -12.188 -4.708  1.00 65.59  ? 5   VAL A N   1 
ATOM   23   C  CA  . VAL A 1 5   ? 6.500   -11.156 -5.602  1.00 60.45  ? 5   VAL A CA  1 
ATOM   24   C  C   . VAL A 1 5   ? 6.088   -11.636 -6.950  1.00 53.21  ? 5   VAL A C   1 
ATOM   25   O  O   . VAL A 1 5   ? 6.692   -12.514 -7.523  1.00 50.42  ? 5   VAL A O   1 
ATOM   26   C  CB  . VAL A 1 5   ? 7.513   -10.056 -5.873  1.00 64.17  ? 5   VAL A CB  1 
ATOM   27   C  CG1 . VAL A 1 5   ? 6.927   -9.070  -6.885  1.00 63.89  ? 5   VAL A CG1 1 
ATOM   28   C  CG2 . VAL A 1 5   ? 7.912   -9.351  -4.586  1.00 64.10  ? 5   VAL A CG2 1 
ATOM   29   N  N   . PHE A 1 6   ? 5.055   -11.032 -7.477  1.00 48.01  ? 6   PHE A N   1 
ATOM   30   C  CA  . PHE A 1 6   ? 4.622   -11.418 -8.766  1.00 49.17  ? 6   PHE A CA  1 
ATOM   31   C  C   . PHE A 1 6   ? 4.343   -10.162 -9.520  1.00 51.49  ? 6   PHE A C   1 
ATOM   32   O  O   . PHE A 1 6   ? 4.418   -9.065  -8.992  1.00 49.08  ? 6   PHE A O   1 
ATOM   33   C  CB  . PHE A 1 6   ? 3.409   -12.321 -8.703  1.00 51.76  ? 6   PHE A CB  1 
ATOM   34   C  CG  . PHE A 1 6   ? 2.753   -12.346 -7.372  1.00 55.26  ? 6   PHE A CG  1 
ATOM   35   C  CD1 . PHE A 1 6   ? 3.313   -13.039 -6.316  1.00 60.92  ? 6   PHE A CD1 1 
ATOM   36   C  CD2 . PHE A 1 6   ? 1.555   -11.675 -7.170  1.00 61.41  ? 6   PHE A CD2 1 
ATOM   37   C  CE1 . PHE A 1 6   ? 2.678   -13.065 -5.068  1.00 67.85  ? 6   PHE A CE1 1 
ATOM   38   C  CE2 . PHE A 1 6   ? 0.920   -11.685 -5.935  1.00 63.54  ? 6   PHE A CE2 1 
ATOM   39   C  CZ  . PHE A 1 6   ? 1.481   -12.383 -4.880  1.00 66.14  ? 6   PHE A CZ  1 
ATOM   40   N  N   . VAL A 1 7   ? 4.023   -10.339 -10.777 1.00 48.01  ? 7   VAL A N   1 
ATOM   41   C  CA  . VAL A 1 7   ? 3.757   -9.244  -11.641 1.00 47.85  ? 7   VAL A CA  1 
ATOM   42   C  C   . VAL A 1 7   ? 2.537   -9.592  -12.428 1.00 58.01  ? 7   VAL A C   1 
ATOM   43   O  O   . VAL A 1 7   ? 2.524   -10.624 -13.101 1.00 63.62  ? 7   VAL A O   1 
ATOM   44   C  CB  . VAL A 1 7   ? 4.898   -9.168  -12.641 1.00 50.57  ? 7   VAL A CB  1 
ATOM   45   C  CG1 . VAL A 1 7   ? 4.459   -8.501  -13.915 1.00 48.86  ? 7   VAL A CG1 1 
ATOM   46   C  CG2 . VAL A 1 7   ? 6.100   -8.499  -12.018 1.00 50.09  ? 7   VAL A CG2 1 
ATOM   47   N  N   . LEU A 1 8   ? 1.516   -8.737  -12.361 1.00 53.61  ? 8   LEU A N   1 
ATOM   48   C  CA  . LEU A 1 8   ? 0.270   -8.956  -13.105 1.00 55.92  ? 8   LEU A CA  1 
ATOM   49   C  C   . LEU A 1 8   ? -0.441  -7.680  -13.524 1.00 58.84  ? 8   LEU A C   1 
ATOM   50   O  O   . LEU A 1 8   ? -0.207  -6.622  -12.956 1.00 59.24  ? 8   LEU A O   1 
ATOM   51   C  CB  . LEU A 1 8   ? -0.692  -9.875  -12.365 1.00 59.25  ? 8   LEU A CB  1 
ATOM   52   C  CG  . LEU A 1 8   ? -1.148  -9.557  -10.941 1.00 68.92  ? 8   LEU A CG  1 
ATOM   53   C  CD1 . LEU A 1 8   ? -0.194  -8.630  -10.185 1.00 71.78  ? 8   LEU A CD1 1 
ATOM   54   C  CD2 . LEU A 1 8   ? -2.567  -9.018  -10.946 1.00 70.68  ? 8   LEU A CD2 1 
ATOM   55   N  N   . ASP A 1 9   ? -1.309  -7.792  -14.527 1.00 59.63  ? 9   ASP A N   1 
ATOM   56   C  CA  . ASP A 1 9   ? -2.078  -6.651  -15.061 1.00 60.74  ? 9   ASP A CA  1 
ATOM   57   C  C   . ASP A 1 9   ? -3.410  -6.491  -14.317 1.00 55.62  ? 9   ASP A C   1 
ATOM   58   O  O   . ASP A 1 9   ? -4.394  -7.147  -14.652 1.00 60.42  ? 9   ASP A O   1 
ATOM   59   C  CB  . ASP A 1 9   ? -2.345  -6.848  -16.572 1.00 65.08  ? 9   ASP A CB  1 
ATOM   60   C  CG  . ASP A 1 9   ? -1.057  -6.812  -17.424 1.00 87.18  ? 9   ASP A CG  1 
ATOM   61   O  OD1 . ASP A 1 9   ? -0.568  -5.703  -17.699 1.00 87.63  ? 9   ASP A OD1 1 
ATOM   62   O  OD2 . ASP A 1 9   ? -0.546  -7.884  -17.834 1.00 92.90  ? 9   ASP A OD2 1 
ATOM   63   N  N   . GLU A 1 10  ? -3.444  -5.626  -13.313 1.00 39.18  ? 10  GLU A N   1 
ATOM   64   C  CA  . GLU A 1 10  ? -4.656  -5.434  -12.553 1.00 35.02  ? 10  GLU A CA  1 
ATOM   65   C  C   . GLU A 1 10  ? -5.647  -4.437  -13.059 1.00 42.16  ? 10  GLU A C   1 
ATOM   66   O  O   . GLU A 1 10  ? -5.353  -3.594  -13.910 1.00 41.76  ? 10  GLU A O   1 
ATOM   67   C  CB  . GLU A 1 10  ? -4.352  -5.143  -11.110 1.00 36.32  ? 10  GLU A CB  1 
ATOM   68   C  CG  . GLU A 1 10  ? -4.602  -6.315  -10.238 1.00 62.67  ? 10  GLU A CG  1 
ATOM   69   C  CD  . GLU A 1 10  ? -4.033  -6.124  -8.849  1.00 100.00 ? 10  GLU A CD  1 
ATOM   70   O  OE1 . GLU A 1 10  ? -2.814  -6.402  -8.650  1.00 100.00 ? 10  GLU A OE1 1 
ATOM   71   O  OE2 . GLU A 1 10  ? -4.809  -5.670  -7.964  1.00 100.00 ? 10  GLU A OE2 1 
ATOM   72   N  N   . GLU A 1 11  ? -6.841  -4.552  -12.504 1.00 41.57  ? 11  GLU A N   1 
ATOM   73   C  CA  . GLU A 1 11  ? -7.922  -3.674  -12.849 1.00 42.47  ? 11  GLU A CA  1 
ATOM   74   C  C   . GLU A 1 11  ? -7.827  -2.452  -12.007 1.00 47.55  ? 11  GLU A C   1 
ATOM   75   O  O   . GLU A 1 11  ? -7.022  -2.364  -11.073 1.00 55.41  ? 11  GLU A O   1 
ATOM   76   C  CB  . GLU A 1 11  ? -9.252  -4.323  -12.524 1.00 44.93  ? 11  GLU A CB  1 
ATOM   77   C  CG  . GLU A 1 11  ? -9.987  -4.764  -13.728 1.00 44.85  ? 11  GLU A CG  1 
ATOM   78   C  CD  . GLU A 1 11  ? -9.202  -5.784  -14.486 1.00 91.97  ? 11  GLU A CD  1 
ATOM   79   O  OE1 . GLU A 1 11  ? -8.946  -6.865  -13.903 1.00 100.00 ? 11  GLU A OE1 1 
ATOM   80   O  OE2 . GLU A 1 11  ? -8.796  -5.485  -15.629 1.00 98.76  ? 11  GLU A OE2 1 
ATOM   81   N  N   . GLU A 1 12  ? -8.680  -1.502  -12.335 1.00 35.49  ? 12  GLU A N   1 
ATOM   82   C  CA  . GLU A 1 12  ? -8.715  -0.271  -11.605 1.00 33.35  ? 12  GLU A CA  1 
ATOM   83   C  C   . GLU A 1 12  ? -9.483  -0.636  -10.378 1.00 33.92  ? 12  GLU A C   1 
ATOM   84   O  O   . GLU A 1 12  ? -10.060 -1.706  -10.324 1.00 38.78  ? 12  GLU A O   1 
ATOM   85   C  CB  . GLU A 1 12  ? -9.508  0.743   -12.391 1.00 35.27  ? 12  GLU A CB  1 
ATOM   86   C  CG  . GLU A 1 12  ? -9.503  2.112   -11.784 1.00 62.37  ? 12  GLU A CG  1 
ATOM   87   C  CD  . GLU A 1 12  ? -9.949  3.144   -12.774 1.00 88.11  ? 12  GLU A CD  1 
ATOM   88   O  OE1 . GLU A 1 12  ? -11.170 3.357   -12.850 1.00 43.99  ? 12  GLU A OE1 1 
ATOM   89   O  OE2 . GLU A 1 12  ? -9.101  3.706   -13.508 1.00 100.00 ? 12  GLU A OE2 1 
ATOM   90   N  N   . ILE A 1 13  ? -9.490  0.240   -9.389  1.00 26.72  ? 13  ILE A N   1 
ATOM   91   C  CA  . ILE A 1 13  ? -10.218 -0.015  -8.162  1.00 30.32  ? 13  ILE A CA  1 
ATOM   92   C  C   . ILE A 1 13  ? -10.532 1.363   -7.657  1.00 34.29  ? 13  ILE A C   1 
ATOM   93   O  O   . ILE A 1 13  ? -9.658  2.116   -7.254  1.00 31.06  ? 13  ILE A O   1 
ATOM   94   C  CB  . ILE A 1 13  ? -9.368  -0.732  -7.114  1.00 38.94  ? 13  ILE A CB  1 
ATOM   95   C  CG1 . ILE A 1 13  ? -9.192  -2.218  -7.468  1.00 42.01  ? 13  ILE A CG1 1 
ATOM   96   C  CG2 . ILE A 1 13  ? -9.998  -0.586  -5.736  1.00 38.36  ? 13  ILE A CG2 1 
ATOM   97   C  CD1 . ILE A 1 13  ? -7.738  -2.726  -7.383  1.00 46.60  ? 13  ILE A CD1 1 
ATOM   98   N  N   . ARG A 1 14  ? -11.794 1.710   -7.704  1.00 29.56  ? 14  ARG A N   1 
ATOM   99   C  CA  . ARG A 1 14  ? -12.170 3.001   -7.259  1.00 25.48  ? 14  ARG A CA  1 
ATOM   100  C  C   . ARG A 1 14  ? -11.982 2.939   -5.764  1.00 27.23  ? 14  ARG A C   1 
ATOM   101  O  O   . ARG A 1 14  ? -12.145 1.888   -5.181  1.00 27.23  ? 14  ARG A O   1 
ATOM   102  C  CB  . ARG A 1 14  ? -13.638 3.179   -7.606  1.00 29.43  ? 14  ARG A CB  1 
ATOM   103  C  CG  . ARG A 1 14  ? -14.103 4.635   -7.634  1.00 59.61  ? 14  ARG A CG  1 
ATOM   104  C  CD  . ARG A 1 14  ? -14.640 5.031   -9.003  1.00 64.79  ? 14  ARG A CD  1 
ATOM   105  N  NE  . ARG A 1 14  ? -15.603 4.057   -9.508  1.00 75.19  ? 14  ARG A NE  1 
ATOM   106  C  CZ  . ARG A 1 14  ? -15.674 3.665   -10.775 1.00 85.52  ? 14  ARG A CZ  1 
ATOM   107  N  NH1 . ARG A 1 14  ? -14.865 4.181   -11.672 1.00 42.35  ? 14  ARG A NH1 1 
ATOM   108  N  NH2 . ARG A 1 14  ? -16.585 2.774   -11.161 1.00 84.98  ? 14  ARG A NH2 1 
ATOM   109  N  N   . ILE A 1 15  ? -11.611 4.046   -5.134  1.00 25.57  ? 15  ILE A N   1 
ATOM   110  C  CA  . ILE A 1 15  ? -11.441 4.077   -3.671  1.00 25.95  ? 15  ILE A CA  1 
ATOM   111  C  C   . ILE A 1 15  ? -11.522 5.531   -3.249  1.00 36.33  ? 15  ILE A C   1 
ATOM   112  O  O   . ILE A 1 15  ? -11.352 6.432   -4.080  1.00 37.23  ? 15  ILE A O   1 
ATOM   113  C  CB  . ILE A 1 15  ? -10.110 3.528   -3.191  1.00 28.58  ? 15  ILE A CB  1 
ATOM   114  C  CG1 . ILE A 1 15  ? -9.225  4.682   -2.741  1.00 31.72  ? 15  ILE A CG1 1 
ATOM   115  C  CG2 . ILE A 1 15  ? -9.412  2.786   -4.277  1.00 30.63  ? 15  ILE A CG2 1 
ATOM   116  C  CD1 . ILE A 1 15  ? -8.156  5.083   -3.748  1.00 6.16   ? 15  ILE A CD1 1 
ATOM   117  N  N   . ILE A 1 16  ? -11.789 5.768   -1.970  1.00 33.95  ? 16  ILE A N   1 
ATOM   118  C  CA  . ILE A 1 16  ? -11.882 7.132   -1.484  1.00 38.90  ? 16  ILE A CA  1 
ATOM   119  C  C   . ILE A 1 16  ? -10.844 7.376   -0.414  1.00 44.53  ? 16  ILE A C   1 
ATOM   120  O  O   . ILE A 1 16  ? -10.602 6.512   0.436   1.00 46.12  ? 16  ILE A O   1 
ATOM   121  C  CB  . ILE A 1 16  ? -13.252 7.461   -0.906  1.00 45.15  ? 16  ILE A CB  1 
ATOM   122  C  CG1 . ILE A 1 16  ? -13.129 7.720   0.587   1.00 46.48  ? 16  ILE A CG1 1 
ATOM   123  C  CG2 . ILE A 1 16  ? -14.270 6.392   -1.245  1.00 49.07  ? 16  ILE A CG2 1 
ATOM   124  C  CD1 . ILE A 1 16  ? -12.827 9.182   0.926   1.00 80.96  ? 16  ILE A CD1 1 
ATOM   125  N  N   . GLN A 1 17  ? -10.239 8.561   -0.451  1.00 36.84  ? 17  GLN A N   1 
ATOM   126  C  CA  . GLN A 1 17  ? -9.222  8.881   0.513   1.00 34.83  ? 17  GLN A CA  1 
ATOM   127  C  C   . GLN A 1 17  ? -9.227  10.234  1.180   1.00 42.50  ? 17  GLN A C   1 
ATOM   128  O  O   . GLN A 1 17  ? -9.931  11.157  0.791   1.00 39.30  ? 17  GLN A O   1 
ATOM   129  C  CB  . GLN A 1 17  ? -7.840  8.590   -0.057  1.00 35.19  ? 17  GLN A CB  1 
ATOM   130  C  CG  . GLN A 1 17  ? -7.445  9.409   -1.291  1.00 33.82  ? 17  GLN A CG  1 
ATOM   131  C  CD  . GLN A 1 17  ? -6.111  8.945   -1.955  1.00 59.21  ? 17  GLN A CD  1 
ATOM   132  O  OE1 . GLN A 1 17  ? -5.257  9.766   -2.293  1.00 71.09  ? 17  GLN A OE1 1 
ATOM   133  N  NE2 . GLN A 1 17  ? -5.964  7.633   -2.172  1.00 56.34  ? 17  GLN A NE2 1 
ATOM   134  N  N   . THR A 1 18  ? -8.402  10.306  2.211   1.00 46.26  ? 18  THR A N   1 
ATOM   135  C  CA  . THR A 1 18  ? -8.195  11.492  3.025   1.00 49.75  ? 18  THR A CA  1 
ATOM   136  C  C   . THR A 1 18  ? -6.687  11.439  3.300   1.00 55.19  ? 18  THR A C   1 
ATOM   137  O  O   . THR A 1 18  ? -6.023  10.456  2.948   1.00 54.58  ? 18  THR A O   1 
ATOM   138  C  CB  . THR A 1 18  ? -8.978  11.387  4.338   1.00 54.55  ? 18  THR A CB  1 
ATOM   139  O  OG1 . THR A 1 18  ? -9.145  10.005  4.659   1.00 63.11  ? 18  THR A OG1 1 
ATOM   140  C  CG2 . THR A 1 18  ? -10.349 11.981  4.173   1.00 47.74  ? 18  THR A CG2 1 
ATOM   141  N  N   . GLU A 1 19  ? -6.134  12.472  3.903   1.00 50.30  ? 19  GLU A N   1 
ATOM   142  C  CA  . GLU A 1 19  ? -4.699  12.450  4.157   1.00 53.26  ? 19  GLU A CA  1 
ATOM   143  C  C   . GLU A 1 19  ? -4.228  11.632  5.387   1.00 60.25  ? 19  GLU A C   1 
ATOM   144  O  O   . GLU A 1 19  ? -5.046  11.167  6.169   1.00 58.23  ? 19  GLU A O   1 
ATOM   145  C  CB  . GLU A 1 19  ? -4.079  13.852  4.050   1.00 54.95  ? 19  GLU A CB  1 
ATOM   146  C  CG  . GLU A 1 19  ? -4.678  14.734  2.921   1.00 52.36  ? 19  GLU A CG  1 
ATOM   147  C  CD  . GLU A 1 19  ? -3.907  14.659  1.611   1.00 49.27  ? 19  GLU A CD  1 
ATOM   148  O  OE1 . GLU A 1 19  ? -2.665  14.528  1.627   1.00 27.84  ? 19  GLU A OE1 1 
ATOM   149  O  OE2 . GLU A 1 19  ? -4.542  14.739  0.544   1.00 51.95  ? 19  GLU A OE2 1 
ATOM   150  N  N   . ALA A 1 20  ? -2.911  11.460  5.531   1.00 63.06  ? 20  ALA A N   1 
ATOM   151  C  CA  . ALA A 1 20  ? -2.292  10.689  6.624   1.00 65.31  ? 20  ALA A CA  1 
ATOM   152  C  C   . ALA A 1 20  ? -1.845  11.446  7.876   1.00 73.86  ? 20  ALA A C   1 
ATOM   153  O  O   . ALA A 1 20  ? -1.525  10.834  8.907   1.00 69.13  ? 20  ALA A O   1 
ATOM   154  C  CB  . ALA A 1 20  ? -1.164  9.876   6.094   1.00 67.02  ? 20  ALA A CB  1 
ATOM   155  N  N   . GLU A 1 21  ? -1.832  12.773  7.787   1.00 77.80  ? 21  GLU A N   1 
ATOM   156  C  CA  . GLU A 1 21  ? -1.459  13.632  8.907   1.00 80.64  ? 21  GLU A CA  1 
ATOM   157  C  C   . GLU A 1 21  ? -0.038  13.434  9.376   1.00 88.82  ? 21  GLU A C   1 
ATOM   158  O  O   . GLU A 1 21  ? 0.391   14.035  10.363  1.00 88.66  ? 21  GLU A O   1 
ATOM   159  C  CB  . GLU A 1 21  ? -2.408  13.412  10.082  1.00 82.52  ? 21  GLU A CB  1 
ATOM   160  C  CG  . GLU A 1 21  ? -3.798  12.926  9.685   1.00 100.00 ? 21  GLU A CG  1 
ATOM   161  C  CD  . GLU A 1 21  ? -4.289  11.755  10.549  1.00 100.00 ? 21  GLU A CD  1 
ATOM   162  O  OE1 . GLU A 1 21  ? -3.739  11.571  11.666  1.00 100.00 ? 21  GLU A OE1 1 
ATOM   163  O  OE2 . GLU A 1 21  ? -5.224  11.034  10.111  1.00 100.00 ? 21  GLU A OE2 1 
ATOM   164  N  N   . GLY A 1 22  ? 0.696   12.591  8.677   1.00 88.67  ? 22  GLY A N   1 
ATOM   165  C  CA  . GLY A 1 22  ? 2.012   12.222  9.193   1.00 89.45  ? 22  GLY A CA  1 
ATOM   166  C  C   . GLY A 1 22  ? 2.091   10.986  10.064  1.00 87.98  ? 22  GLY A C   1 
ATOM   167  O  O   . GLY A 1 22  ? 3.176   10.593  10.499  1.00 88.81  ? 22  GLY A O   1 
ATOM   168  N  N   . ILE A 1 23  ? 0.950   10.371  10.327  1.00 78.42  ? 23  ILE A N   1 
ATOM   169  C  CA  . ILE A 1 23  ? 1.004   9.191   11.136  1.00 78.72  ? 23  ILE A CA  1 
ATOM   170  C  C   . ILE A 1 23  ? 1.841   8.187   10.348  1.00 78.86  ? 23  ILE A C   1 
ATOM   171  O  O   . ILE A 1 23  ? 1.825   8.187   9.128   1.00 76.03  ? 23  ILE A O   1 
ATOM   172  C  CB  . ILE A 1 23  ? -0.374  8.661   11.472  1.00 85.31  ? 23  ILE A CB  1 
ATOM   173  C  CG1 . ILE A 1 23  ? -0.310  7.884   12.791  1.00 89.45  ? 23  ILE A CG1 1 
ATOM   174  C  CG2 . ILE A 1 23  ? -0.946  7.843   10.322  1.00 87.06  ? 23  ILE A CG2 1 
ATOM   175  C  CD1 . ILE A 1 23  ? 0.218   8.724   13.988  1.00 100.00 ? 23  ILE A CD1 1 
ATOM   176  N  N   . GLY A 1 24  ? 2.593   7.345   11.038  1.00 77.07  ? 24  GLY A N   1 
ATOM   177  C  CA  . GLY A 1 24  ? 3.422   6.362   10.342  1.00 77.00  ? 24  GLY A CA  1 
ATOM   178  C  C   . GLY A 1 24  ? 3.035   4.928   10.696  1.00 76.10  ? 24  GLY A C   1 
ATOM   179  O  O   . GLY A 1 24  ? 2.256   4.706   11.634  1.00 75.58  ? 24  GLY A O   1 
ATOM   180  N  N   . PRO A 1 25  ? 3.575   3.966   9.942   1.00 65.57  ? 25  PRO A N   1 
ATOM   181  C  CA  . PRO A 1 25  ? 3.273   2.560   10.186  1.00 62.98  ? 25  PRO A CA  1 
ATOM   182  C  C   . PRO A 1 25  ? 3.553   2.271   11.643  1.00 66.36  ? 25  PRO A C   1 
ATOM   183  O  O   . PRO A 1 25  ? 2.745   1.645   12.336  1.00 65.45  ? 25  PRO A O   1 
ATOM   184  C  CB  . PRO A 1 25  ? 4.273   1.813   9.293   1.00 64.39  ? 25  PRO A CB  1 
ATOM   185  C  CG  . PRO A 1 25  ? 4.607   2.776   8.191   1.00 70.23  ? 25  PRO A CG  1 
ATOM   186  C  CD  . PRO A 1 25  ? 4.420   4.172   8.746   1.00 65.87  ? 25  PRO A CD  1 
ATOM   187  N  N   . GLU A 1 26  ? 4.701   2.752   12.114  1.00 63.73  ? 26  GLU A N   1 
ATOM   188  C  CA  . GLU A 1 26  ? 5.092   2.549   13.506  1.00 62.90  ? 26  GLU A CA  1 
ATOM   189  C  C   . GLU A 1 26  ? 4.003   3.059   14.393  1.00 64.40  ? 26  GLU A C   1 
ATOM   190  O  O   . GLU A 1 26  ? 3.506   2.332   15.243  1.00 67.32  ? 26  GLU A O   1 
ATOM   191  C  CB  . GLU A 1 26  ? 6.375   3.286   13.860  1.00 63.75  ? 26  GLU A CB  1 
ATOM   192  C  CG  . GLU A 1 26  ? 6.711   3.146   15.328  1.00 73.24  ? 26  GLU A CG  1 
ATOM   193  C  CD  . GLU A 1 26  ? 7.892   3.999   15.743  1.00 100.00 ? 26  GLU A CD  1 
ATOM   194  O  OE1 . GLU A 1 26  ? 7.924   5.188   15.363  1.00 100.00 ? 26  GLU A OE1 1 
ATOM   195  O  OE2 . GLU A 1 26  ? 8.776   3.462   16.457  1.00 100.00 ? 26  GLU A OE2 1 
ATOM   196  N  N   . ASN A 1 27  ? 3.651   4.322   14.190  1.00 57.06  ? 27  ASN A N   1 
ATOM   197  C  CA  . ASN A 1 27  ? 2.608   4.971   14.947  1.00 56.77  ? 27  ASN A CA  1 
ATOM   198  C  C   . ASN A 1 27  ? 1.408   4.037   15.104  1.00 65.93  ? 27  ASN A C   1 
ATOM   199  O  O   . ASN A 1 27  ? 0.790   4.015   16.154  1.00 71.17  ? 27  ASN A O   1 
ATOM   200  C  CB  . ASN A 1 27  ? 2.168   6.241   14.227  1.00 53.98  ? 27  ASN A CB  1 
ATOM   201  C  CG  . ASN A 1 27  ? 3.059   7.415   14.520  1.00 72.96  ? 27  ASN A CG  1 
ATOM   202  O  OD1 . ASN A 1 27  ? 4.068   7.621   13.843  1.00 46.96  ? 27  ASN A OD1 1 
ATOM   203  N  ND2 . ASN A 1 27  ? 2.678   8.215   15.512  1.00 78.31  ? 27  ASN A ND2 1 
ATOM   204  N  N   . VAL A 1 28  ? 1.086   3.253   14.066  1.00 61.74  ? 28  VAL A N   1 
ATOM   205  C  CA  . VAL A 1 28  ? -0.065  2.325   14.122  1.00 60.86  ? 28  VAL A CA  1 
ATOM   206  C  C   . VAL A 1 28  ? 0.172   1.007   14.863  1.00 71.88  ? 28  VAL A C   1 
ATOM   207  O  O   . VAL A 1 28  ? -0.783  0.308   15.195  1.00 78.73  ? 28  VAL A O   1 
ATOM   208  C  CB  . VAL A 1 28  ? -0.709  1.996   12.696  1.00 59.80  ? 28  VAL A CB  1 
ATOM   209  C  CG1 . VAL A 1 28  ? -2.051  1.299   12.854  1.00 55.19  ? 28  VAL A CG1 1 
ATOM   210  C  CG2 . VAL A 1 28  ? -0.902  3.246   11.858  1.00 59.84  ? 28  VAL A CG2 1 
ATOM   211  N  N   . LEU A 1 29  ? 1.426   0.648   15.115  1.00 66.15  ? 29  LEU A N   1 
ATOM   212  C  CA  . LEU A 1 29  ? 1.704   -0.619  15.815  1.00 67.34  ? 29  LEU A CA  1 
ATOM   213  C  C   . LEU A 1 29  ? 1.859   -0.489  17.335  1.00 76.24  ? 29  LEU A C   1 
ATOM   214  O  O   . LEU A 1 29  ? 2.049   -1.495  18.032  1.00 72.40  ? 29  LEU A O   1 
ATOM   215  C  CB  . LEU A 1 29  ? 2.943   -1.319  15.230  1.00 66.91  ? 29  LEU A CB  1 
ATOM   216  C  CG  . LEU A 1 29  ? 2.959   -1.838  13.786  1.00 66.72  ? 29  LEU A CG  1 
ATOM   217  C  CD1 . LEU A 1 29  ? 2.604   -3.325  13.676  1.00 58.78  ? 29  LEU A CD1 1 
ATOM   218  C  CD2 . LEU A 1 29  ? 2.053   -0.986  12.931  1.00 76.10  ? 29  LEU A CD2 1 
ATOM   219  N  N   . ASN A 1 30  ? 1.772   0.748   17.834  1.00 80.74  ? 30  ASN A N   1 
ATOM   220  C  CA  . ASN A 1 30  ? 1.919   1.061   19.275  1.00 80.42  ? 30  ASN A CA  1 
ATOM   221  C  C   . ASN A 1 30  ? 0.707   1.804   19.986  1.00 82.63  ? 30  ASN A C   1 
ATOM   222  O  O   . ASN A 1 30  ? -0.350  2.000   19.383  1.00 76.88  ? 30  ASN A O   1 
ATOM   223  C  CB  . ASN A 1 30  ? 3.299   1.733   19.493  1.00 67.43  ? 30  ASN A CB  1 
ATOM   224  C  CG  . ASN A 1 30  ? 4.467   0.959   18.771  1.00 63.79  ? 30  ASN A CG  1 
ATOM   225  O  OD1 . ASN A 1 30  ? 4.393   -0.261  18.585  1.00 64.89  ? 30  ASN A OD1 1 
ATOM   226  N  ND2 . ASN A 1 30  ? 5.527   1.677   18.392  1.00 40.66  ? 30  ASN A ND2 1 
ATOM   227  N  N   . ALA A 1 31  ? 0.860   2.181   21.259  1.00 83.88  ? 31  ALA A N   1 
ATOM   228  C  CA  . ALA A 1 31  ? -0.207  2.881   22.035  1.00 85.61  ? 31  ALA A CA  1 
ATOM   229  C  C   . ALA A 1 31  ? -1.474  2.039   22.311  1.00 81.62  ? 31  ALA A C   1 
ATOM   230  O  O   . ALA A 1 31  ? -1.589  0.926   21.776  1.00 75.64  ? 31  ALA A O   1 
ATOM   231  C  CB  . ALA A 1 31  ? -0.552  4.229   21.419  1.00 87.72  ? 31  ALA A CB  1 
ATOM   232  N  N   . SER A 1 32  ? -2.409  2.549   23.132  1.00 78.14  ? 32  SER A N   1 
ATOM   233  C  CA  . SER A 1 32  ? -3.577  1.715   23.509  1.00 84.44  ? 32  SER A CA  1 
ATOM   234  C  C   . SER A 1 32  ? -5.034  2.192   23.316  1.00 96.56  ? 32  SER A C   1 
ATOM   235  O  O   . SER A 1 32  ? -5.813  2.262   24.289  1.00 89.48  ? 32  SER A O   1 
ATOM   236  C  CB  . SER A 1 32  ? -3.421  0.953   24.810  1.00 86.03  ? 32  SER A CB  1 
ATOM   237  N  N   . TYR A 1 33  ? -5.391  2.474   22.051  1.00 100.00 ? 33  TYR A N   1 
ATOM   238  C  CA  . TYR A 1 33  ? -6.738  2.923   21.625  1.00 100.00 ? 33  TYR A CA  1 
ATOM   239  C  C   . TYR A 1 33  ? -7.181  2.231   20.322  1.00 59.61  ? 33  TYR A C   1 
ATOM   240  O  O   . TYR A 1 33  ? -8.325  1.796   20.194  1.00 76.86  ? 33  TYR A O   1 
ATOM   241  C  CB  . TYR A 1 33  ? -6.755  4.442   21.434  1.00 100.00 ? 33  TYR A CB  1 
ATOM   242  N  N   . SER A 1 50  ? -11.700 -3.422  5.224   1.00 69.48  ? 50  SER A N   1 
ATOM   243  C  CA  . SER A 1 50  ? -10.557 -3.275  4.320   1.00 64.53  ? 50  SER A CA  1 
ATOM   244  C  C   . SER A 1 50  ? -10.269 -1.809  4.124   1.00 58.38  ? 50  SER A C   1 
ATOM   245  O  O   . SER A 1 50  ? -11.169 -0.981  4.095   1.00 56.41  ? 50  SER A O   1 
ATOM   246  C  CB  . SER A 1 50  ? -10.869 -3.886  2.969   1.00 62.99  ? 50  SER A CB  1 
ATOM   247  O  OG  . SER A 1 50  ? -11.986 -3.226  2.396   1.00 73.28  ? 50  SER A OG  1 
ATOM   248  N  N   . TYR A 1 51  ? -9.000  -1.492  3.985   1.00 52.44  ? 51  TYR A N   1 
ATOM   249  C  CA  . TYR A 1 51  ? -8.584  -0.122  3.799   1.00 49.80  ? 51  TYR A CA  1 
ATOM   250  C  C   . TYR A 1 51  ? -7.189  -0.301  3.333   1.00 43.79  ? 51  TYR A C   1 
ATOM   251  O  O   . TYR A 1 51  ? -6.792  -1.405  2.974   1.00 41.94  ? 51  TYR A O   1 
ATOM   252  C  CB  . TYR A 1 51  ? -8.519  0.556   5.145   1.00 52.96  ? 51  TYR A CB  1 
ATOM   253  C  CG  . TYR A 1 51  ? -7.867  -0.327  6.180   1.00 63.88  ? 51  TYR A CG  1 
ATOM   254  C  CD1 . TYR A 1 51  ? -8.555  -1.404  6.759   1.00 65.29  ? 51  TYR A CD1 1 
ATOM   255  C  CD2 . TYR A 1 51  ? -6.563  -0.106  6.569   1.00 68.82  ? 51  TYR A CD2 1 
ATOM   256  C  CE1 . TYR A 1 51  ? -7.949  -2.215  7.715   1.00 65.16  ? 51  TYR A CE1 1 
ATOM   257  C  CE2 . TYR A 1 51  ? -5.950  -0.905  7.520   1.00 73.19  ? 51  TYR A CE2 1 
ATOM   258  C  CZ  . TYR A 1 51  ? -6.639  -1.955  8.090   1.00 77.70  ? 51  TYR A CZ  1 
ATOM   259  O  OH  . TYR A 1 51  ? -5.986  -2.725  9.024   1.00 84.38  ? 51  TYR A OH  1 
ATOM   260  N  N   . GLY A 1 52  ? -6.423  0.770   3.355   1.00 32.49  ? 52  GLY A N   1 
ATOM   261  C  CA  . GLY A 1 52  ? -5.065  0.664   2.925   1.00 29.49  ? 52  GLY A CA  1 
ATOM   262  C  C   . GLY A 1 52  ? -4.485  1.977   3.245   1.00 33.96  ? 52  GLY A C   1 
ATOM   263  O  O   . GLY A 1 52  ? -4.996  2.717   4.072   1.00 34.88  ? 52  GLY A O   1 
ATOM   264  N  N   . ALA A 1 53  ? -3.409  2.279   2.569   1.00 28.35  ? 53  ALA A N   1 
ATOM   265  C  CA  . ALA A 1 53  ? -2.751  3.539   2.764   1.00 26.28  ? 53  ALA A CA  1 
ATOM   266  C  C   . ALA A 1 53  ? -1.644  3.477   1.725   1.00 36.81  ? 53  ALA A C   1 
ATOM   267  O  O   . ALA A 1 53  ? -1.444  2.399   1.160   1.00 35.35  ? 53  ALA A O   1 
ATOM   268  C  CB  . ALA A 1 53  ? -2.227  3.605   4.129   1.00 23.70  ? 53  ALA A CB  1 
ATOM   269  N  N   . THR A 1 54  ? -0.958  4.605   1.444   1.00 38.59  ? 54  THR A N   1 
ATOM   270  C  CA  . THR A 1 54  ? 0.153   4.675   0.443   1.00 39.30  ? 54  THR A CA  1 
ATOM   271  C  C   . THR A 1 54  ? 1.361   5.515   0.912   1.00 48.42  ? 54  THR A C   1 
ATOM   272  O  O   . THR A 1 54  ? 1.240   6.350   1.817   1.00 46.68  ? 54  THR A O   1 
ATOM   273  C  CB  . THR A 1 54  ? -0.306  5.203   -0.964  1.00 49.71  ? 54  THR A CB  1 
ATOM   274  O  OG1 . THR A 1 54  ? -0.032  6.605   -1.093  1.00 53.09  ? 54  THR A OG1 1 
ATOM   275  C  CG2 . THR A 1 54  ? -1.776  4.966   -1.193  1.00 56.84  ? 54  THR A CG2 1 
ATOM   276  N  N   . PHE A 1 55  ? 2.526   5.288   0.305   1.00 47.87  ? 55  PHE A N   1 
ATOM   277  C  CA  . PHE A 1 55  ? 3.733   6.039   0.682   1.00 46.96  ? 55  PHE A CA  1 
ATOM   278  C  C   . PHE A 1 55  ? 4.788   6.102   -0.438  1.00 50.26  ? 55  PHE A C   1 
ATOM   279  O  O   . PHE A 1 55  ? 4.688   5.356   -1.429  1.00 48.74  ? 55  PHE A O   1 
ATOM   280  C  CB  . PHE A 1 55  ? 4.289   5.623   2.059   1.00 46.80  ? 55  PHE A CB  1 
ATOM   281  C  CG  . PHE A 1 55  ? 4.708   4.183   2.149   1.00 45.04  ? 55  PHE A CG  1 
ATOM   282  C  CD1 . PHE A 1 55  ? 3.791   3.206   2.442   1.00 43.06  ? 55  PHE A CD1 1 
ATOM   283  C  CD2 . PHE A 1 55  ? 6.024   3.821   1.954   1.00 50.35  ? 55  PHE A CD2 1 
ATOM   284  C  CE1 . PHE A 1 55  ? 4.167   1.891   2.519   1.00 46.65  ? 55  PHE A CE1 1 
ATOM   285  C  CE2 . PHE A 1 55  ? 6.407   2.511   2.041   1.00 52.84  ? 55  PHE A CE2 1 
ATOM   286  C  CZ  . PHE A 1 55  ? 5.469   1.545   2.324   1.00 48.41  ? 55  PHE A CZ  1 
ATOM   287  N  N   . SER A 1 56  ? 5.770   6.998   -0.294  1.00 47.19  ? 56  SER A N   1 
ATOM   288  C  CA  . SER A 1 56  ? 6.832   7.145   -1.320  1.00 46.54  ? 56  SER A CA  1 
ATOM   289  C  C   . SER A 1 56  ? 7.721   5.907   -1.468  1.00 58.47  ? 56  SER A C   1 
ATOM   290  O  O   . SER A 1 56  ? 8.197   5.369   -0.456  1.00 63.11  ? 56  SER A O   1 
ATOM   291  C  CB  . SER A 1 56  ? 7.704   8.399   -1.063  1.00 37.64  ? 56  SER A CB  1 
ATOM   292  O  OG  . SER A 1 56  ? 8.120   9.029   -2.279  1.00 29.87  ? 56  SER A OG  1 
ATOM   293  N  N   . PHE A 1 57  ? 7.940   5.453   -2.715  1.00 51.20  ? 57  PHE A N   1 
ATOM   294  C  CA  . PHE A 1 57  ? 8.791   4.285   -2.963  1.00 46.42  ? 57  PHE A CA  1 
ATOM   295  C  C   . PHE A 1 57  ? 10.208  4.710   -2.767  1.00 47.83  ? 57  PHE A C   1 
ATOM   296  O  O   . PHE A 1 57  ? 10.938  4.965   -3.711  1.00 46.72  ? 57  PHE A O   1 
ATOM   297  C  CB  . PHE A 1 57  ? 8.671   3.736   -4.372  1.00 45.50  ? 57  PHE A CB  1 
ATOM   298  C  CG  . PHE A 1 57  ? 9.664   2.627   -4.666  1.00 43.27  ? 57  PHE A CG  1 
ATOM   299  C  CD1 . PHE A 1 57  ? 9.493   1.355   -4.118  1.00 44.56  ? 57  PHE A CD1 1 
ATOM   300  C  CD2 . PHE A 1 57  ? 10.765  2.847   -5.485  1.00 39.53  ? 57  PHE A CD2 1 
ATOM   301  C  CE1 . PHE A 1 57  ? 10.396  0.320   -4.384  1.00 41.48  ? 57  PHE A CE1 1 
ATOM   302  C  CE2 . PHE A 1 57  ? 11.664  1.821   -5.753  1.00 40.28  ? 57  PHE A CE2 1 
ATOM   303  C  CZ  . PHE A 1 57  ? 11.467  0.554   -5.202  1.00 38.91  ? 57  PHE A CZ  1 
ATOM   304  N  N   . GLN A 1 58  ? 10.592  4.801   -1.516  1.00 48.19  ? 58  GLN A N   1 
ATOM   305  C  CA  . GLN A 1 58  ? 11.920  5.192   -1.205  1.00 49.25  ? 58  GLN A CA  1 
ATOM   306  C  C   . GLN A 1 58  ? 12.665  3.929   -0.900  1.00 48.82  ? 58  GLN A C   1 
ATOM   307  O  O   . GLN A 1 58  ? 12.078  2.884   -0.582  1.00 41.59  ? 58  GLN A O   1 
ATOM   308  C  CB  . GLN A 1 58  ? 11.938  6.130   0.005   1.00 53.29  ? 58  GLN A CB  1 
ATOM   309  C  CG  . GLN A 1 58  ? 12.526  7.493   -0.290  1.00 60.17  ? 58  GLN A CG  1 
ATOM   310  C  CD  . GLN A 1 58  ? 12.235  7.926   -1.696  1.00 78.95  ? 58  GLN A CD  1 
ATOM   311  O  OE1 . GLN A 1 58  ? 13.097  8.460   -2.389  1.00 100.00 ? 58  GLN A OE1 1 
ATOM   312  N  NE2 . GLN A 1 58  ? 11.018  7.679   -2.135  1.00 65.34  ? 58  GLN A NE2 1 
ATOM   313  N  N   . PRO A 1 59  ? 13.968  4.056   -1.012  1.00 53.52  ? 59  PRO A N   1 
ATOM   314  C  CA  . PRO A 1 59  ? 14.942  2.998   -0.767  1.00 59.58  ? 59  PRO A CA  1 
ATOM   315  C  C   . PRO A 1 59  ? 15.042  2.713   0.734   1.00 76.20  ? 59  PRO A C   1 
ATOM   316  O  O   . PRO A 1 59  ? 16.141  2.460   1.254   1.00 77.34  ? 59  PRO A O   1 
ATOM   317  C  CB  . PRO A 1 59  ? 16.239  3.656   -1.202  1.00 60.82  ? 59  PRO A CB  1 
ATOM   318  C  CG  . PRO A 1 59  ? 15.993  5.128   -0.919  1.00 63.21  ? 59  PRO A CG  1 
ATOM   319  C  CD  . PRO A 1 59  ? 14.601  5.330   -1.380  1.00 55.84  ? 59  PRO A CD  1 
ATOM   320  N  N   . TYR A 1 60  ? 13.901  2.781   1.402   1.00 75.11  ? 60  TYR A N   1 
ATOM   321  C  CA  . TYR A 1 60  ? 13.737  2.585   2.841   1.00 71.14  ? 60  TYR A CA  1 
ATOM   322  C  C   . TYR A 1 60  ? 14.715  1.843   3.741   1.00 75.32  ? 60  TYR A C   1 
ATOM   323  O  O   . TYR A 1 60  ? 15.512  1.021   3.301   1.00 75.55  ? 60  TYR A O   1 
ATOM   324  C  CB  . TYR A 1 60  ? 12.309  2.136   3.153   1.00 67.34  ? 60  TYR A CB  1 
ATOM   325  C  CG  . TYR A 1 60  ? 11.349  3.255   3.026   1.00 59.01  ? 60  TYR A CG  1 
ATOM   326  C  CD1 . TYR A 1 60  ? 11.569  4.427   3.709   1.00 56.99  ? 60  TYR A CD1 1 
ATOM   327  C  CD2 . TYR A 1 60  ? 10.228  3.154   2.212   1.00 59.11  ? 60  TYR A CD2 1 
ATOM   328  C  CE1 . TYR A 1 60  ? 10.700  5.468   3.612   1.00 58.40  ? 60  TYR A CE1 1 
ATOM   329  C  CE2 . TYR A 1 60  ? 9.341   4.198   2.106   1.00 54.57  ? 60  TYR A CE2 1 
ATOM   330  C  CZ  . TYR A 1 60  ? 9.593   5.359   2.818   1.00 66.21  ? 60  TYR A CZ  1 
ATOM   331  O  OH  . TYR A 1 60  ? 8.759   6.442   2.752   1.00 70.09  ? 60  TYR A OH  1 
ATOM   332  N  N   . THR A 1 61  ? 14.620  2.175   5.031   1.00 74.81  ? 61  THR A N   1 
ATOM   333  C  CA  . THR A 1 61  ? 15.426  1.611   6.114   1.00 74.16  ? 61  THR A CA  1 
ATOM   334  C  C   . THR A 1 61  ? 14.788  2.203   7.346   1.00 79.33  ? 61  THR A C   1 
ATOM   335  O  O   . THR A 1 61  ? 15.024  3.370   7.618   1.00 81.27  ? 61  THR A O   1 
ATOM   336  C  CB  . THR A 1 61  ? 16.848  2.159   6.092   1.00 73.08  ? 61  THR A CB  1 
ATOM   337  O  OG1 . THR A 1 61  ? 17.531  1.719   4.920   1.00 92.82  ? 61  THR A OG1 1 
ATOM   338  C  CG2 . THR A 1 61  ? 17.584  1.723   7.304   1.00 61.52  ? 61  THR A CG2 1 
ATOM   339  N  N   . SER A 1 62  ? 13.971  1.428   8.052   1.00 77.76  ? 62  SER A N   1 
ATOM   340  C  CA  . SER A 1 62  ? 13.256  1.863   9.281   1.00 79.21  ? 62  SER A CA  1 
ATOM   341  C  C   . SER A 1 62  ? 11.802  2.232   9.074   1.00 79.67  ? 62  SER A C   1 
ATOM   342  O  O   . SER A 1 62  ? 11.467  2.970   8.151   1.00 82.00  ? 62  SER A O   1 
ATOM   343  C  CB  . SER A 1 62  ? 13.907  3.041   10.028  1.00 85.96  ? 62  SER A CB  1 
ATOM   344  O  OG  . SER A 1 62  ? 15.295  2.872   10.231  1.00 100.00 ? 62  SER A OG  1 
ATOM   345  N  N   . ILE A 1 63  ? 10.951  1.740   9.963   1.00 69.40  ? 63  ILE A N   1 
ATOM   346  C  CA  . ILE A 1 63  ? 9.546   2.043   9.910   1.00 67.61  ? 63  ILE A CA  1 
ATOM   347  C  C   . ILE A 1 63  ? 9.514   3.368   10.607  1.00 71.63  ? 63  ILE A C   1 
ATOM   348  O  O   . ILE A 1 63  ? 8.495   4.045   10.667  1.00 73.12  ? 63  ILE A O   1 
ATOM   349  C  CB  . ILE A 1 63  ? 8.778   1.082   10.772  1.00 70.24  ? 63  ILE A CB  1 
ATOM   350  C  CG1 . ILE A 1 63  ? 9.425   -0.297  10.699  1.00 70.70  ? 63  ILE A CG1 1 
ATOM   351  C  CG2 . ILE A 1 63  ? 7.327   1.066   10.362  1.00 70.53  ? 63  ILE A CG2 1 
ATOM   352  C  CD1 . ILE A 1 63  ? 8.423   -1.432  10.645  1.00 79.09  ? 63  ILE A CD1 1 
ATOM   353  N  N   . ASP A 1 64  ? 10.670  3.717   11.144  1.00 68.49  ? 64  ASP A N   1 
ATOM   354  C  CA  . ASP A 1 64  ? 10.865  4.955   11.872  1.00 72.03  ? 64  ASP A CA  1 
ATOM   355  C  C   . ASP A 1 64  ? 11.033  6.004   10.833  1.00 72.23  ? 64  ASP A C   1 
ATOM   356  O  O   . ASP A 1 64  ? 10.887  7.195   11.081  1.00 73.58  ? 64  ASP A O   1 
ATOM   357  C  CB  . ASP A 1 64  ? 12.188  4.893   12.665  1.00 78.15  ? 64  ASP A CB  1 
ATOM   358  C  CG  . ASP A 1 64  ? 12.327  3.613   13.500  1.00 100.00 ? 64  ASP A CG  1 
ATOM   359  O  OD1 . ASP A 1 64  ? 12.277  2.498   12.932  1.00 100.00 ? 64  ASP A OD1 1 
ATOM   360  O  OD2 . ASP A 1 64  ? 12.496  3.743   14.740  1.00 100.00 ? 64  ASP A OD2 1 
ATOM   361  N  N   . GLU A 1 65  ? 11.372  5.548   9.653   1.00 67.33  ? 65  GLU A N   1 
ATOM   362  C  CA  . GLU A 1 65  ? 11.593  6.452   8.559   1.00 69.91  ? 65  GLU A CA  1 
ATOM   363  C  C   . GLU A 1 65  ? 10.341  6.549   7.678   1.00 77.81  ? 65  GLU A C   1 
ATOM   364  O  O   . GLU A 1 65  ? 9.980   7.635   7.214   1.00 79.56  ? 65  GLU A O   1 
ATOM   365  C  CB  . GLU A 1 65  ? 12.792  5.947   7.773   1.00 71.09  ? 65  GLU A CB  1 
ATOM   366  C  CG  . GLU A 1 65  ? 13.452  6.963   6.900   1.00 85.81  ? 65  GLU A CG  1 
ATOM   367  C  CD  . GLU A 1 65  ? 14.154  6.296   5.690   1.00 100.00 ? 65  GLU A CD  1 
ATOM   368  O  OE1 . GLU A 1 65  ? 15.076  5.471   5.921   1.00 100.00 ? 65  GLU A OE1 1 
ATOM   369  O  OE2 . GLU A 1 65  ? 13.765  6.580   4.527   1.00 100.00 ? 65  GLU A OE2 1 
ATOM   370  N  N   . MET A 1 66  ? 9.681   5.405   7.461   1.00 72.03  ? 66  MET A N   1 
ATOM   371  C  CA  . MET A 1 66  ? 8.454   5.327   6.652   1.00 64.94  ? 66  MET A CA  1 
ATOM   372  C  C   . MET A 1 66  ? 7.355   6.144   7.320   1.00 73.71  ? 66  MET A C   1 
ATOM   373  O  O   . MET A 1 66  ? 7.145   6.084   8.535   1.00 74.99  ? 66  MET A O   1 
ATOM   374  C  CB  . MET A 1 66  ? 7.922   3.876   6.545   1.00 61.36  ? 66  MET A CB  1 
ATOM   375  C  CG  . MET A 1 66  ? 8.790   2.887   5.830   1.00 59.84  ? 66  MET A CG  1 
ATOM   376  S  SD  . MET A 1 66  ? 8.072   1.248   6.004   1.00 62.23  ? 66  MET A SD  1 
ATOM   377  C  CE  . MET A 1 66  ? 6.455   1.576   5.496   1.00 58.07  ? 66  MET A CE  1 
ATOM   378  N  N   . THR A 1 67  ? 6.632   6.891   6.515   1.00 71.54  ? 67  THR A N   1 
ATOM   379  C  CA  . THR A 1 67  ? 5.552   7.684   7.038   1.00 70.25  ? 67  THR A CA  1 
ATOM   380  C  C   . THR A 1 67  ? 4.473   7.732   5.964   1.00 72.12  ? 67  THR A C   1 
ATOM   381  O  O   . THR A 1 67  ? 4.735   8.158   4.842   1.00 73.45  ? 67  THR A O   1 
ATOM   382  C  CB  . THR A 1 67  ? 6.031   9.057   7.508   1.00 64.71  ? 67  THR A CB  1 
ATOM   383  O  OG1 . THR A 1 67  ? 5.558   9.295   8.845   1.00 90.72  ? 67  THR A OG1 1 
ATOM   384  C  CG2 . THR A 1 67  ? 5.553   10.147  6.581   1.00 35.93  ? 67  THR A CG2 1 
ATOM   385  N  N   . TYR A 1 68  ? 3.279   7.248   6.302   1.00 64.67  ? 68  TYR A N   1 
ATOM   386  C  CA  . TYR A 1 68  ? 2.145   7.210   5.370   1.00 60.99  ? 68  TYR A CA  1 
ATOM   387  C  C   . TYR A 1 68  ? 1.803   8.565   4.719   1.00 57.13  ? 68  TYR A C   1 
ATOM   388  O  O   . TYR A 1 68  ? 2.061   9.634   5.296   1.00 60.59  ? 68  TYR A O   1 
ATOM   389  C  CB  . TYR A 1 68  ? 0.903   6.663   6.072   1.00 60.46  ? 68  TYR A CB  1 
ATOM   390  C  CG  . TYR A 1 68  ? 0.975   5.207   6.461   1.00 63.97  ? 68  TYR A CG  1 
ATOM   391  C  CD1 . TYR A 1 68  ? 1.796   4.313   5.778   1.00 63.75  ? 68  TYR A CD1 1 
ATOM   392  C  CD2 . TYR A 1 68  ? 0.207   4.723   7.521   1.00 66.83  ? 68  TYR A CD2 1 
ATOM   393  C  CE1 . TYR A 1 68  ? 1.843   2.975   6.147   1.00 65.59  ? 68  TYR A CE1 1 
ATOM   394  C  CE2 . TYR A 1 68  ? 0.249   3.397   7.895   1.00 68.42  ? 68  TYR A CE2 1 
ATOM   395  C  CZ  . TYR A 1 68  ? 1.063   2.524   7.211   1.00 78.18  ? 68  TYR A CZ  1 
ATOM   396  O  OH  . TYR A 1 68  ? 1.090   1.204   7.610   1.00 87.80  ? 68  TYR A OH  1 
ATOM   397  N  N   . ARG A 1 69  ? 1.213   8.506   3.525   1.00 40.57  ? 69  ARG A N   1 
ATOM   398  C  CA  . ARG A 1 69  ? 0.834   9.711   2.793   1.00 38.17  ? 69  ARG A CA  1 
ATOM   399  C  C   . ARG A 1 69  ? -0.691  9.902   2.638   1.00 42.38  ? 69  ARG A C   1 
ATOM   400  O  O   . ARG A 1 69  ? -1.224  10.984  2.824   1.00 43.22  ? 69  ARG A O   1 
ATOM   401  C  CB  . ARG A 1 69  ? 1.501   9.706   1.439   1.00 36.51  ? 69  ARG A CB  1 
ATOM   402  C  CG  . ARG A 1 69  ? 0.617   10.170  0.321   1.00 46.04  ? 69  ARG A CG  1 
ATOM   403  C  CD  . ARG A 1 69  ? 1.359   10.022  -0.963  1.00 50.42  ? 69  ARG A CD  1 
ATOM   404  N  NE  . ARG A 1 69  ? 2.094   11.227  -1.323  1.00 72.65  ? 69  ARG A NE  1 
ATOM   405  C  CZ  . ARG A 1 69  ? 3.290   11.236  -1.905  1.00 90.07  ? 69  ARG A CZ  1 
ATOM   406  N  NH1 . ARG A 1 69  ? 3.923   10.096  -2.200  1.00 47.80  ? 69  ARG A NH1 1 
ATOM   407  N  NH2 . ARG A 1 69  ? 3.852   12.402  -2.189  1.00 100.00 ? 69  ARG A NH2 1 
ATOM   408  N  N   . HIS A 1 70  ? -1.390  8.841   2.290   1.00 33.42  ? 70  HIS A N   1 
ATOM   409  C  CA  . HIS A 1 70  ? -2.810  8.931   2.146   1.00 28.84  ? 70  HIS A CA  1 
ATOM   410  C  C   . HIS A 1 70  ? -3.349  7.641   2.725   1.00 33.73  ? 70  HIS A C   1 
ATOM   411  O  O   . HIS A 1 70  ? -2.717  6.594   2.683   1.00 31.73  ? 70  HIS A O   1 
ATOM   412  C  CB  . HIS A 1 70  ? -3.172  9.083   0.697   1.00 30.43  ? 70  HIS A CB  1 
ATOM   413  C  CG  . HIS A 1 70  ? -3.020  10.476  0.184   1.00 34.99  ? 70  HIS A CG  1 
ATOM   414  N  ND1 . HIS A 1 70  ? -2.422  10.758  -1.026  1.00 34.96  ? 70  HIS A ND1 1 
ATOM   415  C  CD2 . HIS A 1 70  ? -3.402  11.668  0.707   1.00 38.78  ? 70  HIS A CD2 1 
ATOM   416  C  CE1 . HIS A 1 70  ? -2.435  12.066  -1.219  1.00 35.22  ? 70  HIS A CE1 1 
ATOM   417  N  NE2 . HIS A 1 70  ? -3.027  12.641  -0.187  1.00 36.37  ? 70  HIS A NE2 1 
ATOM   418  N  N   . ILE A 1 71  ? -4.519  7.719   3.295   1.00 34.70  ? 71  ILE A N   1 
ATOM   419  C  CA  . ILE A 1 71  ? -5.095  6.554   3.885   1.00 35.22  ? 71  ILE A CA  1 
ATOM   420  C  C   . ILE A 1 71  ? -6.368  6.339   3.138   1.00 33.44  ? 71  ILE A C   1 
ATOM   421  O  O   . ILE A 1 71  ? -7.091  7.300   2.862   1.00 31.16  ? 71  ILE A O   1 
ATOM   422  C  CB  . ILE A 1 71  ? -5.405  6.835   5.351   1.00 40.95  ? 71  ILE A CB  1 
ATOM   423  C  CG1 . ILE A 1 71  ? -4.127  7.261   6.059   1.00 40.88  ? 71  ILE A CG1 1 
ATOM   424  C  CG2 . ILE A 1 71  ? -5.909  5.594   5.999   1.00 49.85  ? 71  ILE A CG2 1 
ATOM   425  C  CD1 . ILE A 1 71  ? -2.952  6.452   5.613   1.00 47.59  ? 71  ILE A CD1 1 
ATOM   426  N  N   . PHE A 1 72  ? -6.661  5.091   2.797   1.00 30.60  ? 72  PHE A N   1 
ATOM   427  C  CA  . PHE A 1 72  ? -7.876  4.849   2.055   1.00 29.13  ? 72  PHE A CA  1 
ATOM   428  C  C   . PHE A 1 72  ? -8.688  3.633   2.346   1.00 37.95  ? 72  PHE A C   1 
ATOM   429  O  O   . PHE A 1 72  ? -8.276  2.692   3.038   1.00 40.76  ? 72  PHE A O   1 
ATOM   430  C  CB  . PHE A 1 72  ? -7.594  4.848   0.569   1.00 29.31  ? 72  PHE A CB  1 
ATOM   431  C  CG  . PHE A 1 72  ? -6.692  3.729   0.128   1.00 27.75  ? 72  PHE A CG  1 
ATOM   432  C  CD1 . PHE A 1 72  ? -7.194  2.484   -0.154  1.00 29.48  ? 72  PHE A CD1 1 
ATOM   433  C  CD2 . PHE A 1 72  ? -5.341  3.937   -0.006  1.00 24.71  ? 72  PHE A CD2 1 
ATOM   434  C  CE1 . PHE A 1 72  ? -6.359  1.457   -0.574  1.00 28.75  ? 72  PHE A CE1 1 
ATOM   435  C  CE2 . PHE A 1 72  ? -4.515  2.923   -0.417  1.00 27.48  ? 72  PHE A CE2 1 
ATOM   436  C  CZ  . PHE A 1 72  ? -5.028  1.677   -0.702  1.00 25.55  ? 72  PHE A CZ  1 
ATOM   437  N  N   . THR A 1 73  ? -9.868  3.701   1.745   1.00 35.17  ? 73  THR A N   1 
ATOM   438  C  CA  . THR A 1 73  ? -10.908 2.696   1.808   1.00 38.24  ? 73  THR A CA  1 
ATOM   439  C  C   . THR A 1 73  ? -11.492 2.664   0.385   1.00 50.31  ? 73  THR A C   1 
ATOM   440  O  O   . THR A 1 73  ? -11.572 3.698   -0.286  1.00 53.65  ? 73  THR A O   1 
ATOM   441  C  CB  . THR A 1 73  ? -11.986 3.089   2.785   1.00 51.18  ? 73  THR A CB  1 
ATOM   442  O  OG1 . THR A 1 73  ? -13.257 2.830   2.189   1.00 72.48  ? 73  THR A OG1 1 
ATOM   443  C  CG2 . THR A 1 73  ? -11.884 4.583   3.106   1.00 62.72  ? 73  THR A CG2 1 
ATOM   444  N  N   . PRO A 1 74  ? -11.936 1.411   -0.036  1.00 47.12  ? 74  PRO A N   1 
ATOM   445  C  CA  . PRO A 1 74  ? -12.431 1.127   -1.364  1.00 47.12  ? 74  PRO A CA  1 
ATOM   446  C  C   . PRO A 1 74  ? -13.873 1.225   -1.441  1.00 53.95  ? 74  PRO A C   1 
ATOM   447  O  O   . PRO A 1 74  ? -14.557 1.174   -0.381  1.00 54.49  ? 74  PRO A O   1 
ATOM   448  C  CB  . PRO A 1 74  ? -11.928 -0.304  -1.619  1.00 49.50  ? 74  PRO A CB  1 
ATOM   449  C  CG  . PRO A 1 74  ? -11.437 -0.824  -0.290  1.00 52.80  ? 74  PRO A CG  1 
ATOM   450  C  CD  . PRO A 1 74  ? -11.816 0.189   0.746   1.00 49.44  ? 74  PRO A CD  1 
ATOM   451  N  N   . VAL A 1 75  ? -14.358 1.338   -2.651  1.00 53.96  ? 75  VAL A N   1 
ATOM   452  C  CA  . VAL A 1 75  ? -15.757 1.561   -2.731  1.00 54.25  ? 75  VAL A CA  1 
ATOM   453  C  C   . VAL A 1 75  ? -16.562 0.373   -3.167  1.00 74.06  ? 75  VAL A C   1 
ATOM   454  O  O   . VAL A 1 75  ? -16.202 -0.397  -4.095  1.00 75.66  ? 75  VAL A O   1 
ATOM   455  C  CB  . VAL A 1 75  ? -16.098 2.852   -3.463  1.00 54.41  ? 75  VAL A CB  1 
ATOM   456  C  CG1 . VAL A 1 75  ? -14.916 3.817   -3.528  1.00 54.18  ? 75  VAL A CG1 1 
ATOM   457  C  CG2 . VAL A 1 75  ? -16.606 2.677   -4.877  1.00 53.99  ? 75  VAL A CG2 1 
ATOM   458  N  N   . LEU A 1 76  ? -17.529 0.450   -2.348  1.00 79.02  ? 76  LEU A N   1 
ATOM   459  C  CA  . LEU A 1 76  ? -18.638 -0.355  -2.228  1.00 80.70  ? 76  LEU A CA  1 
ATOM   460  C  C   . LEU A 1 76  ? -19.846 0.605   -2.161  1.00 95.61  ? 76  LEU A C   1 
ATOM   461  O  O   . LEU A 1 76  ? -20.338 0.901   -1.070  1.00 100.00 ? 76  LEU A O   1 
ATOM   462  C  CB  . LEU A 1 76  ? -18.520 -1.174  -0.941  1.00 80.38  ? 76  LEU A CB  1 
ATOM   463  N  N   . THR A 1 77  ? -20.271 1.110   -3.334  1.00 92.24  ? 77  THR A N   1 
ATOM   464  C  CA  . THR A 1 77  ? -21.414 2.050   -3.537  1.00 72.71  ? 77  THR A CA  1 
ATOM   465  C  C   . THR A 1 77  ? -21.405 2.753   -4.918  1.00 100.00 ? 77  THR A C   1 
ATOM   466  O  O   . THR A 1 77  ? -21.233 2.135   -5.984  1.00 68.99  ? 77  THR A O   1 
ATOM   467  C  CB  . THR A 1 77  ? -21.612 3.154   -2.416  1.00 80.51  ? 77  THR A CB  1 
ATOM   468  O  OG1 . THR A 1 77  ? -22.217 4.320   -3.002  1.00 89.38  ? 77  THR A OG1 1 
ATOM   469  C  CG2 . THR A 1 77  ? -20.300 3.579   -1.751  1.00 81.07  ? 77  THR A CG2 1 
ATOM   470  N  N   . ILE A 1 81  ? -23.988 9.561   -8.612  1.00 92.31  ? 81  ILE A N   1 
ATOM   471  C  CA  . ILE A 1 81  ? -24.234 8.876   -7.326  1.00 94.50  ? 81  ILE A CA  1 
ATOM   472  C  C   . ILE A 1 81  ? -24.056 9.838   -6.156  1.00 100.00 ? 81  ILE A C   1 
ATOM   473  O  O   . ILE A 1 81  ? -24.862 10.762  -6.027  1.00 100.00 ? 81  ILE A O   1 
ATOM   474  C  CB  . ILE A 1 81  ? -23.322 7.688   -7.162  1.00 96.70  ? 81  ILE A CB  1 
ATOM   475  N  N   . SER A 1 82  ? -23.008 9.630   -5.332  1.00 98.90  ? 82  SER A N   1 
ATOM   476  C  CA  . SER A 1 82  ? -22.700 10.513  -4.180  1.00 98.19  ? 82  SER A CA  1 
ATOM   477  C  C   . SER A 1 82  ? -21.744 9.977   -3.092  1.00 99.02  ? 82  SER A C   1 
ATOM   478  O  O   . SER A 1 82  ? -20.916 9.064   -3.313  1.00 90.55  ? 82  SER A O   1 
ATOM   479  C  CB  . SER A 1 82  ? -23.976 11.032  -3.483  1.00 98.15  ? 82  SER A CB  1 
ATOM   480  N  N   . SER A 1 83  ? -21.866 10.665  -1.939  1.00 98.30  ? 83  SER A N   1 
ATOM   481  C  CA  . SER A 1 83  ? -21.415 10.094  -0.605  1.00 98.92  ? 83  SER A CA  1 
ATOM   482  C  C   . SER A 1 83  ? -20.496 11.008  0.240   1.00 98.80  ? 83  SER A C   1 
ATOM   483  O  O   . SER A 1 83  ? -20.634 11.049  1.490   1.00 99.92  ? 83  SER A O   1 
ATOM   484  C  CB  . SER A 1 83  ? -20.884 8.611   -0.645  1.00 99.44  ? 83  SER A CB  1 
ATOM   485  N  N   . ILE A 1 84  ? -19.607 11.758  -0.420  1.00 88.76  ? 84  ILE A N   1 
ATOM   486  C  CA  . ILE A 1 84  ? -18.693 12.629  0.377   1.00 81.81  ? 84  ILE A CA  1 
ATOM   487  C  C   . ILE A 1 84  ? -18.644 14.142  0.517   1.00 74.66  ? 84  ILE A C   1 
ATOM   488  O  O   . ILE A 1 84  ? -19.416 14.926  -0.063  1.00 71.98  ? 84  ILE A O   1 
ATOM   489  C  CB  . ILE A 1 84  ? -17.273 12.234  0.024   1.00 83.89  ? 84  ILE A CB  1 
ATOM   490  C  CG1 . ILE A 1 84  ? -16.991 12.610  -1.429  1.00 84.52  ? 84  ILE A CG1 1 
ATOM   491  C  CG2 . ILE A 1 84  ? -17.128 10.739  0.149   1.00 87.63  ? 84  ILE A CG2 1 
ATOM   492  C  CD1 . ILE A 1 84  ? -17.215 11.499  -2.434  1.00 82.51  ? 84  ILE A CD1 1 
ATOM   493  N  N   . THR A 1 85  ? -17.640 14.493  1.326   1.00 68.61  ? 85  THR A N   1 
ATOM   494  C  CA  . THR A 1 85  ? -17.244 15.837  1.710   1.00 68.18  ? 85  THR A CA  1 
ATOM   495  C  C   . THR A 1 85  ? -15.997 16.243  0.879   1.00 70.22  ? 85  THR A C   1 
ATOM   496  O  O   . THR A 1 85  ? -15.580 15.519  -0.015  1.00 77.94  ? 85  THR A O   1 
ATOM   497  C  CB  . THR A 1 85  ? -16.968 15.935  3.284   1.00 68.76  ? 85  THR A CB  1 
ATOM   498  O  OG1 . THR A 1 85  ? -15.610 16.293  3.559   1.00 80.45  ? 85  THR A OG1 1 
ATOM   499  C  CG2 . THR A 1 85  ? -17.275 14.633  4.001   1.00 51.35  ? 85  THR A CG2 1 
ATOM   500  N  N   . PRO A 1 86  ? -15.414 17.396  1.165   1.00 56.38  ? 86  PRO A N   1 
ATOM   501  C  CA  . PRO A 1 86  ? -14.249 17.842  0.437   1.00 54.55  ? 86  PRO A CA  1 
ATOM   502  C  C   . PRO A 1 86  ? -12.976 17.471  1.135   1.00 55.97  ? 86  PRO A C   1 
ATOM   503  O  O   . PRO A 1 86  ? -11.902 17.771  0.655   1.00 59.53  ? 86  PRO A O   1 
ATOM   504  C  CB  . PRO A 1 86  ? -14.393 19.352  0.473   1.00 56.90  ? 86  PRO A CB  1 
ATOM   505  C  CG  . PRO A 1 86  ? -15.171 19.607  1.691   1.00 60.78  ? 86  PRO A CG  1 
ATOM   506  C  CD  . PRO A 1 86  ? -16.176 18.528  1.696   1.00 55.36  ? 86  PRO A CD  1 
ATOM   507  N  N   . ASP A 1 87  ? -13.075 16.840  2.284   1.00 52.89  ? 87  ASP A N   1 
ATOM   508  C  CA  . ASP A 1 87  ? -11.870 16.454  2.983   1.00 56.93  ? 87  ASP A CA  1 
ATOM   509  C  C   . ASP A 1 87  ? -11.510 15.048  2.451   1.00 65.19  ? 87  ASP A C   1 
ATOM   510  O  O   . ASP A 1 87  ? -10.491 14.455  2.830   1.00 69.93  ? 87  ASP A O   1 
ATOM   511  C  CB  . ASP A 1 87  ? -12.079 16.512  4.507   1.00 61.31  ? 87  ASP A CB  1 
ATOM   512  C  CG  . ASP A 1 87  ? -13.145 15.547  4.996   1.00 87.15  ? 87  ASP A CG  1 
ATOM   513  O  OD1 . ASP A 1 87  ? -13.572 14.660  4.234   1.00 100.00 ? 87  ASP A OD1 1 
ATOM   514  O  OD2 . ASP A 1 87  ? -13.546 15.674  6.166   1.00 90.83  ? 87  ASP A OD2 1 
ATOM   515  N  N   . MET A 1 88  ? -12.372 14.536  1.560   1.00 57.01  ? 88  MET A N   1 
ATOM   516  C  CA  . MET A 1 88  ? -12.194 13.226  0.930   1.00 54.39  ? 88  MET A CA  1 
ATOM   517  C  C   . MET A 1 88  ? -12.228 13.299  -0.602  1.00 59.69  ? 88  MET A C   1 
ATOM   518  O  O   . MET A 1 88  ? -12.948 14.128  -1.190  1.00 64.45  ? 88  MET A O   1 
ATOM   519  C  CB  . MET A 1 88  ? -13.264 12.294  1.390   1.00 56.84  ? 88  MET A CB  1 
ATOM   520  C  CG  . MET A 1 88  ? -13.031 11.775  2.725   1.00 66.54  ? 88  MET A CG  1 
ATOM   521  S  SD  . MET A 1 88  ? -14.589 11.140  3.208   1.00 80.48  ? 88  MET A SD  1 
ATOM   522  C  CE  . MET A 1 88  ? -15.028 12.315  4.550   1.00 81.24  ? 88  MET A CE  1 
ATOM   523  N  N   . GLU A 1 89  ? -11.451 12.441  -1.259  1.00 49.26  ? 89  GLU A N   1 
ATOM   524  C  CA  . GLU A 1 89  ? -11.404 12.461  -2.718  1.00 46.92  ? 89  GLU A CA  1 
ATOM   525  C  C   . GLU A 1 89  ? -11.805 11.175  -3.352  1.00 43.78  ? 89  GLU A C   1 
ATOM   526  O  O   . GLU A 1 89  ? -11.207 10.136  -3.074  1.00 43.31  ? 89  GLU A O   1 
ATOM   527  C  CB  . GLU A 1 89  ? -9.983  12.823  -3.173  1.00 47.83  ? 89  GLU A CB  1 
ATOM   528  C  CG  . GLU A 1 89  ? -9.725  12.715  -4.674  1.00 56.04  ? 89  GLU A CG  1 
ATOM   529  C  CD  . GLU A 1 89  ? -8.252  12.949  -5.023  1.00 74.15  ? 89  GLU A CD  1 
ATOM   530  O  OE1 . GLU A 1 89  ? -7.379  12.520  -4.247  1.00 53.60  ? 89  GLU A OE1 1 
ATOM   531  O  OE2 . GLU A 1 89  ? -7.958  13.602  -6.047  1.00 58.61  ? 89  GLU A OE2 1 
ATOM   532  N  N   . ILE A 1 90  ? -12.815 11.218  -4.212  1.00 34.60  ? 90  ILE A N   1 
ATOM   533  C  CA  . ILE A 1 90  ? -13.191 9.980   -4.871  1.00 33.61  ? 90  ILE A CA  1 
ATOM   534  C  C   . ILE A 1 90  ? -12.074 9.794   -5.866  1.00 41.20  ? 90  ILE A C   1 
ATOM   535  O  O   . ILE A 1 90  ? -11.754 10.727  -6.603  1.00 45.15  ? 90  ILE A O   1 
ATOM   536  C  CB  . ILE A 1 90  ? -14.409 10.136  -5.725  1.00 36.55  ? 90  ILE A CB  1 
ATOM   537  C  CG1 . ILE A 1 90  ? -15.448 11.030  -5.053  1.00 41.00  ? 90  ILE A CG1 1 
ATOM   538  C  CG2 . ILE A 1 90  ? -14.952 8.774   -6.084  1.00 33.30  ? 90  ILE A CG2 1 
ATOM   539  C  CD1 . ILE A 1 90  ? -16.727 11.208  -5.896  1.00 62.64  ? 90  ILE A CD1 1 
ATOM   540  N  N   . THR A 1 91  ? -11.471 8.614   -5.903  1.00 32.30  ? 91  THR A N   1 
ATOM   541  C  CA  . THR A 1 91  ? -10.383 8.378   -6.859  1.00 29.10  ? 91  THR A CA  1 
ATOM   542  C  C   . THR A 1 91  ? -10.227 6.883   -7.050  1.00 38.11  ? 91  THR A C   1 
ATOM   543  O  O   . THR A 1 91  ? -11.159 6.136   -6.743  1.00 42.28  ? 91  THR A O   1 
ATOM   544  C  CB  . THR A 1 91  ? -9.084  9.040   -6.399  1.00 37.87  ? 91  THR A CB  1 
ATOM   545  O  OG1 . THR A 1 91  ? -8.214  9.240   -7.513  1.00 37.81  ? 91  THR A OG1 1 
ATOM   546  C  CG2 . THR A 1 91  ? -8.404  8.206   -5.383  1.00 47.61  ? 91  THR A CG2 1 
ATOM   547  N  N   . THR A 1 92  ? -9.090  6.410   -7.566  1.00 30.89  ? 92  THR A N   1 
ATOM   548  C  CA  . THR A 1 92  ? -8.939  4.953   -7.744  1.00 29.43  ? 92  THR A CA  1 
ATOM   549  C  C   . THR A 1 92  ? -7.521  4.480   -7.924  1.00 27.30  ? 92  THR A C   1 
ATOM   550  O  O   . THR A 1 92  ? -6.613  5.279   -7.983  1.00 28.28  ? 92  THR A O   1 
ATOM   551  C  CB  . THR A 1 92  ? -9.576  4.464   -9.020  1.00 49.50  ? 92  THR A CB  1 
ATOM   552  O  OG1 . THR A 1 92  ? -8.626  4.628   -10.071 1.00 36.65  ? 92  THR A OG1 1 
ATOM   553  C  CG2 . THR A 1 92  ? -10.860 5.211   -9.356  1.00 64.21  ? 92  THR A CG2 1 
ATOM   554  N  N   . ILE A 1 93  ? -7.349  3.164   -8.055  1.00 21.04  ? 93  ILE A N   1 
ATOM   555  C  CA  . ILE A 1 93  ? -6.034  2.595   -8.275  1.00 21.32  ? 93  ILE A CA  1 
ATOM   556  C  C   . ILE A 1 93  ? -6.007  2.212   -9.717  1.00 27.77  ? 93  ILE A C   1 
ATOM   557  O  O   . ILE A 1 93  ? -6.611  1.229   -10.131 1.00 35.30  ? 93  ILE A O   1 
ATOM   558  C  CB  . ILE A 1 93  ? -5.795  1.361   -7.496  1.00 28.63  ? 93  ILE A CB  1 
ATOM   559  C  CG1 . ILE A 1 93  ? -5.241  1.726   -6.121  1.00 29.11  ? 93  ILE A CG1 1 
ATOM   560  C  CG2 . ILE A 1 93  ? -4.793  0.438   -8.275  1.00 38.45  ? 93  ILE A CG2 1 
ATOM   561  C  CD1 . ILE A 1 93  ? -6.200  1.462   -5.009  1.00 25.96  ? 93  ILE A CD1 1 
ATOM   562  N  N   . PRO A 1 94  ? -5.314  3.022   -10.476 1.00 24.10  ? 94  PRO A N   1 
ATOM   563  C  CA  . PRO A 1 94  ? -5.194  2.855   -11.898 1.00 22.42  ? 94  PRO A CA  1 
ATOM   564  C  C   . PRO A 1 94  ? -5.011  1.449   -12.324 1.00 31.02  ? 94  PRO A C   1 
ATOM   565  O  O   . PRO A 1 94  ? -4.372  0.635   -11.645 1.00 30.90  ? 94  PRO A O   1 
ATOM   566  C  CB  . PRO A 1 94  ? -3.958  3.686   -12.257 1.00 25.48  ? 94  PRO A CB  1 
ATOM   567  C  CG  . PRO A 1 94  ? -3.646  4.513   -11.019 1.00 34.12  ? 94  PRO A CG  1 
ATOM   568  C  CD  . PRO A 1 94  ? -4.134  3.666   -9.891  1.00 30.20  ? 94  PRO A CD  1 
ATOM   569  N  N   . LYS A 1 95  ? -5.610  1.149   -13.462 1.00 30.35  ? 95  LYS A N   1 
ATOM   570  C  CA  . LYS A 1 95  ? -5.496  -0.174  -14.006 1.00 32.71  ? 95  LYS A CA  1 
ATOM   571  C  C   . LYS A 1 95  ? -4.057  -0.119  -14.450 1.00 41.52  ? 95  LYS A C   1 
ATOM   572  O  O   . LYS A 1 95  ? -3.542  0.967   -14.718 1.00 37.33  ? 95  LYS A O   1 
ATOM   573  C  CB  . LYS A 1 95  ? -6.383  -0.309  -15.251 1.00 34.70  ? 95  LYS A CB  1 
ATOM   574  C  CG  . LYS A 1 95  ? -5.834  -1.302  -16.283 1.00 60.17  ? 95  LYS A CG  1 
ATOM   575  C  CD  . LYS A 1 95  ? -6.908  -1.883  -17.222 1.00 76.97  ? 95  LYS A CD  1 
ATOM   576  C  CE  . LYS A 1 95  ? -6.325  -2.973  -18.149 1.00 95.34  ? 95  LYS A CE  1 
ATOM   577  N  NZ  . LYS A 1 95  ? -5.218  -3.779  -17.495 1.00 100.00 ? 95  LYS A NZ  1 
ATOM   578  N  N   . GLY A 1 96  ? -3.396  -1.263  -14.544 1.00 41.37  ? 96  GLY A N   1 
ATOM   579  C  CA  . GLY A 1 96  ? -2.020  -1.237  -14.993 1.00 38.42  ? 96  GLY A CA  1 
ATOM   580  C  C   . GLY A 1 96  ? -1.251  -2.440  -14.556 1.00 38.08  ? 96  GLY A C   1 
ATOM   581  O  O   . GLY A 1 96  ? -1.832  -3.407  -14.044 1.00 28.70  ? 96  GLY A O   1 
ATOM   582  N  N   . ARG A 1 97  ? 0.066   -2.362  -14.763 1.00 40.00  ? 97  ARG A N   1 
ATOM   583  C  CA  . ARG A 1 97  ? 1.005   -3.437  -14.398 1.00 37.80  ? 97  ARG A CA  1 
ATOM   584  C  C   . ARG A 1 97  ? 1.565   -3.086  -13.009 1.00 41.19  ? 97  ARG A C   1 
ATOM   585  O  O   . ARG A 1 97  ? 2.130   -2.006  -12.823 1.00 44.83  ? 97  ARG A O   1 
ATOM   586  C  CB  . ARG A 1 97  ? 2.115   -3.576  -15.472 1.00 25.17  ? 97  ARG A CB  1 
ATOM   587  C  CG  . ARG A 1 97  ? 2.764   -4.972  -15.598 1.00 31.97  ? 97  ARG A CG  1 
ATOM   588  C  CD  . ARG A 1 97  ? 3.007   -5.563  -17.050 1.00 32.28  ? 97  ARG A CD  1 
ATOM   589  N  NE  . ARG A 1 97  ? 3.005   -7.045  -16.969 1.00 57.41  ? 97  ARG A NE  1 
ATOM   590  C  CZ  . ARG A 1 97  ? 3.143   -7.909  -17.972 1.00 74.96  ? 97  ARG A CZ  1 
ATOM   591  N  NH1 . ARG A 1 97  ? 3.316   -7.496  -19.229 1.00 78.21  ? 97  ARG A NH1 1 
ATOM   592  N  NH2 . ARG A 1 97  ? 3.105   -9.211  -17.692 1.00 45.11  ? 97  ARG A NH2 1 
ATOM   593  N  N   . TYR A 1 98  ? 1.369   -3.996  -12.046 1.00 31.38  ? 98  TYR A N   1 
ATOM   594  C  CA  . TYR A 1 98  ? 1.811   -3.827  -10.668 1.00 27.05  ? 98  TYR A CA  1 
ATOM   595  C  C   . TYR A 1 98  ? 2.715   -4.976  -10.196 1.00 34.55  ? 98  TYR A C   1 
ATOM   596  O  O   . TYR A 1 98  ? 2.373   -6.156  -10.335 1.00 33.55  ? 98  TYR A O   1 
ATOM   597  C  CB  . TYR A 1 98  ? 0.595   -3.801  -9.751  1.00 24.73  ? 98  TYR A CB  1 
ATOM   598  C  CG  . TYR A 1 98  ? -0.194  -2.543  -9.827  1.00 29.98  ? 98  TYR A CG  1 
ATOM   599  C  CD1 . TYR A 1 98  ? -1.151  -2.356  -10.827 1.00 31.83  ? 98  TYR A CD1 1 
ATOM   600  C  CD2 . TYR A 1 98  ? -0.005  -1.534  -8.906  1.00 33.10  ? 98  TYR A CD2 1 
ATOM   601  C  CE1 . TYR A 1 98  ? -1.912  -1.177  -10.906 1.00 27.93  ? 98  TYR A CE1 1 
ATOM   602  C  CE2 . TYR A 1 98  ? -0.738  -0.362  -8.980  1.00 33.97  ? 98  TYR A CE2 1 
ATOM   603  C  CZ  . TYR A 1 98  ? -1.691  -0.189  -9.982  1.00 31.96  ? 98  TYR A CZ  1 
ATOM   604  O  OH  . TYR A 1 98  ? -2.392  0.988   -10.034 1.00 37.32  ? 98  TYR A OH  1 
ATOM   605  N  N   . ALA A 1 99  ? 3.871   -4.636  -9.634  1.00 31.38  ? 99  ALA A N   1 
ATOM   606  C  CA  . ALA A 1 99  ? 4.752   -5.656  -9.130  1.00 30.12  ? 99  ALA A CA  1 
ATOM   607  C  C   . ALA A 1 99  ? 4.002   -5.804  -7.838  1.00 39.63  ? 99  ALA A C   1 
ATOM   608  O  O   . ALA A 1 99  ? 3.706   -4.826  -7.152  1.00 38.29  ? 99  ALA A O   1 
ATOM   609  C  CB  . ALA A 1 99  ? 6.131   -5.112  -8.901  1.00 30.04  ? 99  ALA A CB  1 
ATOM   610  N  N   . CYS A 1 100 ? 3.636   -7.017  -7.523  1.00 41.42  ? 100 CYS A N   1 
ATOM   611  C  CA  . CYS A 1 100 ? 2.869   -7.222  -6.349  1.00 45.03  ? 100 CYS A CA  1 
ATOM   612  C  C   . CYS A 1 100 ? 3.455   -8.293  -5.452  1.00 49.28  ? 100 CYS A C   1 
ATOM   613  O  O   . CYS A 1 100 ? 4.294   -9.059  -5.890  1.00 47.36  ? 100 CYS A O   1 
ATOM   614  C  CB  . CYS A 1 100 ? 1.503   -7.627  -6.844  1.00 49.39  ? 100 CYS A CB  1 
ATOM   615  S  SG  . CYS A 1 100 ? 0.316   -7.794  -5.520  1.00 59.34  ? 100 CYS A SG  1 
ATOM   616  N  N   . ILE A 1 101 ? 3.013   -8.336  -4.192  1.00 49.65  ? 101 ILE A N   1 
ATOM   617  C  CA  . ILE A 1 101 ? 3.482   -9.344  -3.204  1.00 50.09  ? 101 ILE A CA  1 
ATOM   618  C  C   . ILE A 1 101 ? 2.555   -9.510  -2.006  1.00 52.49  ? 101 ILE A C   1 
ATOM   619  O  O   . ILE A 1 101 ? 2.307   -8.546  -1.289  1.00 47.98  ? 101 ILE A O   1 
ATOM   620  C  CB  . ILE A 1 101 ? 4.891   -9.079  -2.656  1.00 52.23  ? 101 ILE A CB  1 
ATOM   621  C  CG1 . ILE A 1 101 ? 5.319   -10.262 -1.800  1.00 52.16  ? 101 ILE A CG1 1 
ATOM   622  C  CG2 . ILE A 1 101 ? 4.918   -7.851  -1.730  1.00 45.81  ? 101 ILE A CG2 1 
ATOM   623  C  CD1 . ILE A 1 101 ? 5.956   -9.834  -0.517  1.00 75.25  ? 101 ILE A CD1 1 
ATOM   624  N  N   . ALA A 1 102 ? 2.052   -10.731 -1.782  1.00 56.23  ? 102 ALA A N   1 
ATOM   625  C  CA  . ALA A 1 102 ? 1.126   -10.993 -0.651  1.00 57.19  ? 102 ALA A CA  1 
ATOM   626  C  C   . ALA A 1 102 ? 1.643   -11.755 0.586   1.00 57.98  ? 102 ALA A C   1 
ATOM   627  O  O   . ALA A 1 102 ? 2.487   -12.659 0.488   1.00 58.63  ? 102 ALA A O   1 
ATOM   628  C  CB  . ALA A 1 102 ? -0.187  -11.555 -1.133  1.00 57.43  ? 102 ALA A CB  1 
ATOM   629  N  N   . TYR A 1 103 ? 1.139   -11.364 1.754   1.00 49.00  ? 103 TYR A N   1 
ATOM   630  C  CA  . TYR A 1 103 ? 1.570   -11.984 2.998   1.00 46.96  ? 103 TYR A CA  1 
ATOM   631  C  C   . TYR A 1 103 ? 0.606   -11.903 4.184   1.00 54.25  ? 103 TYR A C   1 
ATOM   632  O  O   . TYR A 1 103 ? -0.040  -10.876 4.399   1.00 57.07  ? 103 TYR A O   1 
ATOM   633  C  CB  . TYR A 1 103 ? 2.980   -11.474 3.390   1.00 45.23  ? 103 TYR A CB  1 
ATOM   634  C  CG  . TYR A 1 103 ? 3.068   -10.105 4.080   1.00 43.09  ? 103 TYR A CG  1 
ATOM   635  C  CD1 . TYR A 1 103 ? 2.929   -9.988  5.464   1.00 44.46  ? 103 TYR A CD1 1 
ATOM   636  C  CD2 . TYR A 1 103 ? 3.332   -8.944  3.353   1.00 42.07  ? 103 TYR A CD2 1 
ATOM   637  C  CE1 . TYR A 1 103 ? 3.027   -8.747  6.103   1.00 41.16  ? 103 TYR A CE1 1 
ATOM   638  C  CE2 . TYR A 1 103 ? 3.428   -7.702  3.984   1.00 42.29  ? 103 TYR A CE2 1 
ATOM   639  C  CZ  . TYR A 1 103 ? 3.275   -7.623  5.356   1.00 51.83  ? 103 TYR A CZ  1 
ATOM   640  O  OH  . TYR A 1 103 ? 3.372   -6.409  5.981   1.00 62.06  ? 103 TYR A OH  1 
ATOM   641  N  N   . ASN A 1 104 ? 0.518   -12.991 4.959   1.00 49.42  ? 104 ASN A N   1 
ATOM   642  C  CA  . ASN A 1 104 ? -0.344  -13.008 6.141   1.00 47.76  ? 104 ASN A CA  1 
ATOM   643  C  C   . ASN A 1 104 ? 0.339   -11.997 7.055   1.00 57.29  ? 104 ASN A C   1 
ATOM   644  O  O   . ASN A 1 104 ? 1.567   -11.963 7.177   1.00 56.83  ? 104 ASN A O   1 
ATOM   645  C  CB  . ASN A 1 104 ? -0.344  -14.378 6.822   1.00 41.30  ? 104 ASN A CB  1 
ATOM   646  C  CG  . ASN A 1 104 ? -1.255  -15.368 6.139   1.00 82.64  ? 104 ASN A CG  1 
ATOM   647  O  OD1 . ASN A 1 104 ? -0.975  -16.566 6.104   1.00 100.00 ? 104 ASN A OD1 1 
ATOM   648  N  ND2 . ASN A 1 104 ? -2.358  -14.876 5.600   1.00 70.86  ? 104 ASN A ND2 1 
ATOM   649  N  N   . PHE A 1 105 ? -0.439  -11.156 7.692   1.00 59.07  ? 105 PHE A N   1 
ATOM   650  C  CA  . PHE A 1 105 ? 0.181   -10.176 8.535   1.00 63.19  ? 105 PHE A CA  1 
ATOM   651  C  C   . PHE A 1 105 ? 0.840   -10.552 9.821   1.00 75.35  ? 105 PHE A C   1 
ATOM   652  O  O   . PHE A 1 105 ? 0.306   -11.296 10.646  1.00 83.78  ? 105 PHE A O   1 
ATOM   653  C  CB  . PHE A 1 105 ? -0.661  -8.937  8.729   1.00 67.94  ? 105 PHE A CB  1 
ATOM   654  C  CG  . PHE A 1 105 ? -0.131  -8.047  9.777   1.00 73.57  ? 105 PHE A CG  1 
ATOM   655  C  CD1 . PHE A 1 105 ? 1.062   -7.362  9.581   1.00 84.12  ? 105 PHE A CD1 1 
ATOM   656  C  CD2 . PHE A 1 105 ? -0.762  -7.959  10.985  1.00 76.79  ? 105 PHE A CD2 1 
ATOM   657  C  CE1 . PHE A 1 105 ? 1.577   -6.551  10.575  1.00 86.84  ? 105 PHE A CE1 1 
ATOM   658  C  CE2 . PHE A 1 105 ? -0.267  -7.159  11.969  1.00 83.25  ? 105 PHE A CE2 1 
ATOM   659  C  CZ  . PHE A 1 105 ? 0.901   -6.442  11.772  1.00 84.89  ? 105 PHE A CZ  1 
ATOM   660  N  N   . SER A 1 106 ? 2.030   -9.988  9.999   1.00 72.03  ? 106 SER A N   1 
ATOM   661  C  CA  . SER A 1 106 ? 2.854   -10.149 11.183  1.00 74.17  ? 106 SER A CA  1 
ATOM   662  C  C   . SER A 1 106 ? 3.678   -8.922  11.092  1.00 76.50  ? 106 SER A C   1 
ATOM   663  O  O   . SER A 1 106 ? 3.670   -8.266  10.067  1.00 83.47  ? 106 SER A O   1 
ATOM   664  C  CB  . SER A 1 106 ? 3.770   -11.364 11.137  1.00 84.57  ? 106 SER A CB  1 
ATOM   665  O  OG  . SER A 1 106 ? 4.290   -11.581 12.430  1.00 100.00 ? 106 SER A OG  1 
ATOM   666  N  N   . PRO A 1 107 ? 4.401   -8.608  12.146  1.00 67.97  ? 107 PRO A N   1 
ATOM   667  C  CA  . PRO A 1 107 ? 5.219   -7.405  12.124  1.00 68.99  ? 107 PRO A CA  1 
ATOM   668  C  C   . PRO A 1 107 ? 6.625   -7.587  11.620  1.00 80.92  ? 107 PRO A C   1 
ATOM   669  O  O   . PRO A 1 107 ? 7.162   -6.717  10.932  1.00 79.73  ? 107 PRO A O   1 
ATOM   670  C  CB  . PRO A 1 107 ? 5.185   -6.933  13.561  1.00 70.00  ? 107 PRO A CB  1 
ATOM   671  C  CG  . PRO A 1 107 ? 3.792   -7.372  14.034  1.00 75.19  ? 107 PRO A CG  1 
ATOM   672  C  CD  . PRO A 1 107 ? 3.404   -8.604  13.243  1.00 68.24  ? 107 PRO A CD  1 
ATOM   673  N  N   . GLU A 1 108 ? 7.230   -8.718  11.953  1.00 86.62  ? 108 GLU A N   1 
ATOM   674  C  CA  . GLU A 1 108 ? 8.584   -8.977  11.500  1.00 91.19  ? 108 GLU A CA  1 
ATOM   675  C  C   . GLU A 1 108 ? 8.496   -9.193  10.004  1.00 89.88  ? 108 GLU A C   1 
ATOM   676  O  O   . GLU A 1 108 ? 9.493   -9.117  9.298   1.00 93.74  ? 108 GLU A O   1 
ATOM   677  C  CB  . GLU A 1 108 ? 9.183   -10.198 12.203  1.00 94.11  ? 108 GLU A CB  1 
ATOM   678  C  CG  . GLU A 1 108 ? 8.732   -10.373 13.657  1.00 100.00 ? 108 GLU A CG  1 
ATOM   679  C  CD  . GLU A 1 108 ? 7.505   -11.287 13.799  1.00 100.00 ? 108 GLU A CD  1 
ATOM   680  O  OE1 . GLU A 1 108 ? 6.905   -11.627 12.762  1.00 100.00 ? 108 GLU A OE1 1 
ATOM   681  O  OE2 . GLU A 1 108 ? 7.182   -11.672 14.958  1.00 100.00 ? 108 GLU A OE2 1 
ATOM   682  N  N   . HIS A 1 109 ? 7.286   -9.437  9.519   1.00 80.61  ? 109 HIS A N   1 
ATOM   683  C  CA  . HIS A 1 109 ? 7.081   -9.644  8.102   1.00 83.61  ? 109 HIS A CA  1 
ATOM   684  C  C   . HIS A 1 109 ? 6.939   -8.331  7.358   1.00 76.08  ? 109 HIS A C   1 
ATOM   685  O  O   . HIS A 1 109 ? 7.468   -8.172  6.263   1.00 69.85  ? 109 HIS A O   1 
ATOM   686  C  CB  . HIS A 1 109 ? 5.802   -10.399 7.901   1.00 89.87  ? 109 HIS A CB  1 
ATOM   687  C  CG  . HIS A 1 109 ? 5.986   -11.869 7.734   1.00 96.61  ? 109 HIS A CG  1 
ATOM   688  N  ND1 . HIS A 1 109 ? 5.337   -12.584 6.751   1.00 100.00 ? 109 HIS A ND1 1 
ATOM   689  C  CD2 . HIS A 1 109 ? 6.730   -12.761 8.429   1.00 100.00 ? 109 HIS A CD2 1 
ATOM   690  C  CE1 . HIS A 1 109 ? 5.673   -13.858 6.843   1.00 100.00 ? 109 HIS A CE1 1 
ATOM   691  N  NE2 . HIS A 1 109 ? 6.518   -13.992 7.853   1.00 100.00 ? 109 HIS A NE2 1 
ATOM   692  N  N   . TYR A 1 110 ? 6.196   -7.410  7.958   1.00 66.60  ? 110 TYR A N   1 
ATOM   693  C  CA  . TYR A 1 110 ? 5.941   -6.112  7.374   1.00 64.26  ? 110 TYR A CA  1 
ATOM   694  C  C   . TYR A 1 110 ? 7.152   -5.509  6.758   1.00 63.07  ? 110 TYR A C   1 
ATOM   695  O  O   . TYR A 1 110 ? 7.255   -5.469  5.549   1.00 70.44  ? 110 TYR A O   1 
ATOM   696  C  CB  . TYR A 1 110 ? 5.356   -5.164  8.378   1.00 66.17  ? 110 TYR A CB  1 
ATOM   697  C  CG  . TYR A 1 110 ? 5.079   -3.786  7.824   1.00 69.92  ? 110 TYR A CG  1 
ATOM   698  C  CD1 . TYR A 1 110 ? 4.091   -3.572  6.867   1.00 70.55  ? 110 TYR A CD1 1 
ATOM   699  C  CD2 . TYR A 1 110 ? 5.792   -2.688  8.271   1.00 71.54  ? 110 TYR A CD2 1 
ATOM   700  C  CE1 . TYR A 1 110 ? 3.829   -2.297  6.382   1.00 65.79  ? 110 TYR A CE1 1 
ATOM   701  C  CE2 . TYR A 1 110 ? 5.535   -1.418  7.788   1.00 71.07  ? 110 TYR A CE2 1 
ATOM   702  C  CZ  . TYR A 1 110 ? 4.565   -1.234  6.853   1.00 67.55  ? 110 TYR A CZ  1 
ATOM   703  O  OH  . TYR A 1 110 ? 4.342   0.027   6.388   1.00 70.22  ? 110 TYR A OH  1 
ATOM   704  N  N   . PHE A 1 111 ? 8.090   -5.049  7.560   1.00 49.78  ? 111 PHE A N   1 
ATOM   705  C  CA  . PHE A 1 111 ? 9.254   -4.480  6.937   1.00 50.52  ? 111 PHE A CA  1 
ATOM   706  C  C   . PHE A 1 111 ? 10.006  -5.488  6.082   1.00 65.79  ? 111 PHE A C   1 
ATOM   707  O  O   . PHE A 1 111 ? 10.426  -5.155  4.983   1.00 71.14  ? 111 PHE A O   1 
ATOM   708  C  CB  . PHE A 1 111 ? 10.175  -3.758  7.915   1.00 53.14  ? 111 PHE A CB  1 
ATOM   709  C  CG  . PHE A 1 111 ? 10.817  -2.488  7.345   1.00 57.92  ? 111 PHE A CG  1 
ATOM   710  C  CD1 . PHE A 1 111 ? 12.011  -2.541  6.645   1.00 59.46  ? 111 PHE A CD1 1 
ATOM   711  C  CD2 . PHE A 1 111 ? 10.229  -1.232  7.527   1.00 66.30  ? 111 PHE A CD2 1 
ATOM   712  C  CE1 . PHE A 1 111 ? 12.602  -1.371  6.133   1.00 62.39  ? 111 PHE A CE1 1 
ATOM   713  C  CE2 . PHE A 1 111 ? 10.816  -0.067  7.007   1.00 65.43  ? 111 PHE A CE2 1 
ATOM   714  C  CZ  . PHE A 1 111 ? 11.998  -0.144  6.315   1.00 61.01  ? 111 PHE A CZ  1 
ATOM   715  N  N   . LEU A 1 112 ? 10.184  -6.718  6.553   1.00 67.11  ? 112 LEU A N   1 
ATOM   716  C  CA  . LEU A 1 112 ? 10.925  -7.696  5.732   1.00 70.10  ? 112 LEU A CA  1 
ATOM   717  C  C   . LEU A 1 112 ? 10.292  -8.025  4.391   1.00 70.55  ? 112 LEU A C   1 
ATOM   718  O  O   . LEU A 1 112 ? 10.913  -8.627  3.529   1.00 74.09  ? 112 LEU A O   1 
ATOM   719  C  CB  . LEU A 1 112 ? 11.349  -8.970  6.495   1.00 72.42  ? 112 LEU A CB  1 
ATOM   720  C  CG  . LEU A 1 112 ? 12.190  -10.006 5.700   1.00 80.92  ? 112 LEU A CG  1 
ATOM   721  C  CD1 . LEU A 1 112 ? 13.727  -9.766  5.719   1.00 81.54  ? 112 LEU A CD1 1 
ATOM   722  C  CD2 . LEU A 1 112 ? 11.864  -11.441 6.117   1.00 84.31  ? 112 LEU A CD2 1 
ATOM   723  N  N   . ASN A 1 113 ? 9.052   -7.623  4.201   1.00 62.59  ? 113 ASN A N   1 
ATOM   724  C  CA  . ASN A 1 113 ? 8.406   -7.897  2.941   1.00 59.44  ? 113 ASN A CA  1 
ATOM   725  C  C   . ASN A 1 113 ? 8.626   -6.739  1.990   1.00 59.27  ? 113 ASN A C   1 
ATOM   726  O  O   . ASN A 1 113 ? 8.807   -6.928  0.786   1.00 59.64  ? 113 ASN A O   1 
ATOM   727  C  CB  . ASN A 1 113 ? 6.963   -8.240  3.165   1.00 54.68  ? 113 ASN A CB  1 
ATOM   728  C  CG  . ASN A 1 113 ? 6.808   -9.646  3.649   1.00 77.25  ? 113 ASN A CG  1 
ATOM   729  O  OD1 . ASN A 1 113 ? 7.412   -10.561 3.087   1.00 53.40  ? 113 ASN A OD1 1 
ATOM   730  N  ND2 . ASN A 1 113 ? 6.061   -9.834  4.729   1.00 78.26  ? 113 ASN A ND2 1 
ATOM   731  N  N   . LEU A 1 114 ? 8.649   -5.536  2.551   1.00 54.23  ? 114 LEU A N   1 
ATOM   732  C  CA  . LEU A 1 114 ? 8.889   -4.320  1.788   1.00 54.91  ? 114 LEU A CA  1 
ATOM   733  C  C   . LEU A 1 114 ? 10.250  -4.528  1.094   1.00 64.69  ? 114 LEU A C   1 
ATOM   734  O  O   . LEU A 1 114 ? 10.397  -4.304  -0.118  1.00 64.87  ? 114 LEU A O   1 
ATOM   735  C  CB  . LEU A 1 114 ? 8.984   -3.124  2.757   1.00 53.97  ? 114 LEU A CB  1 
ATOM   736  C  CG  . LEU A 1 114 ? 8.358   -1.757  2.463   1.00 57.59  ? 114 LEU A CG  1 
ATOM   737  C  CD1 . LEU A 1 114 ? 8.093   -1.067  3.788   1.00 59.40  ? 114 LEU A CD1 1 
ATOM   738  C  CD2 . LEU A 1 114 ? 9.292   -0.900  1.617   1.00 61.41  ? 114 LEU A CD2 1 
ATOM   739  N  N   . GLN A 1 115 ? 11.232  -4.969  1.879   1.00 62.68  ? 115 GLN A N   1 
ATOM   740  C  CA  . GLN A 1 115 ? 12.580  -5.208  1.371   1.00 63.12  ? 115 GLN A CA  1 
ATOM   741  C  C   . GLN A 1 115 ? 12.630  -6.064  0.085   1.00 58.80  ? 115 GLN A C   1 
ATOM   742  O  O   . GLN A 1 115 ? 13.260  -5.670  -0.897  1.00 53.61  ? 115 GLN A O   1 
ATOM   743  C  CB  . GLN A 1 115 ? 13.516  -5.761  2.473   1.00 66.35  ? 115 GLN A CB  1 
ATOM   744  C  CG  . GLN A 1 115 ? 13.187  -7.206  2.941   1.00 100.00 ? 115 GLN A CG  1 
ATOM   745  C  CD  . GLN A 1 115 ? 14.395  -8.196  2.983   1.00 100.00 ? 115 GLN A CD  1 
ATOM   746  O  OE1 . GLN A 1 115 ? 15.472  -7.869  3.502   1.00 100.00 ? 115 GLN A OE1 1 
ATOM   747  N  NE2 . GLN A 1 115 ? 14.167  -9.429  2.499   1.00 100.00 ? 115 GLN A NE2 1 
ATOM   748  N  N   . LYS A 1 116 ? 11.983  -7.233  0.107   1.00 54.24  ? 116 LYS A N   1 
ATOM   749  C  CA  . LYS A 1 116 ? 11.971  -8.123  -1.046  1.00 53.11  ? 116 LYS A CA  1 
ATOM   750  C  C   . LYS A 1 116 ? 11.538  -7.313  -2.256  1.00 56.99  ? 116 LYS A C   1 
ATOM   751  O  O   . LYS A 1 116 ? 12.147  -7.385  -3.332  1.00 54.80  ? 116 LYS A O   1 
ATOM   752  C  CB  . LYS A 1 116 ? 11.004  -9.279  -0.803  1.00 52.55  ? 116 LYS A CB  1 
ATOM   753  C  CG  . LYS A 1 116 ? 11.533  -10.352 0.157   1.00 69.39  ? 116 LYS A CG  1 
ATOM   754  C  CD  . LYS A 1 116 ? 11.457  -11.749 -0.485  1.00 93.63  ? 116 LYS A CD  1 
ATOM   755  C  CE  . LYS A 1 116 ? 10.785  -12.775 0.443   1.00 100.00 ? 116 LYS A CE  1 
ATOM   756  N  NZ  . LYS A 1 116 ? 11.355  -14.171 0.332   1.00 100.00 ? 116 LYS A NZ  1 
ATOM   757  N  N   . LEU A 1 117 ? 10.494  -6.511  -2.051  1.00 52.12  ? 117 LEU A N   1 
ATOM   758  C  CA  . LEU A 1 117 ? 9.953   -5.652  -3.101  1.00 48.59  ? 117 LEU A CA  1 
ATOM   759  C  C   . LEU A 1 117 ? 11.010  -4.753  -3.714  1.00 54.77  ? 117 LEU A C   1 
ATOM   760  O  O   . LEU A 1 117 ? 11.415  -4.947  -4.874  1.00 57.30  ? 117 LEU A O   1 
ATOM   761  C  CB  . LEU A 1 117 ? 8.817   -4.798  -2.571  1.00 44.79  ? 117 LEU A CB  1 
ATOM   762  C  CG  . LEU A 1 117 ? 7.753   -4.589  -3.647  1.00 45.08  ? 117 LEU A CG  1 
ATOM   763  C  CD1 . LEU A 1 117 ? 7.103   -5.916  -4.081  1.00 43.97  ? 117 LEU A CD1 1 
ATOM   764  C  CD2 . LEU A 1 117 ? 6.701   -3.618  -3.172  1.00 39.95  ? 117 LEU A CD2 1 
ATOM   765  N  N   . ILE A 1 118 ? 11.439  -3.765  -2.937  1.00 45.54  ? 118 ILE A N   1 
ATOM   766  C  CA  . ILE A 1 118 ? 12.447  -2.837  -3.412  1.00 40.57  ? 118 ILE A CA  1 
ATOM   767  C  C   . ILE A 1 118 ? 13.618  -3.604  -4.058  1.00 45.68  ? 118 ILE A C   1 
ATOM   768  O  O   . ILE A 1 118 ? 14.184  -3.171  -5.054  1.00 46.48  ? 118 ILE A O   1 
ATOM   769  C  CB  . ILE A 1 118 ? 12.977  -1.970  -2.281  1.00 37.11  ? 118 ILE A CB  1 
ATOM   770  C  CG1 . ILE A 1 118 ? 11.960  -1.879  -1.163  1.00 33.43  ? 118 ILE A CG1 1 
ATOM   771  C  CG2 . ILE A 1 118 ? 13.123  -0.607  -2.761  1.00 36.16  ? 118 ILE A CG2 1 
ATOM   772  C  CD1 . ILE A 1 118 ? 11.691  -0.434  -0.744  1.00 25.11  ? 118 ILE A CD1 1 
ATOM   773  N  N   . LYS A 1 119 ? 13.953  -4.758  -3.496  1.00 38.08  ? 119 LYS A N   1 
ATOM   774  C  CA  . LYS A 1 119 ? 15.045  -5.554  -4.015  1.00 32.22  ? 119 LYS A CA  1 
ATOM   775  C  C   . LYS A 1 119 ? 14.697  -5.937  -5.393  1.00 31.66  ? 119 LYS A C   1 
ATOM   776  O  O   . LYS A 1 119 ? 15.352  -5.551  -6.340  1.00 33.11  ? 119 LYS A O   1 
ATOM   777  C  CB  . LYS A 1 119 ? 15.193  -6.804  -3.190  1.00 38.16  ? 119 LYS A CB  1 
ATOM   778  C  CG  . LYS A 1 119 ? 16.613  -7.262  -3.034  1.00 70.50  ? 119 LYS A CG  1 
ATOM   779  C  CD  . LYS A 1 119 ? 16.669  -8.717  -2.564  1.00 91.06  ? 119 LYS A CD  1 
ATOM   780  C  CE  . LYS A 1 119 ? 17.141  -9.642  -3.695  1.00 100.00 ? 119 LYS A CE  1 
ATOM   781  N  NZ  . LYS A 1 119 ? 18.559  -10.079 -3.563  1.00 100.00 ? 119 LYS A NZ  1 
ATOM   782  N  N   . TYR A 1 120 ? 13.632  -6.701  -5.503  1.00 31.52  ? 120 TYR A N   1 
ATOM   783  C  CA  . TYR A 1 120 ? 13.171  -7.168  -6.793  1.00 36.68  ? 120 TYR A CA  1 
ATOM   784  C  C   . TYR A 1 120 ? 13.164  -6.098  -7.838  1.00 47.20  ? 120 TYR A C   1 
ATOM   785  O  O   . TYR A 1 120 ? 13.535  -6.346  -8.978  1.00 52.46  ? 120 TYR A O   1 
ATOM   786  C  CB  . TYR A 1 120 ? 11.764  -7.708  -6.659  1.00 42.17  ? 120 TYR A CB  1 
ATOM   787  C  CG  . TYR A 1 120 ? 11.060  -8.120  -7.958  1.00 49.64  ? 120 TYR A CG  1 
ATOM   788  C  CD1 . TYR A 1 120 ? 10.316  -7.200  -8.721  1.00 50.78  ? 120 TYR A CD1 1 
ATOM   789  C  CD2 . TYR A 1 120 ? 11.091  -9.432  -8.386  1.00 51.65  ? 120 TYR A CD2 1 
ATOM   790  C  CE1 . TYR A 1 120 ? 9.643   -7.600  -9.892  1.00 50.48  ? 120 TYR A CE1 1 
ATOM   791  C  CE2 . TYR A 1 120 ? 10.430  -9.826  -9.541  1.00 54.27  ? 120 TYR A CE2 1 
ATOM   792  C  CZ  . TYR A 1 120 ? 9.709   -8.927  -10.295 1.00 50.78  ? 120 TYR A CZ  1 
ATOM   793  O  OH  . TYR A 1 120 ? 9.077   -9.414  -11.445 1.00 44.27  ? 120 TYR A OH  1 
ATOM   794  N  N   . ILE A 1 121 ? 12.746  -4.902  -7.455  1.00 43.49  ? 121 ILE A N   1 
ATOM   795  C  CA  . ILE A 1 121 ? 12.699  -3.797  -8.412  1.00 44.15  ? 121 ILE A CA  1 
ATOM   796  C  C   . ILE A 1 121 ? 14.071  -3.400  -8.909  1.00 51.27  ? 121 ILE A C   1 
ATOM   797  O  O   . ILE A 1 121 ? 14.287  -3.217  -10.115 1.00 50.44  ? 121 ILE A O   1 
ATOM   798  C  CB  . ILE A 1 121 ? 12.077  -2.537  -7.811  1.00 46.07  ? 121 ILE A CB  1 
ATOM   799  C  CG1 . ILE A 1 121 ? 10.608  -2.789  -7.424  1.00 47.00  ? 121 ILE A CG1 1 
ATOM   800  C  CG2 . ILE A 1 121 ? 12.221  -1.388  -8.796  1.00 38.01  ? 121 ILE A CG2 1 
ATOM   801  C  CD1 . ILE A 1 121 ? 9.796   -3.430  -8.517  1.00 43.17  ? 121 ILE A CD1 1 
ATOM   802  N  N   . ALA A 1 122 ? 14.999  -3.255  -7.972  1.00 46.77  ? 122 ALA A N   1 
ATOM   803  C  CA  . ALA A 1 122 ? 16.360  -2.862  -8.313  1.00 44.12  ? 122 ALA A CA  1 
ATOM   804  C  C   . ALA A 1 122 ? 17.056  -3.959  -9.097  1.00 45.83  ? 122 ALA A C   1 
ATOM   805  O  O   . ALA A 1 122 ? 17.911  -3.682  -9.931  1.00 44.02  ? 122 ALA A O   1 
ATOM   806  C  CB  . ALA A 1 122 ? 17.122  -2.532  -7.066  1.00 44.20  ? 122 ALA A CB  1 
ATOM   807  N  N   . ASP A 1 123 ? 16.673  -5.204  -8.827  1.00 38.93  ? 123 ASP A N   1 
ATOM   808  C  CA  . ASP A 1 123 ? 17.259  -6.333  -9.514  1.00 37.11  ? 123 ASP A CA  1 
ATOM   809  C  C   . ASP A 1 123 ? 16.757  -6.392  -10.922 1.00 42.59  ? 123 ASP A C   1 
ATOM   810  O  O   . ASP A 1 123 ? 17.530  -6.554  -11.845 1.00 43.78  ? 123 ASP A O   1 
ATOM   811  C  CB  . ASP A 1 123 ? 16.938  -7.624  -8.798  1.00 40.56  ? 123 ASP A CB  1 
ATOM   812  C  CG  . ASP A 1 123 ? 17.917  -7.918  -7.691  1.00 61.34  ? 123 ASP A CG  1 
ATOM   813  O  OD1 . ASP A 1 123 ? 18.783  -7.056  -7.462  1.00 56.71  ? 123 ASP A OD1 1 
ATOM   814  O  OD2 . ASP A 1 123 ? 17.813  -8.985  -7.050  1.00 84.75  ? 123 ASP A OD2 1 
ATOM   815  N  N   . ARG A 1 124 ? 15.455  -6.261  -11.104 1.00 42.82  ? 124 ARG A N   1 
ATOM   816  C  CA  . ARG A 1 124 ? 14.900  -6.290  -12.445 1.00 44.86  ? 124 ARG A CA  1 
ATOM   817  C  C   . ARG A 1 124 ? 15.168  -4.969  -13.220 1.00 48.61  ? 124 ARG A C   1 
ATOM   818  O  O   . ARG A 1 124 ? 14.999  -4.900  -14.449 1.00 46.68  ? 124 ARG A O   1 
ATOM   819  C  CB  . ARG A 1 124 ? 13.426  -6.645  -12.395 1.00 48.09  ? 124 ARG A CB  1 
ATOM   820  C  CG  . ARG A 1 124 ? 13.157  -7.925  -11.636 1.00 34.85  ? 124 ARG A CG  1 
ATOM   821  C  CD  . ARG A 1 124 ? 12.494  -8.954  -12.534 1.00 27.01  ? 124 ARG A CD  1 
ATOM   822  N  NE  . ARG A 1 124 ? 12.499  -8.604  -13.951 1.00 43.17  ? 124 ARG A NE  1 
ATOM   823  C  CZ  . ARG A 1 124 ? 11.385  -8.362  -14.636 1.00 51.68  ? 124 ARG A CZ  1 
ATOM   824  N  NH1 . ARG A 1 124 ? 10.230  -8.434  -14.006 1.00 28.42  ? 124 ARG A NH1 1 
ATOM   825  N  NH2 . ARG A 1 124 ? 11.410  -8.052  -15.929 1.00 33.13  ? 124 ARG A NH2 1 
ATOM   826  N  N   . GLN A 1 125 ? 15.617  -3.939  -12.507 1.00 42.78  ? 125 GLN A N   1 
ATOM   827  C  CA  . GLN A 1 125 ? 15.915  -2.664  -13.148 1.00 45.17  ? 125 GLN A CA  1 
ATOM   828  C  C   . GLN A 1 125 ? 14.655  -2.065  -13.781 1.00 54.51  ? 125 GLN A C   1 
ATOM   829  O  O   . GLN A 1 125 ? 14.724  -1.323  -14.782 1.00 54.84  ? 125 GLN A O   1 
ATOM   830  C  CB  . GLN A 1 125 ? 17.037  -2.827  -14.194 1.00 46.23  ? 125 GLN A CB  1 
ATOM   831  C  CG  . GLN A 1 125 ? 18.454  -2.829  -13.610 1.00 71.68  ? 125 GLN A CG  1 
ATOM   832  C  CD  . GLN A 1 125 ? 19.423  -1.922  -14.356 1.00 100.00 ? 125 GLN A CD  1 
ATOM   833  O  OE1 . GLN A 1 125 ? 20.008  -2.325  -15.357 1.00 100.00 ? 125 GLN A OE1 1 
ATOM   834  N  NE2 . GLN A 1 125 ? 19.622  -0.701  -13.848 1.00 100.00 ? 125 GLN A NE2 1 
ATOM   835  N  N   . LEU A 1 126 ? 13.507  -2.397  -13.180 1.00 52.59  ? 126 LEU A N   1 
ATOM   836  C  CA  . LEU A 1 126 ? 12.186  -1.911  -13.618 1.00 47.36  ? 126 LEU A CA  1 
ATOM   837  C  C   . LEU A 1 126 ? 12.051  -0.451  -13.206 1.00 55.08  ? 126 LEU A C   1 
ATOM   838  O  O   . LEU A 1 126 ? 12.738  0.058   -12.301 1.00 60.71  ? 126 LEU A O   1 
ATOM   839  C  CB  . LEU A 1 126 ? 11.062  -2.683  -12.925 1.00 42.58  ? 126 LEU A CB  1 
ATOM   840  C  CG  . LEU A 1 126 ? 10.385  -3.872  -13.584 1.00 43.40  ? 126 LEU A CG  1 
ATOM   841  C  CD1 . LEU A 1 126 ? 10.977  -4.223  -14.936 1.00 39.65  ? 126 LEU A CD1 1 
ATOM   842  C  CD2 . LEU A 1 126 ? 10.413  -5.038  -12.619 1.00 41.54  ? 126 LEU A CD2 1 
ATOM   843  N  N   . THR A 1 127 ? 11.149  0.233   -13.861 1.00 43.74  ? 127 THR A N   1 
ATOM   844  C  CA  . THR A 1 127 ? 10.970  1.610   -13.532 1.00 40.83  ? 127 THR A CA  1 
ATOM   845  C  C   . THR A 1 127 ? 9.551   1.774   -12.898 1.00 45.31  ? 127 THR A C   1 
ATOM   846  O  O   . THR A 1 127 ? 8.540   1.349   -13.484 1.00 46.23  ? 127 THR A O   1 
ATOM   847  C  CB  . THR A 1 127 ? 11.268  2.420   -14.773 1.00 40.53  ? 127 THR A CB  1 
ATOM   848  O  OG1 . THR A 1 127 ? 10.660  3.698   -14.683 1.00 54.17  ? 127 THR A OG1 1 
ATOM   849  C  CG2 . THR A 1 127 ? 10.769  1.682   -15.997 1.00 41.78  ? 127 THR A CG2 1 
ATOM   850  N  N   . VAL A 1 128 ? 9.497   2.343   -11.685 1.00 36.89  ? 128 VAL A N   1 
ATOM   851  C  CA  . VAL A 1 128 ? 8.246   2.550   -10.933 1.00 32.60  ? 128 VAL A CA  1 
ATOM   852  C  C   . VAL A 1 128 ? 7.506   3.854   -11.216 1.00 38.76  ? 128 VAL A C   1 
ATOM   853  O  O   . VAL A 1 128 ? 8.109   4.922   -11.366 1.00 42.65  ? 128 VAL A O   1 
ATOM   854  C  CB  . VAL A 1 128 ? 8.441   2.403   -9.433  1.00 32.15  ? 128 VAL A CB  1 
ATOM   855  C  CG1 . VAL A 1 128 ? 9.880   2.276   -9.110  1.00 32.81  ? 128 VAL A CG1 1 
ATOM   856  C  CG2 . VAL A 1 128 ? 7.859   3.581   -8.722  1.00 31.70  ? 128 VAL A CG2 1 
ATOM   857  N  N   . VAL A 1 129 ? 6.183   3.769   -11.266 1.00 27.82  ? 129 VAL A N   1 
ATOM   858  C  CA  . VAL A 1 129 ? 5.377   4.929   -11.568 1.00 26.52  ? 129 VAL A CA  1 
ATOM   859  C  C   . VAL A 1 129 ? 4.192   5.231   -10.645 1.00 38.17  ? 129 VAL A C   1 
ATOM   860  O  O   . VAL A 1 129 ? 3.106   5.576   -11.105 1.00 36.72  ? 129 VAL A O   1 
ATOM   861  C  CB  . VAL A 1 129 ? 4.899   4.836   -13.009 1.00 26.56  ? 129 VAL A CB  1 
ATOM   862  C  CG1 . VAL A 1 129 ? 6.096   4.725   -13.933 1.00 26.35  ? 129 VAL A CG1 1 
ATOM   863  C  CG2 . VAL A 1 129 ? 4.038   3.640   -13.179 1.00 25.50  ? 129 VAL A CG2 1 
ATOM   864  N  N   . SER A 1 130 ? 4.413   5.120   -9.343  1.00 38.12  ? 130 SER A N   1 
ATOM   865  C  CA  . SER A 1 130 ? 3.369   5.388   -8.376  1.00 36.65  ? 130 SER A CA  1 
ATOM   866  C  C   . SER A 1 130 ? 3.961   5.178   -6.984  1.00 48.58  ? 130 SER A C   1 
ATOM   867  O  O   . SER A 1 130 ? 5.141   4.794   -6.857  1.00 53.74  ? 130 SER A O   1 
ATOM   868  C  CB  . SER A 1 130 ? 2.202   4.425   -8.604  1.00 36.67  ? 130 SER A CB  1 
ATOM   869  O  OG  . SER A 1 130 ? 2.375   3.219   -7.863  1.00 41.48  ? 130 SER A OG  1 
ATOM   870  N  N   . ASP A 1 131 ? 3.144   5.441   -5.955  1.00 39.28  ? 131 ASP A N   1 
ATOM   871  C  CA  . ASP A 1 131 ? 3.525   5.284   -4.542  1.00 33.83  ? 131 ASP A CA  1 
ATOM   872  C  C   . ASP A 1 131 ? 3.361   3.803   -4.233  1.00 47.83  ? 131 ASP A C   1 
ATOM   873  O  O   . ASP A 1 131 ? 2.921   3.036   -5.113  1.00 51.89  ? 131 ASP A O   1 
ATOM   874  C  CB  . ASP A 1 131 ? 2.532   6.024   -3.673  1.00 28.94  ? 131 ASP A CB  1 
ATOM   875  C  CG  . ASP A 1 131 ? 2.934   7.421   -3.401  1.00 29.94  ? 131 ASP A CG  1 
ATOM   876  O  OD1 . ASP A 1 131 ? 3.831   7.961   -4.091  1.00 40.26  ? 131 ASP A OD1 1 
ATOM   877  O  OD2 . ASP A 1 131 ? 2.329   7.988   -2.491  1.00 21.80  ? 131 ASP A OD2 1 
ATOM   878  N  N   . VAL A 1 132 ? 3.686   3.377   -3.007  1.00 38.99  ? 132 VAL A N   1 
ATOM   879  C  CA  . VAL A 1 132 ? 3.507   1.953   -2.696  1.00 37.96  ? 132 VAL A CA  1 
ATOM   880  C  C   . VAL A 1 132 ? 2.093   1.829   -2.177  1.00 42.80  ? 132 VAL A C   1 
ATOM   881  O  O   . VAL A 1 132 ? 1.619   2.713   -1.457  1.00 40.02  ? 132 VAL A O   1 
ATOM   882  C  CB  . VAL A 1 132 ? 4.515   1.326   -1.641  1.00 37.97  ? 132 VAL A CB  1 
ATOM   883  C  CG1 . VAL A 1 132 ? 4.208   -0.169  -1.463  1.00 33.11  ? 132 VAL A CG1 1 
ATOM   884  C  CG2 . VAL A 1 132 ? 5.995   1.521   -2.047  1.00 36.58  ? 132 VAL A CG2 1 
ATOM   885  N  N   . TYR A 1 133 ? 1.422   0.744   -2.552  1.00 40.27  ? 133 TYR A N   1 
ATOM   886  C  CA  . TYR A 1 133 ? 0.060   0.528   -2.116  1.00 37.47  ? 133 TYR A CA  1 
ATOM   887  C  C   . TYR A 1 133 ? -0.021  -0.586  -1.115  1.00 39.91  ? 133 TYR A C   1 
ATOM   888  O  O   . TYR A 1 133 ? 0.303   -1.740  -1.413  1.00 37.06  ? 133 TYR A O   1 
ATOM   889  C  CB  . TYR A 1 133 ? -0.833  0.195   -3.285  1.00 37.29  ? 133 TYR A CB  1 
ATOM   890  C  CG  . TYR A 1 133 ? -1.164  1.369   -4.169  1.00 37.48  ? 133 TYR A CG  1 
ATOM   891  C  CD1 . TYR A 1 133 ? -2.020  2.385   -3.729  1.00 37.40  ? 133 TYR A CD1 1 
ATOM   892  C  CD2 . TYR A 1 133 ? -0.644  1.453   -5.465  1.00 41.74  ? 133 TYR A CD2 1 
ATOM   893  C  CE1 . TYR A 1 133 ? -2.348  3.463   -4.556  1.00 39.45  ? 133 TYR A CE1 1 
ATOM   894  C  CE2 . TYR A 1 133 ? -0.961  2.522   -6.297  1.00 47.25  ? 133 TYR A CE2 1 
ATOM   895  C  CZ  . TYR A 1 133 ? -1.810  3.521   -5.838  1.00 50.44  ? 133 TYR A CZ  1 
ATOM   896  O  OH  . TYR A 1 133 ? -2.103  4.559   -6.678  1.00 47.32  ? 133 TYR A OH  1 
ATOM   897  N  N   . GLU A 1 134 ? -0.472  -0.207  0.071   1.00 40.02  ? 134 GLU A N   1 
ATOM   898  C  CA  . GLU A 1 134 ? -0.645  -1.097  1.203   1.00 43.74  ? 134 GLU A CA  1 
ATOM   899  C  C   . GLU A 1 134 ? -2.125  -1.412  1.321   1.00 58.06  ? 134 GLU A C   1 
ATOM   900  O  O   . GLU A 1 134 ? -2.957  -0.508  1.503   1.00 60.73  ? 134 GLU A O   1 
ATOM   901  C  CB  . GLU A 1 134 ? -0.175  -0.388  2.490   1.00 45.31  ? 134 GLU A CB  1 
ATOM   902  C  CG  . GLU A 1 134 ? 0.404   -1.315  3.576   1.00 52.34  ? 134 GLU A CG  1 
ATOM   903  C  CD  . GLU A 1 134 ? 0.794   -0.578  4.862   1.00 59.66  ? 134 GLU A CD  1 
ATOM   904  O  OE1 . GLU A 1 134 ? -0.105  -0.124  5.601   1.00 76.87  ? 134 GLU A OE1 1 
ATOM   905  O  OE2 . GLU A 1 134 ? 2.000   -0.483  5.160   1.00 62.54  ? 134 GLU A OE2 1 
ATOM   906  N  N   . LEU A 1 135 ? -2.450  -2.695  1.221   1.00 60.26  ? 135 LEU A N   1 
ATOM   907  C  CA  . LEU A 1 135 ? -3.833  -3.142  1.310   1.00 62.94  ? 135 LEU A CA  1 
ATOM   908  C  C   . LEU A 1 135 ? -4.033  -4.177  2.412   1.00 63.73  ? 135 LEU A C   1 
ATOM   909  O  O   . LEU A 1 135 ? -3.539  -5.299  2.323   1.00 66.45  ? 135 LEU A O   1 
ATOM   910  C  CB  . LEU A 1 135 ? -4.260  -3.758  -0.026  1.00 64.24  ? 135 LEU A CB  1 
ATOM   911  C  CG  . LEU A 1 135 ? -5.371  -3.113  -0.846  1.00 72.28  ? 135 LEU A CG  1 
ATOM   912  C  CD1 . LEU A 1 135 ? -6.705  -3.147  -0.108  1.00 74.48  ? 135 LEU A CD1 1 
ATOM   913  C  CD2 . LEU A 1 135 ? -4.992  -1.703  -1.264  1.00 79.33  ? 135 LEU A CD2 1 
ATOM   914  N  N   . ILE A 1 136 ? -4.768  -3.809  3.447   1.00 53.99  ? 136 ILE A N   1 
ATOM   915  C  CA  . ILE A 1 136 ? -5.034  -4.747  4.514   1.00 50.20  ? 136 ILE A CA  1 
ATOM   916  C  C   . ILE A 1 136 ? -6.484  -5.180  4.426   1.00 56.14  ? 136 ILE A C   1 
ATOM   917  O  O   . ILE A 1 136 ? -7.393  -4.378  4.148   1.00 55.41  ? 136 ILE A O   1 
ATOM   918  C  CB  . ILE A 1 136 ? -4.812  -4.171  5.882   1.00 50.43  ? 136 ILE A CB  1 
ATOM   919  C  CG1 . ILE A 1 136 ? -3.441  -3.542  5.965   1.00 48.76  ? 136 ILE A CG1 1 
ATOM   920  C  CG2 . ILE A 1 136 ? -5.013  -5.242  6.917   1.00 52.50  ? 136 ILE A CG2 1 
ATOM   921  C  CD1 . ILE A 1 136 ? -3.486  -2.094  5.645   1.00 49.84  ? 136 ILE A CD1 1 
ATOM   922  N  N   . ILE A 1 137 ? -6.697  -6.461  4.653   1.00 51.36  ? 137 ILE A N   1 
ATOM   923  C  CA  . ILE A 1 137 ? -8.030  -6.998  4.610   1.00 49.27  ? 137 ILE A CA  1 
ATOM   924  C  C   . ILE A 1 137 ? -8.191  -7.937  5.797   1.00 53.52  ? 137 ILE A C   1 
ATOM   925  O  O   . ILE A 1 137 ? -7.582  -8.998  5.850   1.00 44.80  ? 137 ILE A O   1 
ATOM   926  C  CB  . ILE A 1 137 ? -8.305  -7.704  3.284   1.00 50.29  ? 137 ILE A CB  1 
ATOM   927  C  CG1 . ILE A 1 137 ? -9.092  -8.988  3.516   1.00 49.53  ? 137 ILE A CG1 1 
ATOM   928  C  CG2 . ILE A 1 137 ? -7.013  -7.913  2.498   1.00 52.33  ? 137 ILE A CG2 1 
ATOM   929  C  CD1 . ILE A 1 137 ? -8.262  -10.245 3.494   1.00 73.43  ? 137 ILE A CD1 1 
ATOM   930  N  N   . PRO A 1 138 ? -9.006  -7.511  6.759   1.00 55.55  ? 138 PRO A N   1 
ATOM   931  C  CA  . PRO A 1 138 ? -9.268  -8.284  7.976   1.00 55.21  ? 138 PRO A CA  1 
ATOM   932  C  C   . PRO A 1 138 ? -9.913  -9.656  7.694   1.00 69.84  ? 138 PRO A C   1 
ATOM   933  O  O   . PRO A 1 138 ? -11.136 -9.809  7.632   1.00 74.18  ? 138 PRO A O   1 
ATOM   934  C  CB  . PRO A 1 138 ? -10.192 -7.362  8.792   1.00 54.35  ? 138 PRO A CB  1 
ATOM   935  C  CG  . PRO A 1 138 ? -10.470 -6.142  7.912   1.00 57.29  ? 138 PRO A CG  1 
ATOM   936  C  CD  . PRO A 1 138 ? -10.021 -6.467  6.538   1.00 53.61  ? 138 PRO A CD  1 
ATOM   937  N  N   . ILE A 1 139 ? -9.063  -10.654 7.518   1.00 64.77  ? 139 ILE A N   1 
ATOM   938  C  CA  . ILE A 1 139 ? -9.490  -12.005 7.221   1.00 62.31  ? 139 ILE A CA  1 
ATOM   939  C  C   . ILE A 1 139 ? -10.199 -12.697 8.397   1.00 77.43  ? 139 ILE A C   1 
ATOM   940  O  O   . ILE A 1 139 ? -10.191 -13.913 8.503   1.00 82.06  ? 139 ILE A O   1 
ATOM   941  C  CB  . ILE A 1 139 ? -8.254  -12.791 6.797   1.00 62.11  ? 139 ILE A CB  1 
ATOM   942  C  CG1 . ILE A 1 139 ? -8.581  -13.747 5.669   1.00 60.41  ? 139 ILE A CG1 1 
ATOM   943  C  CG2 . ILE A 1 139 ? -7.503  -13.372 7.994   1.00 66.21  ? 139 ILE A CG2 1 
ATOM   944  C  CD1 . ILE A 1 139 ? -9.851  -13.424 4.996   1.00 50.06  ? 139 ILE A CD1 1 
ATOM   945  N  N   . HIS A 1 140 ? -10.813 -11.913 9.274   1.00 74.24  ? 140 HIS A N   1 
ATOM   946  C  CA  . HIS A 1 140 ? -11.505 -12.443 10.453  1.00 92.01  ? 140 HIS A CA  1 
ATOM   947  C  C   . HIS A 1 140 ? -12.309 -13.732 10.287  1.00 100.00 ? 140 HIS A C   1 
ATOM   948  O  O   . HIS A 1 140 ? -12.338 -14.564 11.177  1.00 100.00 ? 140 HIS A O   1 
ATOM   949  C  CB  . HIS A 1 140 ? -12.318 -11.348 11.161  1.00 93.31  ? 140 HIS A CB  1 
ATOM   950  C  CG  . HIS A 1 140 ? -11.464 -10.271 11.759  1.00 97.47  ? 140 HIS A CG  1 
ATOM   951  N  ND1 . HIS A 1 140 ? -10.204 -10.525 12.260  1.00 100.00 ? 140 HIS A ND1 1 
ATOM   952  C  CD2 . HIS A 1 140 ? -11.676 -8.943  11.920  1.00 99.53  ? 140 HIS A CD2 1 
ATOM   953  C  CE1 . HIS A 1 140 ? -9.681  -9.399  12.717  1.00 100.00 ? 140 HIS A CE1 1 
ATOM   954  N  NE2 . HIS A 1 140 ? -10.551 -8.423  12.520  1.00 99.91  ? 140 HIS A NE2 1 
ATOM   955  N  N   . TYR A 1 149 ? -5.868  -11.005 9.460   1.00 54.35  ? 149 TYR A N   1 
ATOM   956  C  CA  . TYR A 1 149 ? -5.574  -9.903  8.505   1.00 57.79  ? 149 TYR A CA  1 
ATOM   957  C  C   . TYR A 1 149 ? -4.676  -10.244 7.285   1.00 59.92  ? 149 TYR A C   1 
ATOM   958  O  O   . TYR A 1 149 ? -3.523  -10.606 7.464   1.00 56.79  ? 149 TYR A O   1 
ATOM   959  C  CB  . TYR A 1 149 ? -4.903  -8.709  9.220   1.00 59.35  ? 149 TYR A CB  1 
ATOM   960  C  CG  . TYR A 1 149 ? -5.749  -8.042  10.258  1.00 66.63  ? 149 TYR A CG  1 
ATOM   961  C  CD1 . TYR A 1 149 ? -7.056  -7.677  9.976   1.00 72.86  ? 149 TYR A CD1 1 
ATOM   962  C  CD2 . TYR A 1 149 ? -5.250  -7.778  11.531  1.00 69.50  ? 149 TYR A CD2 1 
ATOM   963  C  CE1 . TYR A 1 149 ? -7.872  -7.059  10.940  1.00 77.12  ? 149 TYR A CE1 1 
ATOM   964  C  CE2 . TYR A 1 149 ? -6.052  -7.157  12.513  1.00 80.16  ? 149 TYR A CE2 1 
ATOM   965  C  CZ  . TYR A 1 149 ? -7.371  -6.798  12.210  1.00 97.81  ? 149 TYR A CZ  1 
ATOM   966  O  OH  . TYR A 1 149 ? -8.193  -6.177  13.156  1.00 100.00 ? 149 TYR A OH  1 
ATOM   967  N  N   . ARG A 1 150 ? -5.180  -10.087 6.058   1.00 55.79  ? 150 ARG A N   1 
ATOM   968  C  CA  . ARG A 1 150 ? -4.372  -10.345 4.862   1.00 54.81  ? 150 ARG A CA  1 
ATOM   969  C  C   . ARG A 1 150 ? -3.764  -9.030  4.418   1.00 60.89  ? 150 ARG A C   1 
ATOM   970  O  O   . ARG A 1 150 ? -4.356  -7.970  4.632   1.00 65.69  ? 150 ARG A O   1 
ATOM   971  C  CB  . ARG A 1 150 ? -5.194  -10.884 3.717   1.00 60.79  ? 150 ARG A CB  1 
ATOM   972  C  CG  . ARG A 1 150 ? -4.342  -11.602 2.716   1.00 80.81  ? 150 ARG A CG  1 
ATOM   973  C  CD  . ARG A 1 150 ? -3.299  -12.422 3.465   1.00 100.00 ? 150 ARG A CD  1 
ATOM   974  N  NE  . ARG A 1 150 ? -3.520  -13.867 3.367   1.00 80.64  ? 150 ARG A NE  1 
ATOM   975  C  CZ  . ARG A 1 150 ? -3.438  -14.549 2.233   1.00 95.57  ? 150 ARG A CZ  1 
ATOM   976  N  NH1 . ARG A 1 150 ? -3.144  -13.897 1.104   1.00 57.36  ? 150 ARG A NH1 1 
ATOM   977  N  NH2 . ARG A 1 150 ? -3.648  -15.863 2.229   1.00 100.00 ? 150 ARG A NH2 1 
ATOM   978  N  N   . VAL A 1 151 ? -2.595  -9.091  3.795   1.00 53.96  ? 151 VAL A N   1 
ATOM   979  C  CA  . VAL A 1 151 ? -1.939  -7.874  3.361   1.00 54.18  ? 151 VAL A CA  1 
ATOM   980  C  C   . VAL A 1 151 ? -1.157  -7.967  2.066   1.00 58.33  ? 151 VAL A C   1 
ATOM   981  O  O   . VAL A 1 151 ? -0.613  -9.018  1.725   1.00 53.27  ? 151 VAL A O   1 
ATOM   982  C  CB  . VAL A 1 151 ? -0.994  -7.352  4.466   1.00 59.91  ? 151 VAL A CB  1 
ATOM   983  C  CG1 . VAL A 1 151 ? 0.264   -6.739  3.864   1.00 60.83  ? 151 VAL A CG1 1 
ATOM   984  C  CG2 . VAL A 1 151 ? -1.710  -6.343  5.348   1.00 60.56  ? 151 VAL A CG2 1 
ATOM   985  N  N   . GLU A 1 152 ? -1.105  -6.841  1.348   1.00 59.02  ? 152 GLU A N   1 
ATOM   986  C  CA  . GLU A 1 152 ? -0.372  -6.738  0.079   1.00 56.26  ? 152 GLU A CA  1 
ATOM   987  C  C   . GLU A 1 152 ? 0.114   -5.337  -0.281  1.00 54.19  ? 152 GLU A C   1 
ATOM   988  O  O   . GLU A 1 152 ? -0.547  -4.325  0.020   1.00 54.51  ? 152 GLU A O   1 
ATOM   989  C  CB  . GLU A 1 152 ? -1.144  -7.314  -1.084  1.00 56.80  ? 152 GLU A CB  1 
ATOM   990  C  CG  . GLU A 1 152 ? -2.623  -7.113  -1.001  1.00 82.73  ? 152 GLU A CG  1 
ATOM   991  C  CD  . GLU A 1 152 ? -3.331  -7.698  -2.219  1.00 100.00 ? 152 GLU A CD  1 
ATOM   992  O  OE1 . GLU A 1 152 ? -2.724  -7.656  -3.336  1.00 100.00 ? 152 GLU A OE1 1 
ATOM   993  O  OE2 . GLU A 1 152 ? -4.479  -8.207  -2.046  1.00 100.00 ? 152 GLU A OE2 1 
ATOM   994  N  N   . MET A 1 153 ? 1.278   -5.292  -0.930  1.00 42.28  ? 153 MET A N   1 
ATOM   995  C  CA  . MET A 1 153 ? 1.890   -4.046  -1.353  1.00 38.60  ? 153 MET A CA  1 
ATOM   996  C  C   . MET A 1 153 ? 2.044   -4.222  -2.838  1.00 43.19  ? 153 MET A C   1 
ATOM   997  O  O   . MET A 1 153 ? 2.569   -5.237  -3.298  1.00 42.99  ? 153 MET A O   1 
ATOM   998  C  CB  . MET A 1 153 ? 3.268   -3.842  -0.701  1.00 39.19  ? 153 MET A CB  1 
ATOM   999  C  CG  . MET A 1 153 ? 3.364   -4.278  0.775   1.00 42.28  ? 153 MET A CG  1 
ATOM   1000 S  SD  . MET A 1 153 ? 4.398   -3.236  1.836   1.00 50.16  ? 153 MET A SD  1 
ATOM   1001 C  CE  . MET A 1 153 ? 4.286   -4.141  3.466   1.00 46.58  ? 153 MET A CE  1 
ATOM   1002 N  N   . LYS A 1 154 ? 1.547   -3.259  -3.598  1.00 37.56  ? 154 LYS A N   1 
ATOM   1003 C  CA  . LYS A 1 154 ? 1.662   -3.340  -5.044  1.00 35.37  ? 154 LYS A CA  1 
ATOM   1004 C  C   . LYS A 1 154 ? 2.182   -2.000  -5.382  1.00 46.60  ? 154 LYS A C   1 
ATOM   1005 O  O   . LYS A 1 154 ? 1.835   -1.005  -4.743  1.00 51.28  ? 154 LYS A O   1 
ATOM   1006 C  CB  . LYS A 1 154 ? 0.319   -3.515  -5.726  1.00 33.85  ? 154 LYS A CB  1 
ATOM   1007 C  CG  . LYS A 1 154 ? -0.847  -3.304  -4.815  1.00 72.12  ? 154 LYS A CG  1 
ATOM   1008 C  CD  . LYS A 1 154 ? -2.079  -4.049  -5.318  1.00 91.20  ? 154 LYS A CD  1 
ATOM   1009 C  CE  . LYS A 1 154 ? -3.253  -3.911  -4.331  1.00 100.00 ? 154 LYS A CE  1 
ATOM   1010 N  NZ  . LYS A 1 154 ? -4.622  -4.086  -4.966  1.00 100.00 ? 154 LYS A NZ  1 
ATOM   1011 N  N   . ILE A 1 155 ? 3.032   -1.971  -6.382  1.00 43.88  ? 155 ILE A N   1 
ATOM   1012 C  CA  . ILE A 1 155 ? 3.626   -0.739  -6.839  1.00 43.43  ? 155 ILE A CA  1 
ATOM   1013 C  C   . ILE A 1 155 ? 3.339   -0.774  -8.328  1.00 56.34  ? 155 ILE A C   1 
ATOM   1014 O  O   . ILE A 1 155 ? 3.231   -1.861  -8.907  1.00 63.05  ? 155 ILE A O   1 
ATOM   1015 C  CB  . ILE A 1 155 ? 5.136   -0.790  -6.643  1.00 43.82  ? 155 ILE A CB  1 
ATOM   1016 C  CG1 . ILE A 1 155 ? 5.712   0.601   -6.376  1.00 45.59  ? 155 ILE A CG1 1 
ATOM   1017 C  CG2 . ILE A 1 155 ? 5.777   -1.465  -7.826  1.00 45.28  ? 155 ILE A CG2 1 
ATOM   1018 C  CD1 . ILE A 1 155 ? 5.352   1.648   -7.408  1.00 77.88  ? 155 ILE A CD1 1 
ATOM   1019 N  N   . ARG A 1 156 ? 3.198   0.384   -8.958  1.00 47.29  ? 156 ARG A N   1 
ATOM   1020 C  CA  . ARG A 1 156 ? 2.932   0.378   -10.386 1.00 45.81  ? 156 ARG A CA  1 
ATOM   1021 C  C   . ARG A 1 156 ? 4.212   0.518   -11.195 1.00 50.04  ? 156 ARG A C   1 
ATOM   1022 O  O   . ARG A 1 156 ? 5.029   1.386   -10.916 1.00 54.93  ? 156 ARG A O   1 
ATOM   1023 C  CB  . ARG A 1 156 ? 1.918   1.432   -10.783 1.00 37.02  ? 156 ARG A CB  1 
ATOM   1024 C  CG  . ARG A 1 156 ? 1.161   1.036   -12.015 1.00 31.80  ? 156 ARG A CG  1 
ATOM   1025 C  CD  . ARG A 1 156 ? 0.633   2.239   -12.736 1.00 38.07  ? 156 ARG A CD  1 
ATOM   1026 N  NE  . ARG A 1 156 ? 0.337   1.920   -14.124 1.00 66.23  ? 156 ARG A NE  1 
ATOM   1027 C  CZ  . ARG A 1 156 ? -0.212  2.774   -14.980 1.00 76.42  ? 156 ARG A CZ  1 
ATOM   1028 N  NH1 . ARG A 1 156 ? -0.512  3.993   -14.583 1.00 40.03  ? 156 ARG A NH1 1 
ATOM   1029 N  NH2 . ARG A 1 156 ? -0.455  2.410   -16.232 1.00 100.00 ? 156 ARG A NH2 1 
ATOM   1030 N  N   . ILE A 1 157 ? 4.392   -0.347  -12.188 1.00 39.49  ? 157 ILE A N   1 
ATOM   1031 C  CA  . ILE A 1 157 ? 5.585   -0.308  -13.020 1.00 34.88  ? 157 ILE A CA  1 
ATOM   1032 C  C   . ILE A 1 157 ? 5.181   -0.293  -14.465 1.00 36.26  ? 157 ILE A C   1 
ATOM   1033 O  O   . ILE A 1 157 ? 3.991   -0.323  -14.795 1.00 34.40  ? 157 ILE A O   1 
ATOM   1034 C  CB  . ILE A 1 157 ? 6.481   -1.563  -12.810 1.00 35.46  ? 157 ILE A CB  1 
ATOM   1035 C  CG1 . ILE A 1 157 ? 5.877   -2.768  -13.523 1.00 35.23  ? 157 ILE A CG1 1 
ATOM   1036 C  CG2 . ILE A 1 157 ? 6.636   -1.886  -11.339 1.00 28.62  ? 157 ILE A CG2 1 
ATOM   1037 C  CD1 . ILE A 1 157 ? 6.891   -3.839  -13.932 1.00 27.32  ? 157 ILE A CD1 1 
ATOM   1038 N  N   . LEU A 1 158 ? 6.194   -0.265  -15.321 1.00 32.86  ? 158 LEU A N   1 
ATOM   1039 C  CA  . LEU A 1 158 ? 6.013   -0.258  -16.770 1.00 40.60  ? 158 LEU A CA  1 
ATOM   1040 C  C   . LEU A 1 158 ? 6.247   -1.670  -17.252 1.00 38.76  ? 158 LEU A C   1 
ATOM   1041 O  O   . LEU A 1 158 ? 7.294   -2.244  -16.940 1.00 52.81  ? 158 LEU A O   1 
ATOM   1042 C  CB  . LEU A 1 158 ? 7.085   0.611   -17.419 1.00 41.48  ? 158 LEU A CB  1 
ATOM   1043 C  CG  . LEU A 1 158 ? 7.204   2.064   -16.980 1.00 43.39  ? 158 LEU A CG  1 
ATOM   1044 C  CD1 . LEU A 1 158 ? 7.153   2.977   -18.185 1.00 34.05  ? 158 LEU A CD1 1 
ATOM   1045 C  CD2 . LEU A 1 158 ? 6.066   2.382   -16.026 1.00 58.65  ? 158 LEU A CD2 1 
HETATM 1046 MN MN  . MN  B 2 .   ? -2.778  14.512  -0.617  0.50 36.25  ? 160 MN  A MN  1 
HETATM 1047 S  S   . SO4 C 3 .   ? 7.544   -7.650  -16.528 0.50 100.00 ? 161 SO4 A S   1 
HETATM 1048 O  O1  . SO4 C 3 .   ? 8.914   -7.365  -16.580 0.50 100.00 ? 161 SO4 A O1  1 
HETATM 1049 O  O2  . SO4 C 3 .   ? 7.287   -8.531  -15.466 0.50 100.00 ? 161 SO4 A O2  1 
HETATM 1050 O  O3  . SO4 C 3 .   ? 6.829   -6.459  -16.338 0.50 100.00 ? 161 SO4 A O3  1 
HETATM 1051 O  O4  . SO4 C 3 .   ? 7.141   -8.247  -17.730 0.50 100.00 ? 161 SO4 A O4  1 
HETATM 1052 P  P   . P4P D 4 .   ? -5.838  2.588   10.105  1.00 87.72  ? 162 P4P A P   1 
HETATM 1053 C  C1A . P4P D 4 .   ? -5.744  1.463   11.463  1.00 100.00 ? 162 P4P A C1A 1 
HETATM 1054 C  C2A . P4P D 4 .   ? -6.010  1.833   12.783  1.00 100.00 ? 162 P4P A C2A 1 
HETATM 1055 C  C3A . P4P D 4 .   ? -5.915  0.893   13.812  1.00 100.00 ? 162 P4P A C3A 1 
HETATM 1056 C  C4A . P4P D 4 .   ? -5.557  -0.426  13.525  1.00 81.73  ? 162 P4P A C4A 1 
HETATM 1057 C  C5A . P4P D 4 .   ? -5.290  -0.806  12.211  1.00 100.00 ? 162 P4P A C5A 1 
HETATM 1058 C  C6A . P4P D 4 .   ? -5.385  0.132   11.182  1.00 100.00 ? 162 P4P A C6A 1 
HETATM 1059 C  C1C . P4P D 4 .   ? -7.454  2.533   9.372   1.00 55.20  ? 162 P4P A C1C 1 
HETATM 1060 C  C6C . P4P D 4 .   ? -8.033  1.279   9.141   1.00 100.00 ? 162 P4P A C6C 1 
HETATM 1061 C  C5C . P4P D 4 .   ? -9.306  1.175   8.559   1.00 100.00 ? 162 P4P A C5C 1 
HETATM 1062 C  C4C . P4P D 4 .   ? -9.997  2.323   8.199   1.00 35.86  ? 162 P4P A C4C 1 
HETATM 1063 C  C3C . P4P D 4 .   ? -9.428  3.577   8.418   1.00 100.00 ? 162 P4P A C3C 1 
HETATM 1064 C  C2C . P4P D 4 .   ? -8.157  3.678   9.003   1.00 100.00 ? 162 P4P A C2C 1 
HETATM 1065 C  C1D . P4P D 4 .   ? -4.553  2.091   8.914   1.00 85.69  ? 162 P4P A C1D 1 
HETATM 1066 C  C6D . P4P D 4 .   ? -3.313  1.701   9.438   1.00 100.00 ? 162 P4P A C6D 1 
HETATM 1067 C  C5D . P4P D 4 .   ? -2.277  1.304   8.591   1.00 100.00 ? 162 P4P A C5D 1 
HETATM 1068 C  C4D . P4P D 4 .   ? -2.470  1.304   7.211   1.00 100.00 ? 162 P4P A C4D 1 
HETATM 1069 C  C3D . P4P D 4 .   ? -3.694  1.701   6.670   1.00 90.91  ? 162 P4P A C3D 1 
HETATM 1070 C  C2D . P4P D 4 .   ? -4.733  2.097   7.524   1.00 64.79  ? 162 P4P A C2D 1 
HETATM 1071 C  C6B . P4P D 4 .   ? -4.355  4.851   10.091  1.00 100.00 ? 162 P4P A C6B 1 
HETATM 1072 C  C5B . P4P D 4 .   ? -4.041  6.177   10.387  1.00 71.29  ? 162 P4P A C5B 1 
HETATM 1073 C  C4B . P4P D 4 .   ? -4.922  6.938   11.144  1.00 61.83  ? 162 P4P A C4B 1 
HETATM 1074 C  C3B . P4P D 4 .   ? -6.120  6.374   11.610  1.00 100.00 ? 162 P4P A C3B 1 
HETATM 1075 C  C2B . P4P D 4 .   ? -6.432  5.035   11.309  1.00 67.56  ? 162 P4P A C2B 1 
HETATM 1076 C  C1B . P4P D 4 .   ? -5.549  4.268   10.550  1.00 26.69  ? 162 P4P A C1B 1 
HETATM 1077 O  O   . HOH E 5 .   ? 14.451  -5.284  -17.270 1.00 39.78  ? 163 HOH A O   1 
HETATM 1078 O  O   . HOH E 5 .   ? -0.625  -2.399  8.826   1.00 29.20  ? 164 HOH A O   1 
HETATM 1079 O  O   . HOH E 5 .   ? -5.187  7.619   -10.567 0.50 41.16  ? 165 HOH A O   1 
HETATM 1080 O  O   . HOH E 5 .   ? 20.855  -4.551  -11.045 1.00 92.77  ? 166 HOH A O   1 
HETATM 1081 O  O   . HOH E 5 .   ? 13.922  4.596   -16.846 1.00 75.11  ? 167 HOH A O   1 
HETATM 1082 O  O   . HOH E 5 .   ? 5.387   -12.939 -12.901 1.00 56.50  ? 168 HOH A O   1 
HETATM 1083 O  O   . HOH E 5 .   ? 15.465  -11.431 -8.324  1.00 80.22  ? 169 HOH A O   1 
HETATM 1084 O  O   . HOH E 5 .   ? -4.026  6.428   -6.449  1.00 40.82  ? 170 HOH A O   1 
HETATM 1085 O  O   . HOH E 5 .   ? -9.576  12.941  -8.139  1.00 52.24  ? 171 HOH A O   1 
HETATM 1086 O  O   . HOH E 5 .   ? -14.037 -11.928 9.063   1.00 75.89  ? 172 HOH A O   1 
HETATM 1087 O  O   . HOH E 5 .   ? 0.655   5.562   -12.224 1.00 72.60  ? 173 HOH A O   1 
# 
